data_6FHH
#
_entry.id   6FHH
#
_cell.length_a   267.770
_cell.length_b   147.810
_cell.length_c   88.410
_cell.angle_alpha   90.00
_cell.angle_beta   97.08
_cell.angle_gamma   90.00
#
_symmetry.space_group_name_H-M   'C 1 2 1'
#
loop_
_entity.id
_entity.type
_entity.pdbx_description
1 polymer 'Polymerase acidic protein'
2 polymer 'RNA-directed RNA polymerase catalytic subunit'
3 polymer 'Polymerase basic protein 2'
4 polymer "RNA (5'-R(*UP*AP*UP*AP*CP*CP*UP*CP*UP*GP*CP*UP*U)-3')"
5 polymer "RNA (5'-R(P*AP*GP*UP*AP*GP*UP*AP*AP*CP*AP*AP*GP*AP*GP*GP*G)-3')"
6 polymer TYR-SER-PRO-THR-TPS-PRO-SER
7 non-polymer 'PHOSPHATE ION'
8 non-polymer 'ZINC ION'
9 water water
#
loop_
_entity_poly.entity_id
_entity_poly.type
_entity_poly.pdbx_seq_one_letter_code
_entity_poly.pdbx_strand_id
1 'polypeptide(L)'
;GSHHHHHHHHGSGSMENFVRTNFNPMILERAEKTMKEYGENPQNEGNKFAAISTHMEVCFMYSDFHFIDLEGNTIVKEND
DDNAMLKHRFEIIEGQERNIAWTIVNSICNMTENSKPRFLPDLYDYKTNKFIEIGVTRRKVEDYYYEKASKLKGENVYIH
IFSFDGEEMATDDEYILDEESRARIKTRLFVLRQELATAGLWDSFRQSEKGEETLEEEFSYPPTFQRLANQSLPPSFKDY
HQFKAYVSSFKANGNIEAKLGAMSEKVNAQIESFDPRTIRELELPEGKFCTQRSKFLLMDAMKLSVLNPAHEGEGIPMKD
AKACLDTFWGWKKATIIKKHEKGVNTNYLMIWEQLLESIKEMEGKFLNLKKTNHLKWGLGEGQAPEKMDFEDCKEVPDLF
QYKSEPPEKRKLASWIQSEFNKASELTNSNWIEFDELGNDVAPIEHIASRRRNFFTAEVSQCRASEYIMKAVYINTALLN
SSCTAMEEYQVIPIITKCRDTSGQRRTNLYGFIIKGRSHLRNDTDVVNFISLEFSLTDPRNEIHKWEKYCVLEIGDMEIR
TSISTIMKPVYLYVRTNGTSKIKMKWGMEMRRCLLQSLQQVESMIEAESAVKEKDMTEPFFRNRENDWPIGESPQGIEKG
TIGKVCRVLLAKSVFNSIYASAQLEGFSAESRKLLLLIQAFRDNLDPGTFDLKGLYEAIEECIINDPWVLLNASWFNSFL
KAVQLSMGSGSGENLYFQ
;
A
2 'polypeptide(L)'
;GSGSGSGSGMDVNPMLIFLKVPVQNAISTTFPYTGDPPYSHGTGTGYTMDTVIRTHDYSSRGIWKTNSETGAQQLNPIDG
PLPEDNEPSGYAQTDCVLELIEGLDRSHPGLFETACQETIDAIQQTRVDKLTQGRQTYDWTLNRNQPAATALANTIEVFR
KNGYKLNESGRLIDFLKDVLLSFENDSMEVTTHFQKKKRIRDNHSKKMITQRTIGKKRVKLTKKNYLIRALTLNTMTKDA
ERGKLKRRAIATPGMQIRGFVYFVELLARNICERLEQSGLPVGGNEKKAKLANVIKKMMAKSTDEELSYTITGDNTKWNE
NQNPRIFLAMVLRITAGQPEWFRDLLAVAPIMFSNKVARLGRGYMFESKSMHLRTQISAENLSDINLRYFNEDTKKKIEK
IRHLMVEGTASLSPGMMMGMFNMLSTVLGVSVLNLGQREILKRTYWWDGLQSSDDFALIINGHFKEDIQQGVNHFYRTCK
LVGINMSQKKSYINKTGTFEFTSFFYRYGFVANFSMELPSFGVAGNNESADMSIGTTVIKTNMINNDLGPATAQMAIQLF
IKDYRYTYRCHRGDTNLETRRTKSIKRLWTETISKAGLLVADGGPNPYNLRNLHIPEVCLKWSLMDPDYRGRLCNPNNPF
VHHMEVESTNLAVVMPAHGPAKSLEYDAVATTHSWTPKRNRSILNTNQRGILEDERIYQKCCQVFEKFFPSSTYRRPIGM
ASMLDAMLSRARIDARIDLESGRISSQDFSEITNTCKAIEALKRQGSGSGENLYFQ
;
B
3 'polypeptide(L)'
;GSGSGSGSGMERIKELMEMVKNSRMREILTTTSVDHMAVIKKYTSGRQEKNPALRMKWMMAMKYPISASSRIREMIPEKD
EDGNTLWTNTKDAGSNRVLVSPNAVTWWNRAGPVSDVVHYPRVYKMYFDRLERLTHGTFGPVKFYNQVKVRKRVDINPGH
KDLTSREAQEVIMEVVFPNEVGARTLSSDAQLTITKEKKEELKNCKISPIMVAYMLERELVRRTRFLPIAGATSSTYVEV
LHLTQGTCWEQQYTPGGEAENDDLDQTLIIASRNIVRRSIVAIDPLASLLSMCHTTSISSEPLVEILRSNPTDEQAVNIC
KAALGIRINNSFSFGGYNFKRVKGSSQRTEKAVLTGNLQTLTMTIFEGYEEFNVSGKRASAVLKKGAQRLIQAIIGGRTL
EDILNLMITLMVFSQEEKMLKAVRGDLNFVNRANQRLNPMYQLLRHFQKDSSTLLKNWGTEEIDPIMGIAGIMPDGTINK
TQTLMGVRLSQGGVDEYSFNERIRVNIDKYLRVRNEKGELLISPEEVSEAQGQEKLPINYNSSLMWEVNGPESILTNTYH
WIIKNWELLKTQWMTDPTVLYNRIEFEPFQTLIPKGNRAIYSGFTRTLFQQMRDVEGTFDSIQIIKLLPFSAHPPSLGRT
QFSSFTLNIRGAPLRLLIRGNSQVFNYNQMENVIIVLGKSVGSPERSILTESSSIESAVLRGFLILGKANSKYGPVLTIG
ELDKLGRGEKANVLIGQGDTVLVMKRKRDSSILTDSQTALKRIRLEESKGWSHPQFEKGGGSGGGSGGSAWSHPQFEKGR
SGGENLYFQ
;
C
4 'polyribonucleotide' UAUACCUCUGCUUCUGCU R
5 'polyribonucleotide' AGUAGUAACAAGAGGG V
6 'polypeptide(L)' YSPT(2RX)PSYSPT(2RX)PSYSPT(2RX)PSY X,Y
#
loop_
_chem_comp.id
_chem_comp.type
_chem_comp.name
_chem_comp.formula
A RNA linking ADENOSINE-5'-MONOPHOSPHATE 'C10 H14 N5 O7 P'
C RNA linking CYTIDINE-5'-MONOPHOSPHATE 'C9 H14 N3 O8 P'
G RNA linking GUANOSINE-5'-MONOPHOSPHATE 'C10 H14 N5 O8 P'
PO4 non-polymer 'PHOSPHATE ION' 'O4 P -3'
U RNA linking URIDINE-5'-MONOPHOSPHATE 'C9 H13 N2 O9 P'
ZN non-polymer 'ZINC ION' 'Zn 2'
#
# COMPACT_ATOMS: atom_id res chain seq x y z
N MET A 15 0.46 -55.06 22.25
CA MET A 15 1.28 -54.84 23.49
C MET A 15 2.19 -53.63 23.33
N GLU A 16 2.31 -52.84 24.40
CA GLU A 16 3.11 -51.60 24.39
C GLU A 16 4.62 -51.89 24.39
N ASN A 17 5.04 -52.93 25.12
CA ASN A 17 6.44 -53.38 25.15
C ASN A 17 6.70 -54.58 24.22
N PHE A 18 6.14 -54.53 23.01
CA PHE A 18 6.38 -55.56 21.98
C PHE A 18 7.64 -55.21 21.18
N VAL A 19 7.82 -53.93 20.88
CA VAL A 19 9.00 -53.43 20.15
C VAL A 19 10.20 -53.23 21.10
N ARG A 20 9.94 -53.11 22.41
CA ARG A 20 10.96 -52.70 23.39
C ARG A 20 11.79 -53.87 23.92
N THR A 21 11.15 -55.01 24.16
CA THR A 21 11.84 -56.23 24.61
C THR A 21 12.56 -56.95 23.46
N ASN A 22 11.92 -57.01 22.29
CA ASN A 22 12.44 -57.78 21.15
C ASN A 22 13.60 -57.10 20.42
N PHE A 23 13.36 -55.89 19.90
CA PHE A 23 14.29 -55.23 18.97
C PHE A 23 15.48 -54.58 19.69
N ASN A 24 16.52 -54.28 18.91
CA ASN A 24 17.74 -53.62 19.41
C ASN A 24 17.49 -52.14 19.74
N PRO A 25 18.40 -51.51 20.54
CA PRO A 25 18.15 -50.10 20.96
C PRO A 25 18.12 -49.04 19.85
N MET A 26 18.80 -49.29 18.73
CA MET A 26 18.83 -48.34 17.60
C MET A 26 17.47 -48.18 16.90
N ILE A 27 16.71 -49.27 16.77
CA ILE A 27 15.40 -49.26 16.11
C ILE A 27 14.31 -48.56 16.96
N LEU A 28 14.45 -48.60 18.28
CA LEU A 28 13.49 -47.95 19.20
C LEU A 28 13.43 -46.43 19.06
N GLU A 29 14.59 -45.80 18.86
CA GLU A 29 14.66 -44.34 18.66
C GLU A 29 14.07 -43.96 17.30
N ARG A 30 14.35 -44.79 16.28
CA ARG A 30 13.71 -44.66 14.96
C ARG A 30 12.19 -44.82 15.03
N ALA A 31 11.72 -45.78 15.82
CA ALA A 31 10.29 -46.04 16.01
C ALA A 31 9.55 -44.90 16.74
N GLU A 32 10.27 -44.16 17.58
CA GLU A 32 9.70 -43.00 18.29
C GLU A 32 9.39 -41.80 17.38
N LYS A 33 10.13 -41.67 16.28
CA LYS A 33 10.23 -40.41 15.51
C LYS A 33 8.91 -39.86 14.93
N THR A 34 8.52 -40.30 13.73
CA THR A 34 7.50 -39.58 12.95
C THR A 34 6.04 -39.90 13.32
N MET A 35 5.81 -40.79 14.29
CA MET A 35 4.46 -41.10 14.78
C MET A 35 3.81 -39.88 15.46
N LYS A 36 4.62 -39.06 16.14
CA LYS A 36 4.15 -37.83 16.75
C LYS A 36 3.82 -36.78 15.68
N GLU A 37 2.54 -36.71 15.31
CA GLU A 37 2.07 -35.76 14.28
C GLU A 37 0.54 -35.54 14.26
N TYR A 38 -0.24 -36.63 14.27
CA TYR A 38 -1.70 -36.57 14.19
C TYR A 38 -2.33 -36.40 15.58
N GLY A 39 -2.26 -37.44 16.40
CA GLY A 39 -2.96 -37.47 17.68
C GLY A 39 -2.60 -38.63 18.59
N GLU A 40 -2.66 -39.86 18.07
CA GLU A 40 -2.41 -41.06 18.88
C GLU A 40 -0.98 -41.17 19.42
N ASN A 41 -0.81 -42.05 20.41
CA ASN A 41 0.46 -42.24 21.14
C ASN A 41 0.70 -43.74 21.39
N PRO A 42 1.87 -44.11 21.95
CA PRO A 42 2.14 -45.53 22.31
C PRO A 42 1.20 -46.22 23.34
N GLN A 43 0.29 -45.49 23.97
CA GLN A 43 -0.65 -46.06 24.95
C GLN A 43 -2.00 -46.49 24.31
N ASN A 44 -2.47 -45.76 23.29
CA ASN A 44 -3.78 -46.00 22.67
C ASN A 44 -3.89 -47.32 21.90
N GLU A 45 -3.33 -47.36 20.69
CA GLU A 45 -3.63 -48.40 19.70
C GLU A 45 -2.53 -49.44 19.54
N GLY A 46 -2.94 -50.67 19.22
CA GLY A 46 -2.03 -51.73 18.78
C GLY A 46 -2.35 -52.15 17.35
N ASN A 47 -2.49 -51.15 16.47
CA ASN A 47 -2.84 -51.34 15.06
C ASN A 47 -1.66 -50.96 14.14
N LYS A 48 -1.22 -49.71 14.24
CA LYS A 48 -0.07 -49.19 13.46
C LYS A 48 0.94 -48.50 14.39
N PHE A 49 1.32 -49.21 15.46
CA PHE A 49 2.33 -48.75 16.43
C PHE A 49 3.62 -49.52 16.19
N ALA A 50 3.56 -50.84 16.41
CA ALA A 50 4.71 -51.73 16.20
C ALA A 50 4.93 -52.08 14.72
N ALA A 51 3.86 -52.02 13.93
CA ALA A 51 3.94 -52.28 12.47
C ALA A 51 4.93 -51.38 11.73
N ILE A 52 5.09 -50.15 12.20
CA ILE A 52 6.05 -49.20 11.64
C ILE A 52 7.50 -49.60 11.98
N SER A 53 7.70 -50.23 13.13
CA SER A 53 9.05 -50.64 13.61
C SER A 53 9.75 -51.68 12.74
N THR A 54 9.01 -52.71 12.32
CA THR A 54 9.53 -53.75 11.43
C THR A 54 9.68 -53.25 9.98
N HIS A 55 8.97 -52.18 9.64
CA HIS A 55 9.13 -51.49 8.34
C HIS A 55 10.57 -50.96 8.15
N MET A 56 11.25 -50.64 9.27
CA MET A 56 12.68 -50.30 9.26
C MET A 56 13.61 -51.52 9.42
N GLU A 57 13.19 -52.53 10.18
CA GLU A 57 13.97 -53.76 10.37
C GLU A 57 14.19 -54.55 9.06
N VAL A 58 13.15 -54.62 8.24
CA VAL A 58 13.22 -55.29 6.93
C VAL A 58 14.21 -54.55 6.01
N CYS A 59 14.24 -53.22 6.09
CA CYS A 59 15.15 -52.38 5.29
C CYS A 59 16.63 -52.63 5.59
N PHE A 60 16.97 -52.85 6.87
CA PHE A 60 18.36 -53.18 7.26
C PHE A 60 18.79 -54.55 6.74
N MET A 61 17.91 -55.55 6.85
CA MET A 61 18.17 -56.88 6.29
C MET A 61 18.30 -56.86 4.76
N TYR A 62 17.54 -55.98 4.11
CA TYR A 62 17.60 -55.80 2.65
C TYR A 62 18.93 -55.14 2.23
N SER A 63 19.39 -54.16 3.00
CA SER A 63 20.60 -53.38 2.69
C SER A 63 21.90 -54.05 3.14
N ASP A 64 21.91 -54.63 4.34
CA ASP A 64 23.12 -55.25 4.90
C ASP A 64 23.52 -56.54 4.18
N PHE A 65 24.82 -56.77 4.10
CA PHE A 65 25.43 -57.94 3.42
C PHE A 65 25.14 -58.01 1.91
N HIS A 66 24.91 -56.86 1.26
CA HIS A 66 24.64 -56.79 -0.18
C HIS A 66 25.25 -55.51 -0.77
N PHE A 67 26.19 -55.68 -1.68
CA PHE A 67 26.99 -54.55 -2.22
C PHE A 67 27.25 -54.73 -3.72
N ILE A 68 27.86 -53.72 -4.35
CA ILE A 68 28.10 -53.70 -5.80
C ILE A 68 29.60 -53.55 -6.12
N ASP A 69 30.04 -54.18 -7.22
CA ASP A 69 31.45 -54.17 -7.66
C ASP A 69 31.78 -52.96 -8.55
N LEU A 70 33.07 -52.80 -8.85
CA LEU A 70 33.58 -51.67 -9.67
C LEU A 70 32.92 -51.56 -11.04
N GLU A 71 32.71 -52.70 -11.71
CA GLU A 71 32.10 -52.74 -13.04
C GLU A 71 30.60 -52.51 -12.98
N GLY A 72 29.90 -53.32 -12.17
CA GLY A 72 28.45 -53.22 -11.99
C GLY A 72 27.81 -54.59 -11.84
N ASN A 73 28.22 -55.30 -10.78
CA ASN A 73 27.77 -56.67 -10.50
C ASN A 73 27.53 -56.84 -9.00
N THR A 74 26.61 -57.74 -8.65
CA THR A 74 26.22 -57.97 -7.23
C THR A 74 27.29 -58.76 -6.48
N ILE A 75 27.56 -58.34 -5.23
CA ILE A 75 28.49 -59.04 -4.34
C ILE A 75 27.90 -59.12 -2.92
N VAL A 76 27.80 -60.34 -2.40
CA VAL A 76 27.17 -60.63 -1.10
C VAL A 76 28.26 -61.00 -0.08
N LYS A 77 28.92 -59.98 0.47
CA LYS A 77 30.09 -60.19 1.37
C LYS A 77 29.68 -60.40 2.84
N GLU A 78 30.68 -60.54 3.71
CA GLU A 78 30.48 -60.80 5.14
C GLU A 78 30.91 -59.67 6.11
N ASN A 79 31.75 -58.73 5.65
CA ASN A 79 32.29 -57.66 6.52
C ASN A 79 31.24 -56.61 6.88
N ASP A 80 30.66 -55.99 5.85
CA ASP A 80 29.63 -54.94 5.96
C ASP A 80 30.18 -53.61 6.54
N ASP A 81 31.13 -53.03 5.81
CA ASP A 81 31.56 -51.63 6.03
C ASP A 81 32.20 -50.98 4.79
N ASP A 82 31.68 -51.32 3.60
CA ASP A 82 32.13 -50.78 2.30
C ASP A 82 33.64 -50.84 2.04
N ASN A 83 34.40 -49.90 2.64
CA ASN A 83 35.85 -49.74 2.43
C ASN A 83 36.27 -49.55 0.97
N ALA A 84 36.15 -48.30 0.49
CA ALA A 84 36.65 -47.85 -0.81
C ALA A 84 36.04 -48.52 -2.05
N MET A 85 36.44 -49.76 -2.33
CA MET A 85 36.19 -50.41 -3.63
C MET A 85 34.77 -50.96 -3.87
N LEU A 86 33.99 -51.12 -2.81
CA LEU A 86 32.62 -51.67 -2.90
C LEU A 86 31.60 -50.77 -2.19
N LYS A 87 30.39 -50.72 -2.74
CA LYS A 87 29.38 -49.71 -2.38
C LYS A 87 28.06 -50.34 -1.96
N HIS A 88 27.29 -49.62 -1.13
CA HIS A 88 25.95 -50.09 -0.68
C HIS A 88 24.99 -50.30 -1.85
N ARG A 89 24.14 -51.32 -1.72
CA ARG A 89 23.18 -51.69 -2.78
C ARG A 89 21.78 -51.09 -2.57
N PHE A 90 21.46 -50.69 -1.34
CA PHE A 90 20.16 -50.08 -1.01
C PHE A 90 20.31 -48.85 -0.11
N GLU A 91 19.30 -47.97 -0.18
CA GLU A 91 19.24 -46.76 0.66
C GLU A 91 17.92 -46.74 1.43
N ILE A 92 17.99 -46.29 2.68
CA ILE A 92 16.86 -46.34 3.62
C ILE A 92 16.03 -45.05 3.51
N ILE A 93 14.91 -45.13 2.78
CA ILE A 93 14.00 -43.98 2.63
C ILE A 93 13.03 -43.90 3.81
N GLU A 94 12.48 -45.05 4.21
CA GLU A 94 11.60 -45.14 5.38
C GLU A 94 12.37 -44.80 6.66
N GLY A 95 11.71 -44.09 7.57
CA GLY A 95 12.35 -43.65 8.82
C GLY A 95 13.23 -42.43 8.62
N GLN A 96 12.68 -41.43 7.94
CA GLN A 96 13.36 -40.16 7.66
C GLN A 96 12.33 -39.03 7.76
N GLU A 97 12.77 -37.79 7.58
CA GLU A 97 11.86 -36.65 7.46
C GLU A 97 11.29 -36.63 6.05
N ARG A 98 10.09 -36.06 5.89
CA ARG A 98 9.42 -35.99 4.57
C ARG A 98 10.21 -35.16 3.54
N ASN A 99 10.78 -34.05 3.96
CA ASN A 99 11.61 -33.22 3.07
C ASN A 99 12.92 -33.93 2.65
N ILE A 100 13.48 -34.74 3.54
CA ILE A 100 14.69 -35.53 3.25
C ILE A 100 14.34 -36.75 2.40
N ALA A 101 13.17 -37.33 2.65
CA ALA A 101 12.68 -38.53 1.91
C ALA A 101 12.65 -38.34 0.40
N TRP A 102 12.11 -37.21 -0.05
CA TRP A 102 12.03 -36.92 -1.49
C TRP A 102 13.37 -36.47 -2.10
N THR A 103 14.23 -35.84 -1.29
CA THR A 103 15.60 -35.50 -1.73
C THR A 103 16.42 -36.75 -2.05
N ILE A 104 16.14 -37.86 -1.35
CA ILE A 104 16.73 -39.16 -1.64
C ILE A 104 16.25 -39.67 -3.01
N VAL A 105 14.94 -39.63 -3.21
CA VAL A 105 14.30 -40.12 -4.45
C VAL A 105 14.75 -39.30 -5.66
N ASN A 106 14.69 -37.98 -5.54
CA ASN A 106 14.95 -37.07 -6.66
C ASN A 106 16.43 -37.04 -7.07
N SER A 107 17.34 -37.13 -6.09
CA SER A 107 18.78 -37.17 -6.38
C SER A 107 19.17 -38.38 -7.24
N ILE A 108 18.48 -39.50 -7.00
CA ILE A 108 18.65 -40.72 -7.78
C ILE A 108 18.13 -40.54 -9.21
N CYS A 109 16.87 -40.09 -9.33
CA CYS A 109 16.22 -39.92 -10.63
C CYS A 109 16.83 -38.84 -11.53
N ASN A 110 17.62 -37.92 -10.96
CA ASN A 110 18.36 -36.92 -11.77
C ASN A 110 19.44 -37.56 -12.63
N MET A 111 20.32 -38.34 -11.99
CA MET A 111 21.46 -38.97 -12.67
C MET A 111 21.14 -40.29 -13.39
N THR A 112 19.91 -40.79 -13.24
CA THR A 112 19.39 -41.87 -14.07
C THR A 112 17.94 -41.56 -14.43
N GLU A 113 17.68 -41.27 -15.71
CA GLU A 113 16.35 -40.84 -16.17
C GLU A 113 15.30 -41.93 -15.98
N ASN A 114 14.70 -41.95 -14.79
CA ASN A 114 13.71 -42.96 -14.37
C ASN A 114 12.38 -42.28 -14.01
N SER A 115 11.39 -43.10 -13.66
CA SER A 115 10.10 -42.61 -13.19
C SER A 115 10.19 -42.01 -11.80
N LYS A 116 9.46 -40.91 -11.59
CA LYS A 116 9.28 -40.31 -10.25
C LYS A 116 7.92 -40.79 -9.71
N PRO A 117 7.93 -41.58 -8.61
CA PRO A 117 6.64 -42.09 -8.08
C PRO A 117 5.79 -41.02 -7.39
N ARG A 118 4.48 -41.24 -7.37
CA ARG A 118 3.52 -40.29 -6.78
C ARG A 118 3.60 -40.33 -5.25
N PHE A 119 3.38 -41.51 -4.68
CA PHE A 119 3.44 -41.72 -3.24
C PHE A 119 4.85 -42.17 -2.82
N LEU A 120 5.11 -42.16 -1.51
CA LEU A 120 6.44 -42.46 -0.96
C LEU A 120 6.84 -43.93 -1.13
N PRO A 121 8.06 -44.19 -1.68
CA PRO A 121 8.66 -45.53 -1.61
C PRO A 121 9.53 -45.70 -0.36
N ASP A 122 9.94 -46.93 -0.10
CA ASP A 122 10.71 -47.29 1.11
C ASP A 122 12.19 -47.64 0.87
N LEU A 123 12.53 -48.18 -0.30
CA LEU A 123 13.91 -48.51 -0.67
C LEU A 123 14.15 -48.31 -2.17
N TYR A 124 15.40 -48.42 -2.59
CA TYR A 124 15.79 -48.36 -4.00
C TYR A 124 17.01 -49.25 -4.25
N ASP A 125 16.89 -50.17 -5.21
CA ASP A 125 18.02 -51.02 -5.62
C ASP A 125 18.88 -50.25 -6.62
N TYR A 126 20.20 -50.20 -6.38
CA TYR A 126 21.12 -49.40 -7.19
C TYR A 126 21.59 -50.12 -8.46
N LYS A 127 21.71 -51.46 -8.40
CA LYS A 127 22.09 -52.25 -9.58
C LYS A 127 20.96 -52.32 -10.60
N THR A 128 19.81 -52.87 -10.19
CA THR A 128 18.67 -53.09 -11.10
C THR A 128 17.80 -51.84 -11.37
N ASN A 129 17.97 -50.79 -10.57
CA ASN A 129 17.20 -49.54 -10.67
C ASN A 129 15.70 -49.76 -10.44
N LYS A 130 15.37 -50.22 -9.22
CA LYS A 130 14.00 -50.56 -8.83
C LYS A 130 13.63 -49.97 -7.48
N PHE A 131 12.63 -49.08 -7.45
CA PHE A 131 12.05 -48.58 -6.19
C PHE A 131 11.17 -49.66 -5.56
N ILE A 132 11.27 -49.81 -4.24
CA ILE A 132 10.62 -50.93 -3.52
C ILE A 132 9.69 -50.41 -2.42
N GLU A 133 8.38 -50.59 -2.63
CA GLU A 133 7.34 -50.29 -1.63
C GLU A 133 7.06 -51.54 -0.80
N ILE A 134 7.50 -51.53 0.47
CA ILE A 134 7.30 -52.66 1.38
C ILE A 134 5.90 -52.60 1.99
N GLY A 135 5.23 -53.75 2.08
CA GLY A 135 3.87 -53.83 2.64
C GLY A 135 3.46 -55.24 2.99
N VAL A 136 4.10 -55.81 4.01
CA VAL A 136 3.82 -57.17 4.49
C VAL A 136 2.75 -57.12 5.59
N THR A 137 1.84 -58.11 5.57
CA THR A 137 0.72 -58.17 6.51
C THR A 137 0.11 -59.58 6.56
N ARG A 138 -0.93 -59.76 7.39
CA ARG A 138 -1.56 -61.08 7.60
C ARG A 138 -2.41 -61.61 6.43
N ARG A 139 -2.70 -60.78 5.43
CA ARG A 139 -3.30 -61.26 4.17
C ARG A 139 -2.28 -62.06 3.35
N LYS A 140 -2.79 -62.95 2.50
CA LYS A 140 -1.98 -64.00 1.86
C LYS A 140 -1.02 -63.46 0.79
N VAL A 141 -1.56 -63.10 -0.37
CA VAL A 141 -0.76 -62.66 -1.53
C VAL A 141 -1.56 -61.79 -2.52
N GLU A 142 -2.62 -62.36 -3.10
CA GLU A 142 -3.42 -61.69 -4.14
C GLU A 142 -4.28 -60.53 -3.61
N ASP A 143 -4.63 -60.57 -2.32
CA ASP A 143 -5.44 -59.49 -1.70
C ASP A 143 -4.69 -58.18 -1.52
N TYR A 144 -3.37 -58.24 -1.29
CA TYR A 144 -2.53 -57.06 -1.08
C TYR A 144 -1.48 -56.80 -2.18
N TYR A 145 -1.41 -57.65 -3.20
CA TYR A 145 -0.58 -57.40 -4.39
C TYR A 145 -1.33 -56.50 -5.37
N TYR A 146 -2.57 -56.88 -5.71
CA TYR A 146 -3.40 -56.13 -6.67
C TYR A 146 -4.20 -54.96 -6.06
N GLU A 147 -4.11 -54.76 -4.74
CA GLU A 147 -4.67 -53.57 -4.09
C GLU A 147 -3.76 -52.35 -4.33
N LYS A 148 -2.45 -52.58 -4.27
CA LYS A 148 -1.43 -51.56 -4.55
C LYS A 148 -1.09 -51.42 -6.04
N ALA A 149 -1.05 -52.56 -6.75
CA ALA A 149 -0.65 -52.60 -8.17
C ALA A 149 -1.67 -51.95 -9.12
N SER A 150 -2.96 -52.05 -8.80
CA SER A 150 -4.04 -51.40 -9.57
C SER A 150 -4.36 -50.02 -8.96
N LYS A 151 -3.35 -49.16 -8.93
CA LYS A 151 -3.38 -47.86 -8.23
C LYS A 151 -2.05 -47.10 -8.46
N LEU A 152 -0.94 -47.80 -8.22
CA LEU A 152 0.41 -47.31 -8.50
C LEU A 152 0.94 -47.89 -9.84
N LYS A 153 0.07 -47.93 -10.85
CA LYS A 153 0.35 -48.63 -12.12
C LYS A 153 0.97 -47.66 -13.14
N GLY A 154 1.38 -48.20 -14.28
CA GLY A 154 2.09 -47.43 -15.31
C GLY A 154 3.58 -47.43 -15.00
N GLU A 155 3.95 -46.67 -13.96
CA GLU A 155 5.30 -46.70 -13.40
C GLU A 155 5.64 -48.07 -12.79
N ASN A 156 6.91 -48.46 -12.88
CA ASN A 156 7.38 -49.79 -12.44
C ASN A 156 7.92 -49.78 -11.01
N VAL A 157 7.01 -49.56 -10.05
CA VAL A 157 7.32 -49.66 -8.62
C VAL A 157 7.30 -51.14 -8.23
N TYR A 158 8.46 -51.69 -7.89
CA TYR A 158 8.63 -53.12 -7.60
C TYR A 158 8.13 -53.46 -6.19
N ILE A 159 6.85 -53.85 -6.10
CA ILE A 159 6.21 -54.19 -4.82
C ILE A 159 6.52 -55.65 -4.48
N HIS A 160 7.26 -55.88 -3.39
CA HIS A 160 7.64 -57.23 -2.96
C HIS A 160 6.70 -57.73 -1.86
N ILE A 161 5.67 -58.48 -2.27
CA ILE A 161 4.66 -59.02 -1.36
C ILE A 161 5.13 -60.36 -0.77
N PHE A 162 5.54 -60.33 0.50
CA PHE A 162 5.86 -61.53 1.27
C PHE A 162 4.58 -62.12 1.87
N SER A 163 4.73 -63.18 2.67
CA SER A 163 3.65 -63.66 3.53
C SER A 163 4.14 -63.81 4.96
N PHE A 164 3.18 -63.90 5.88
CA PHE A 164 3.47 -64.11 7.32
C PHE A 164 4.09 -65.48 7.59
N ASP A 165 3.70 -66.50 6.81
CA ASP A 165 4.15 -67.88 7.02
C ASP A 165 5.39 -68.26 6.21
N GLY A 166 5.32 -68.15 4.88
CA GLY A 166 6.41 -68.60 4.01
C GLY A 166 6.29 -68.27 2.53
N GLU A 167 5.13 -68.54 1.94
CA GLU A 167 4.87 -68.30 0.50
C GLU A 167 5.19 -66.86 0.05
N GLU A 168 5.52 -66.71 -1.24
CA GLU A 168 6.05 -65.44 -1.78
C GLU A 168 5.65 -65.24 -3.25
N MET A 169 5.12 -64.05 -3.56
CA MET A 169 4.67 -63.71 -4.92
C MET A 169 5.10 -62.29 -5.29
N ALA A 170 6.15 -62.18 -6.12
CA ALA A 170 6.63 -60.90 -6.64
C ALA A 170 6.13 -60.68 -8.07
N THR A 171 6.50 -59.54 -8.67
CA THR A 171 6.13 -59.22 -10.05
C THR A 171 6.94 -60.06 -11.04
N ASP A 172 6.25 -60.91 -11.80
CA ASP A 172 6.85 -61.88 -12.75
C ASP A 172 7.78 -62.92 -12.10
N ASP A 173 7.68 -63.11 -10.78
CA ASP A 173 8.66 -63.86 -9.97
C ASP A 173 10.11 -63.41 -10.25
N GLU A 174 10.29 -62.09 -10.38
CA GLU A 174 11.57 -61.48 -10.77
C GLU A 174 12.33 -61.07 -9.52
N TYR A 175 12.83 -62.09 -8.79
CA TYR A 175 13.49 -61.88 -7.51
C TYR A 175 14.92 -61.38 -7.68
N ILE A 176 15.09 -60.06 -7.51
CA ILE A 176 16.41 -59.40 -7.58
C ILE A 176 17.38 -59.86 -6.48
N LEU A 177 16.85 -60.19 -5.31
CA LEU A 177 17.65 -60.59 -4.15
C LEU A 177 17.90 -62.11 -4.20
N ASP A 178 19.12 -62.54 -3.86
CA ASP A 178 19.48 -63.97 -3.85
C ASP A 178 18.72 -64.78 -2.77
N GLU A 179 18.70 -66.09 -2.95
CA GLU A 179 17.88 -67.01 -2.13
C GLU A 179 18.35 -67.21 -0.67
N GLU A 180 19.61 -66.91 -0.39
CA GLU A 180 20.18 -67.10 0.96
C GLU A 180 19.65 -66.07 1.97
N SER A 181 19.59 -64.81 1.55
CA SER A 181 19.16 -63.70 2.42
C SER A 181 17.63 -63.64 2.62
N ARG A 182 16.88 -63.85 1.54
CA ARG A 182 15.40 -63.91 1.63
C ARG A 182 14.87 -65.13 2.39
N ALA A 183 15.69 -66.17 2.52
CA ALA A 183 15.36 -67.33 3.37
C ALA A 183 15.30 -66.94 4.86
N ARG A 184 16.29 -66.19 5.32
CA ARG A 184 16.34 -65.72 6.72
C ARG A 184 15.31 -64.62 7.01
N ILE A 185 14.94 -63.84 5.99
CA ILE A 185 13.88 -62.83 6.12
C ILE A 185 12.50 -63.47 6.41
N LYS A 186 12.24 -64.64 5.83
CA LYS A 186 11.01 -65.40 6.13
C LYS A 186 10.97 -65.89 7.58
N THR A 187 12.10 -66.43 8.06
CA THR A 187 12.23 -66.88 9.46
C THR A 187 12.22 -65.72 10.47
N ARG A 188 12.61 -64.53 10.03
CA ARG A 188 12.53 -63.31 10.86
C ARG A 188 11.06 -62.95 11.15
N LEU A 189 10.23 -63.00 10.12
CA LEU A 189 8.79 -62.73 10.23
C LEU A 189 7.99 -63.93 10.79
N PHE A 190 8.53 -65.14 10.61
CA PHE A 190 7.89 -66.37 11.14
C PHE A 190 7.88 -66.44 12.67
N VAL A 191 8.86 -65.80 13.32
CA VAL A 191 8.95 -65.76 14.79
C VAL A 191 8.05 -64.65 15.38
N LEU A 192 8.04 -63.47 14.74
CA LEU A 192 7.21 -62.33 15.20
C LEU A 192 5.70 -62.56 15.00
N ARG A 193 5.33 -63.35 14.00
CA ARG A 193 3.94 -63.82 13.82
C ARG A 193 3.42 -64.60 15.04
N GLN A 194 4.28 -65.45 15.59
CA GLN A 194 3.92 -66.33 16.72
C GLN A 194 3.69 -65.60 18.06
N GLU A 195 4.20 -64.37 18.18
CA GLU A 195 4.02 -63.55 19.39
C GLU A 195 2.86 -62.52 19.29
N LEU A 196 2.00 -62.64 18.28
CA LEU A 196 0.74 -61.86 18.22
C LEU A 196 -0.29 -62.41 19.21
N ALA A 197 -0.43 -63.73 19.24
CA ALA A 197 -1.39 -64.41 20.11
C ALA A 197 -1.00 -64.36 21.60
N THR A 198 0.25 -64.67 21.89
CA THR A 198 0.75 -64.71 23.28
C THR A 198 0.95 -63.32 23.93
N ALA A 199 1.08 -62.28 23.12
CA ALA A 199 1.19 -60.90 23.63
C ALA A 199 -0.15 -60.39 24.15
N LEU A 215 -8.22 -38.32 12.48
CA LEU A 215 -8.31 -36.95 11.97
C LEU A 215 -9.17 -36.08 12.90
N GLU A 216 -8.52 -35.42 13.85
CA GLU A 216 -9.21 -34.60 14.88
C GLU A 216 -8.41 -33.32 15.19
N GLU A 217 -9.04 -32.41 15.93
CA GLU A 217 -8.39 -31.17 16.39
C GLU A 217 -9.02 -30.71 17.71
N GLU A 218 -8.16 -30.35 18.66
CA GLU A 218 -8.56 -30.05 20.04
C GLU A 218 -7.92 -28.76 20.54
N PHE A 219 -8.72 -27.92 21.21
CA PHE A 219 -8.22 -26.74 21.91
C PHE A 219 -9.22 -26.38 22.99
N SER A 220 -8.75 -26.32 24.24
CA SER A 220 -9.59 -25.98 25.38
C SER A 220 -8.79 -25.20 26.39
N TYR A 221 -9.50 -24.51 27.29
CA TYR A 221 -8.86 -23.70 28.31
C TYR A 221 -8.43 -24.56 29.50
N PRO A 222 -7.16 -24.41 29.94
CA PRO A 222 -6.79 -24.86 31.29
C PRO A 222 -7.50 -24.01 32.34
N PRO A 223 -7.46 -24.45 33.61
CA PRO A 223 -8.34 -23.84 34.62
C PRO A 223 -8.10 -22.35 34.96
N THR A 224 -6.84 -21.90 34.89
CA THR A 224 -6.51 -20.49 35.14
C THR A 224 -7.13 -19.57 34.10
N PHE A 225 -6.91 -19.88 32.82
CA PHE A 225 -7.47 -19.10 31.72
C PHE A 225 -9.00 -19.18 31.70
N GLN A 226 -9.54 -20.35 32.02
CA GLN A 226 -10.99 -20.52 32.18
C GLN A 226 -11.58 -19.53 33.19
N ARG A 227 -10.88 -19.32 34.31
CA ARG A 227 -11.32 -18.34 35.31
C ARG A 227 -11.20 -16.90 34.80
N LEU A 228 -10.16 -16.64 34.01
CA LEU A 228 -10.04 -15.34 33.31
C LEU A 228 -11.16 -15.17 32.31
N ALA A 229 -11.45 -16.23 31.55
CA ALA A 229 -12.57 -16.25 30.60
C ALA A 229 -13.91 -15.92 31.27
N ASN A 230 -14.10 -16.43 32.48
CA ASN A 230 -15.33 -16.16 33.26
C ASN A 230 -15.42 -14.71 33.74
N GLN A 231 -14.28 -14.06 33.96
CA GLN A 231 -14.23 -12.68 34.44
C GLN A 231 -14.22 -11.61 33.34
N SER A 232 -14.13 -12.04 32.08
CA SER A 232 -14.08 -11.13 30.93
C SER A 232 -15.39 -11.15 30.11
N LEU A 233 -16.52 -11.07 30.82
CA LEU A 233 -17.85 -11.17 30.23
C LEU A 233 -18.63 -9.91 30.57
N PRO A 234 -19.84 -9.74 29.99
CA PRO A 234 -20.70 -8.69 30.53
C PRO A 234 -21.14 -9.00 31.97
N PRO A 235 -21.55 -7.96 32.73
CA PRO A 235 -21.77 -8.11 34.18
C PRO A 235 -22.85 -9.12 34.59
N SER A 236 -23.94 -9.20 33.81
CA SER A 236 -25.03 -10.14 34.09
C SER A 236 -24.59 -11.61 34.07
N PHE A 237 -23.65 -11.95 33.19
CA PHE A 237 -23.22 -13.34 33.00
C PHE A 237 -22.19 -13.73 34.07
N LYS A 238 -22.19 -15.01 34.42
CA LYS A 238 -21.33 -15.54 35.49
C LYS A 238 -20.40 -16.66 35.04
N ASP A 239 -20.42 -17.00 33.75
CA ASP A 239 -19.70 -18.17 33.26
C ASP A 239 -19.44 -18.04 31.75
N TYR A 240 -18.27 -18.49 31.31
CA TYR A 240 -17.89 -18.41 29.88
C TYR A 240 -18.83 -19.27 29.03
N HIS A 241 -19.07 -20.51 29.49
CA HIS A 241 -20.02 -21.43 28.84
C HIS A 241 -21.42 -20.83 28.72
N GLN A 242 -21.85 -20.10 29.75
CA GLN A 242 -23.16 -19.43 29.77
C GLN A 242 -23.28 -18.33 28.71
N PHE A 243 -22.29 -17.44 28.66
CA PHE A 243 -22.28 -16.33 27.70
C PHE A 243 -22.18 -16.83 26.26
N LYS A 244 -21.33 -17.83 26.03
CA LYS A 244 -21.19 -18.44 24.70
C LYS A 244 -22.51 -19.05 24.19
N ALA A 245 -23.32 -19.57 25.11
CA ALA A 245 -24.64 -20.10 24.80
C ALA A 245 -25.63 -18.98 24.46
N TYR A 246 -25.57 -17.88 25.22
CA TYR A 246 -26.40 -16.70 24.95
C TYR A 246 -26.13 -16.12 23.56
N VAL A 247 -24.85 -16.06 23.19
CA VAL A 247 -24.46 -15.55 21.87
C VAL A 247 -24.91 -16.51 20.77
N SER A 248 -24.70 -17.82 20.98
CA SER A 248 -25.12 -18.84 20.01
C SER A 248 -26.62 -18.88 19.74
N SER A 249 -27.42 -18.50 20.74
CA SER A 249 -28.87 -18.56 20.66
C SER A 249 -29.56 -17.19 20.65
N PHE A 250 -28.79 -16.10 20.55
CA PHE A 250 -29.36 -14.76 20.46
C PHE A 250 -30.08 -14.59 19.15
N LYS A 251 -31.22 -13.90 19.20
CA LYS A 251 -31.95 -13.48 18.01
C LYS A 251 -32.42 -12.05 18.22
N ALA A 252 -32.41 -11.26 17.14
CA ALA A 252 -32.84 -9.88 17.19
C ALA A 252 -34.32 -9.83 17.51
N ASN A 253 -34.72 -8.91 18.38
CA ASN A 253 -36.13 -8.68 18.68
C ASN A 253 -36.36 -7.25 19.19
N GLY A 254 -35.96 -6.28 18.37
CA GLY A 254 -36.17 -4.86 18.66
C GLY A 254 -35.29 -4.33 19.77
N ASN A 255 -34.06 -4.84 19.86
CA ASN A 255 -33.16 -4.52 20.97
C ASN A 255 -32.66 -3.08 20.90
N ILE A 256 -32.18 -2.69 19.72
CA ILE A 256 -31.70 -1.33 19.46
C ILE A 256 -32.85 -0.33 19.61
N GLU A 257 -33.98 -0.62 18.98
CA GLU A 257 -35.17 0.24 19.02
C GLU A 257 -35.64 0.49 20.45
N ALA A 258 -35.66 -0.57 21.25
CA ALA A 258 -36.02 -0.50 22.67
C ALA A 258 -35.13 0.48 23.41
N LYS A 259 -33.81 0.23 23.33
CA LYS A 259 -32.81 1.10 23.97
C LYS A 259 -32.78 2.54 23.46
N LEU A 260 -33.14 2.74 22.19
CA LEU A 260 -33.27 4.10 21.61
C LEU A 260 -34.43 4.87 22.26
N GLY A 261 -35.52 4.15 22.57
CA GLY A 261 -36.59 4.69 23.39
C GLY A 261 -36.14 4.96 24.82
N ALA A 262 -35.38 4.02 25.37
CA ALA A 262 -34.86 4.12 26.74
C ALA A 262 -33.85 5.24 26.95
N MET A 263 -33.01 5.52 25.95
CA MET A 263 -31.93 6.50 26.09
C MET A 263 -32.48 7.93 26.13
N SER A 264 -31.81 8.80 26.88
CA SER A 264 -32.19 10.21 27.01
C SER A 264 -32.12 10.94 25.68
N GLU A 265 -33.07 11.83 25.44
CA GLU A 265 -33.08 12.66 24.23
C GLU A 265 -32.09 13.85 24.27
N LYS A 266 -31.38 14.01 25.38
CA LYS A 266 -30.19 14.88 25.42
C LYS A 266 -29.04 14.33 24.57
N VAL A 267 -28.99 13.00 24.41
CA VAL A 267 -28.02 12.33 23.54
C VAL A 267 -28.49 12.48 22.09
N ASN A 268 -27.98 13.52 21.43
CA ASN A 268 -28.36 13.82 20.05
C ASN A 268 -27.25 14.57 19.30
N ALA A 269 -27.47 14.77 18.01
CA ALA A 269 -26.56 15.51 17.14
C ALA A 269 -27.36 16.53 16.33
N GLN A 270 -27.62 17.68 16.94
CA GLN A 270 -28.44 18.72 16.32
C GLN A 270 -27.62 19.45 15.26
N ILE A 271 -28.11 19.44 14.03
CA ILE A 271 -27.45 20.12 12.91
C ILE A 271 -27.73 21.62 13.02
N GLU A 272 -26.69 22.39 13.35
CA GLU A 272 -26.77 23.86 13.31
C GLU A 272 -26.31 24.30 11.93
N SER A 273 -27.13 25.07 11.23
CA SER A 273 -26.78 25.51 9.87
C SER A 273 -25.60 26.49 9.95
N PHE A 274 -24.67 26.35 9.00
CA PHE A 274 -23.41 27.08 8.98
C PHE A 274 -23.47 28.18 7.91
N ASP A 275 -23.36 29.44 8.36
CA ASP A 275 -23.28 30.61 7.48
C ASP A 275 -22.03 31.40 7.88
N PRO A 276 -21.05 31.57 6.96
CA PRO A 276 -19.82 32.30 7.29
C PRO A 276 -19.98 33.82 7.51
N ARG A 277 -21.15 34.35 7.20
CA ARG A 277 -21.50 35.73 7.57
C ARG A 277 -21.76 35.83 9.08
N THR A 278 -22.37 34.79 9.64
CA THR A 278 -22.63 34.67 11.07
C THR A 278 -21.36 34.55 11.92
N ILE A 279 -20.35 33.81 11.44
CA ILE A 279 -19.25 33.35 12.32
C ILE A 279 -18.19 34.42 12.60
N ARG A 280 -17.58 34.32 13.78
CA ARG A 280 -16.58 35.30 14.24
C ARG A 280 -15.17 35.03 13.72
N GLU A 281 -14.33 36.05 13.82
CA GLU A 281 -12.89 35.91 13.56
C GLU A 281 -12.24 35.07 14.65
N LEU A 282 -11.21 34.32 14.29
CA LEU A 282 -10.41 33.57 15.26
C LEU A 282 -9.73 34.55 16.21
N GLU A 283 -9.70 34.22 17.49
CA GLU A 283 -9.08 35.09 18.50
C GLU A 283 -7.59 34.78 18.60
N LEU A 284 -6.76 35.79 18.36
CA LEU A 284 -5.31 35.67 18.53
C LEU A 284 -4.90 36.07 19.95
N PRO A 285 -3.92 35.38 20.55
CA PRO A 285 -3.55 35.61 21.94
C PRO A 285 -2.83 36.93 22.19
N GLU A 286 -2.97 37.45 23.41
CA GLU A 286 -2.23 38.64 23.85
C GLU A 286 -0.95 38.19 24.56
N GLY A 287 0.03 39.08 24.59
CA GLY A 287 1.26 38.86 25.37
C GLY A 287 2.35 39.80 24.91
N LYS A 288 3.59 39.50 25.31
CA LYS A 288 4.77 40.11 24.68
C LYS A 288 4.80 39.69 23.21
N PHE A 289 5.50 40.46 22.38
CA PHE A 289 5.54 40.18 20.94
C PHE A 289 6.38 38.94 20.62
N CYS A 290 6.06 38.27 19.51
CA CYS A 290 6.86 37.13 19.05
C CYS A 290 8.20 37.59 18.49
N THR A 291 9.27 36.97 19.00
CA THR A 291 10.64 37.17 18.50
C THR A 291 10.89 36.34 17.25
N GLN A 292 11.83 36.79 16.42
CA GLN A 292 12.43 35.97 15.39
C GLN A 292 13.02 34.73 16.04
N ARG A 293 12.78 33.58 15.41
CA ARG A 293 13.28 32.29 15.91
C ARG A 293 13.88 31.38 14.83
N SER A 294 14.13 31.93 13.63
CA SER A 294 14.80 31.21 12.56
C SER A 294 16.24 30.95 12.94
N LYS A 295 16.87 29.97 12.29
CA LYS A 295 18.26 29.65 12.58
C LYS A 295 19.24 30.60 11.90
N PHE A 296 18.75 31.39 10.93
CA PHE A 296 19.57 32.40 10.24
C PHE A 296 18.72 33.62 9.86
N LEU A 297 19.37 34.74 9.62
CA LEU A 297 18.68 35.97 9.28
C LEU A 297 18.02 35.81 7.92
N LEU A 298 16.82 36.37 7.79
CA LEU A 298 16.07 36.33 6.55
C LEU A 298 16.25 37.67 5.81
N MET A 299 15.24 38.57 5.84
CA MET A 299 15.33 39.86 5.14
C MET A 299 16.44 40.79 5.64
N ASP A 300 16.90 40.58 6.87
CA ASP A 300 17.92 41.45 7.50
C ASP A 300 19.36 41.00 7.23
N ALA A 301 19.56 39.96 6.42
CA ALA A 301 20.90 39.43 6.15
C ALA A 301 21.67 40.39 5.23
N MET A 302 22.99 40.38 5.33
CA MET A 302 23.86 41.15 4.44
C MET A 302 25.05 40.28 4.03
N LYS A 303 25.41 40.35 2.74
CA LYS A 303 26.45 39.49 2.17
C LYS A 303 27.70 40.27 1.82
N LEU A 304 28.85 39.69 2.14
CA LEU A 304 30.10 40.02 1.47
C LEU A 304 30.30 38.98 0.39
N SER A 305 30.68 39.40 -0.82
CA SER A 305 30.81 38.46 -1.93
C SER A 305 32.04 38.71 -2.80
N VAL A 306 32.34 37.70 -3.62
CA VAL A 306 33.41 37.74 -4.61
C VAL A 306 32.89 37.15 -5.92
N LEU A 307 33.36 37.69 -7.04
CA LEU A 307 33.18 37.04 -8.34
C LEU A 307 34.06 35.81 -8.34
N ASN A 308 33.53 34.70 -8.84
CA ASN A 308 34.16 33.40 -8.64
C ASN A 308 33.55 32.37 -9.61
N PRO A 309 34.32 31.92 -10.63
CA PRO A 309 33.86 30.90 -11.59
C PRO A 309 33.35 29.54 -11.01
N ALA A 310 33.67 29.26 -9.75
CA ALA A 310 33.19 28.04 -9.04
C ALA A 310 31.68 27.77 -9.16
N HIS A 311 31.32 26.50 -9.09
CA HIS A 311 29.95 26.02 -9.33
C HIS A 311 29.11 26.11 -8.03
N GLU A 312 27.92 25.50 -8.01
CA GLU A 312 26.94 25.72 -6.91
C GLU A 312 27.32 25.17 -5.52
N GLY A 313 28.44 24.46 -5.40
CA GLY A 313 28.98 24.07 -4.09
C GLY A 313 30.42 23.60 -4.17
N GLU A 314 31.29 24.44 -4.74
CA GLU A 314 32.68 24.09 -5.07
C GLU A 314 33.70 24.98 -4.32
N GLY A 315 34.79 24.36 -3.88
CA GLY A 315 35.85 25.04 -3.12
C GLY A 315 35.76 24.76 -1.63
N ILE A 316 36.84 25.07 -0.92
CA ILE A 316 36.92 24.83 0.53
C ILE A 316 36.23 26.00 1.25
N PRO A 317 35.21 25.72 2.11
CA PRO A 317 34.37 26.76 2.74
C PRO A 317 35.11 27.91 3.42
N MET A 318 36.09 27.59 4.26
CA MET A 318 36.83 28.62 4.98
C MET A 318 37.76 29.44 4.07
N LYS A 319 38.32 28.80 3.04
CA LYS A 319 39.10 29.53 2.02
C LYS A 319 38.21 30.52 1.25
N ASP A 320 37.03 30.06 0.82
CA ASP A 320 36.01 30.94 0.22
C ASP A 320 35.55 32.04 1.17
N ALA A 321 35.41 31.69 2.45
CA ALA A 321 34.98 32.64 3.47
C ALA A 321 35.99 33.77 3.64
N LYS A 322 37.28 33.45 3.72
CA LYS A 322 38.35 34.46 3.79
C LYS A 322 38.43 35.31 2.51
N ALA A 323 38.20 34.68 1.35
CA ALA A 323 38.13 35.44 0.11
C ALA A 323 37.05 36.52 0.18
N CYS A 324 35.91 36.19 0.79
CA CYS A 324 34.81 37.15 0.97
C CYS A 324 35.11 38.25 2.00
N LEU A 325 35.82 37.91 3.07
CA LEU A 325 36.23 38.92 4.06
C LEU A 325 37.23 39.95 3.50
N ASP A 326 38.15 39.50 2.66
CA ASP A 326 39.17 40.38 2.07
C ASP A 326 38.63 41.44 1.10
N THR A 327 37.39 41.30 0.64
CA THR A 327 36.73 42.32 -0.18
C THR A 327 36.29 43.54 0.63
N PHE A 328 36.13 43.37 1.94
CA PHE A 328 35.62 44.42 2.80
C PHE A 328 36.70 44.93 3.74
N TRP A 329 36.85 46.25 3.76
CA TRP A 329 37.70 46.94 4.72
C TRP A 329 36.79 47.92 5.47
N GLY A 330 37.35 48.66 6.42
CA GLY A 330 36.53 49.47 7.33
C GLY A 330 35.82 48.63 8.38
N TRP A 331 36.55 47.68 8.96
CA TRP A 331 36.14 47.02 10.19
C TRP A 331 36.48 47.98 11.32
N LYS A 332 35.56 48.15 12.27
CA LYS A 332 35.77 48.98 13.45
C LYS A 332 36.09 48.10 14.66
N LYS A 333 36.58 48.74 15.71
CA LYS A 333 36.54 48.17 17.05
C LYS A 333 35.08 47.87 17.35
N ALA A 334 34.79 46.64 17.75
CA ALA A 334 33.39 46.19 17.92
C ALA A 334 32.78 46.78 19.20
N THR A 335 31.54 47.24 19.10
CA THR A 335 30.80 47.78 20.25
C THR A 335 29.36 47.27 20.26
N ILE A 336 28.84 47.02 21.46
CA ILE A 336 27.47 46.52 21.65
C ILE A 336 26.50 47.68 21.47
N ILE A 337 25.63 47.58 20.46
CA ILE A 337 24.59 48.60 20.21
C ILE A 337 23.18 48.13 20.65
N LYS A 338 23.04 46.85 20.97
CA LYS A 338 21.77 46.30 21.45
C LYS A 338 22.07 45.00 22.21
N LYS A 339 21.75 45.01 23.50
CA LYS A 339 22.13 43.92 24.40
C LYS A 339 21.11 42.79 24.35
N HIS A 340 21.60 41.59 24.62
CA HIS A 340 20.78 40.41 24.84
C HIS A 340 20.46 40.40 26.33
N GLU A 341 19.26 40.85 26.69
CA GLU A 341 18.96 41.22 28.08
C GLU A 341 19.23 40.09 29.07
N LYS A 342 18.92 38.86 28.69
CA LYS A 342 19.15 37.69 29.55
C LYS A 342 20.57 37.11 29.53
N GLY A 343 21.51 37.71 28.79
CA GLY A 343 22.86 37.13 28.63
C GLY A 343 24.02 38.07 28.92
N VAL A 344 25.16 37.48 29.28
CA VAL A 344 26.41 38.21 29.49
C VAL A 344 26.94 38.67 28.12
N ASN A 345 26.79 39.96 27.84
CA ASN A 345 27.02 40.50 26.50
C ASN A 345 28.48 40.66 26.10
N THR A 346 29.38 40.85 27.07
CA THR A 346 30.81 40.95 26.77
C THR A 346 31.42 39.60 26.35
N ASN A 347 30.74 38.49 26.65
CA ASN A 347 31.13 37.20 26.07
C ASN A 347 30.86 37.17 24.57
N TYR A 348 29.70 37.65 24.14
CA TYR A 348 29.37 37.72 22.71
C TYR A 348 30.39 38.54 21.95
N LEU A 349 30.74 39.70 22.51
CA LEU A 349 31.78 40.59 21.98
C LEU A 349 33.15 39.91 21.87
N MET A 350 33.57 39.22 22.93
CA MET A 350 34.83 38.48 22.93
C MET A 350 34.87 37.31 21.94
N ILE A 351 33.73 36.64 21.73
CA ILE A 351 33.62 35.54 20.76
C ILE A 351 33.92 36.04 19.34
N TRP A 352 33.31 37.17 18.97
CA TRP A 352 33.56 37.80 17.66
C TRP A 352 35.03 38.11 17.44
N GLU A 353 35.64 38.76 18.43
CA GLU A 353 37.06 39.14 18.38
C GLU A 353 37.98 37.93 18.36
N GLN A 354 37.62 36.87 19.10
CA GLN A 354 38.34 35.60 19.03
C GLN A 354 38.21 34.94 17.65
N LEU A 355 36.99 34.89 17.12
CA LEU A 355 36.72 34.28 15.82
C LEU A 355 37.54 34.96 14.74
N LEU A 356 37.39 36.28 14.65
CA LEU A 356 38.08 37.07 13.62
C LEU A 356 39.59 36.82 13.66
N GLU A 357 40.16 36.76 14.86
CA GLU A 357 41.59 36.53 15.03
C GLU A 357 41.99 35.10 14.67
N SER A 358 41.18 34.12 15.06
CA SER A 358 41.43 32.71 14.75
C SER A 358 41.31 32.39 13.25
N ILE A 359 40.45 33.12 12.55
CA ILE A 359 40.34 33.03 11.09
C ILE A 359 41.61 33.55 10.43
N LYS A 360 42.06 34.73 10.87
CA LYS A 360 43.32 35.32 10.40
C LYS A 360 44.53 34.38 10.56
N GLU A 361 44.59 33.66 11.69
CA GLU A 361 45.69 32.75 12.00
C GLU A 361 45.49 31.29 11.58
N MET A 362 44.39 30.97 10.89
CA MET A 362 44.15 29.57 10.46
C MET A 362 45.01 29.23 9.24
N GLU A 363 45.53 28.00 9.23
CA GLU A 363 46.28 27.46 8.10
C GLU A 363 45.85 26.03 7.89
N GLY A 364 44.71 25.85 7.23
CA GLY A 364 44.20 24.52 6.92
C GLY A 364 42.89 24.57 6.17
N LYS A 365 42.25 23.40 6.06
CA LYS A 365 40.91 23.32 5.46
C LYS A 365 39.83 23.70 6.47
N PHE A 366 40.02 23.34 7.74
CA PHE A 366 39.02 23.59 8.78
C PHE A 366 39.56 24.42 9.95
N LEU A 367 38.63 24.96 10.75
CA LEU A 367 38.95 25.79 11.91
C LEU A 367 38.20 25.30 13.15
N ASN A 368 38.94 24.88 14.16
CA ASN A 368 38.38 24.55 15.48
C ASN A 368 38.86 25.60 16.48
N LEU A 369 37.93 26.26 17.17
CA LEU A 369 38.28 27.32 18.15
C LEU A 369 38.65 26.75 19.50
N LYS A 370 39.52 27.47 20.21
CA LYS A 370 39.92 27.10 21.57
C LYS A 370 38.78 27.34 22.54
N LYS A 371 38.61 26.40 23.47
CA LYS A 371 37.48 26.42 24.40
C LYS A 371 37.68 27.46 25.51
N THR A 372 37.52 28.73 25.15
CA THR A 372 37.63 29.84 26.10
C THR A 372 36.37 29.92 26.97
N ASN A 373 36.43 30.73 28.02
CA ASN A 373 35.31 30.87 28.96
C ASN A 373 34.10 31.50 28.28
N HIS A 374 34.33 32.61 27.60
CA HIS A 374 33.26 33.32 26.87
C HIS A 374 32.52 32.41 25.85
N LEU A 375 33.28 31.57 25.15
CA LEU A 375 32.73 30.64 24.17
C LEU A 375 32.03 29.44 24.84
N LYS A 376 32.65 28.91 25.90
CA LYS A 376 32.03 27.88 26.74
C LYS A 376 30.65 28.29 27.28
N TRP A 377 30.54 29.54 27.73
CA TRP A 377 29.25 30.07 28.17
C TRP A 377 28.25 30.14 27.01
N GLY A 378 28.70 30.68 25.88
CA GLY A 378 27.87 30.80 24.67
C GLY A 378 27.38 29.49 24.08
N LEU A 379 28.12 28.39 24.31
CA LEU A 379 27.76 27.07 23.78
C LEU A 379 27.27 26.09 24.86
N GLY A 380 26.97 26.60 26.05
CA GLY A 380 26.45 25.77 27.14
C GLY A 380 27.33 24.63 27.60
N GLU A 381 28.65 24.85 27.63
CA GLU A 381 29.57 23.85 28.14
C GLU A 381 29.28 23.59 29.62
N GLY A 382 29.13 22.32 29.98
CA GLY A 382 28.85 21.90 31.36
C GLY A 382 27.50 22.24 31.96
N GLN A 383 26.54 22.69 31.16
CA GLN A 383 25.24 23.17 31.66
C GLN A 383 24.19 22.08 31.88
N ALA A 384 24.46 20.84 31.47
CA ALA A 384 23.61 19.71 31.85
C ALA A 384 23.86 19.41 33.33
N PRO A 385 22.79 19.35 34.14
CA PRO A 385 22.95 18.86 35.51
C PRO A 385 23.56 17.46 35.52
N GLU A 386 24.36 17.16 36.55
CA GLU A 386 25.05 15.86 36.60
C GLU A 386 24.06 14.76 37.00
N LYS A 387 24.10 13.64 36.28
CA LYS A 387 23.16 12.55 36.52
C LYS A 387 23.60 11.75 37.73
N MET A 388 22.66 11.56 38.66
CA MET A 388 22.89 10.78 39.87
C MET A 388 21.78 9.75 40.03
N ASP A 389 22.04 8.77 40.89
CA ASP A 389 21.00 7.84 41.32
C ASP A 389 20.03 8.59 42.22
N PHE A 390 18.80 8.11 42.28
CA PHE A 390 17.75 8.75 43.07
C PHE A 390 18.02 8.68 44.56
N GLU A 391 18.50 7.51 45.01
CA GLU A 391 18.88 7.29 46.41
C GLU A 391 19.76 8.40 46.96
N ASP A 392 20.79 8.76 46.19
CA ASP A 392 21.80 9.74 46.62
C ASP A 392 21.29 11.18 46.71
N CYS A 393 20.22 11.51 45.97
CA CYS A 393 19.66 12.88 45.97
C CYS A 393 18.19 12.98 46.39
N LYS A 394 17.61 11.89 46.89
CA LYS A 394 16.18 11.82 47.26
C LYS A 394 15.69 12.97 48.14
N GLU A 395 16.49 13.35 49.13
CA GLU A 395 16.07 14.31 50.16
C GLU A 395 16.38 15.80 49.89
N VAL A 396 16.75 16.15 48.65
CA VAL A 396 17.03 17.55 48.30
C VAL A 396 15.71 18.33 48.29
N PRO A 397 15.69 19.56 48.87
CA PRO A 397 14.41 20.30 48.95
C PRO A 397 13.81 20.64 47.59
N ASP A 398 14.58 21.33 46.74
CA ASP A 398 14.07 21.88 45.47
C ASP A 398 14.05 20.89 44.28
N LEU A 399 14.37 19.62 44.53
CA LEU A 399 14.23 18.58 43.52
C LEU A 399 12.75 18.44 43.14
N PHE A 400 12.39 18.92 41.94
CA PHE A 400 11.05 18.77 41.37
C PHE A 400 11.19 18.10 40.01
N GLN A 401 10.06 17.82 39.36
CA GLN A 401 10.07 17.41 37.94
C GLN A 401 10.27 18.64 37.07
N TYR A 402 10.76 18.39 35.86
CA TYR A 402 11.13 19.44 34.91
C TYR A 402 9.91 20.30 34.58
N LYS A 403 10.14 21.58 34.29
CA LYS A 403 9.09 22.50 33.88
C LYS A 403 8.35 21.93 32.67
N SER A 404 7.08 21.58 32.85
CA SER A 404 6.27 20.92 31.82
C SER A 404 4.95 21.67 31.59
N GLU A 405 5.00 22.99 31.64
CA GLU A 405 3.82 23.84 31.40
C GLU A 405 3.57 23.98 29.90
N PRO A 406 2.38 24.52 29.52
CA PRO A 406 2.22 24.92 28.11
C PRO A 406 3.12 26.12 27.75
N PRO A 407 3.42 26.32 26.45
CA PRO A 407 4.26 27.48 26.09
C PRO A 407 3.62 28.82 26.46
N GLU A 408 4.46 29.81 26.77
CA GLU A 408 3.99 31.15 27.10
C GLU A 408 3.41 31.82 25.85
N LYS A 409 2.23 32.42 25.97
CA LYS A 409 1.60 33.12 24.85
C LYS A 409 2.43 34.31 24.37
N ARG A 410 2.25 34.68 23.10
CA ARG A 410 2.95 35.81 22.50
C ARG A 410 2.05 36.46 21.45
N LYS A 411 2.20 37.77 21.26
CA LYS A 411 1.36 38.53 20.33
C LYS A 411 1.95 38.58 18.92
N LEU A 412 1.07 38.64 17.92
CA LEU A 412 1.47 38.82 16.52
C LEU A 412 2.17 40.16 16.31
N ALA A 413 3.43 40.11 15.87
CA ALA A 413 4.21 41.31 15.52
C ALA A 413 4.21 41.57 14.01
N SER A 414 4.50 42.81 13.62
CA SER A 414 4.48 43.24 12.21
C SER A 414 5.50 42.51 11.34
N TRP A 415 6.65 42.21 11.93
CA TRP A 415 7.82 41.76 11.19
C TRP A 415 7.59 40.49 10.35
N ILE A 416 6.87 39.51 10.90
CA ILE A 416 6.64 38.24 10.19
C ILE A 416 5.86 38.43 8.87
N GLN A 417 4.90 39.36 8.84
CA GLN A 417 4.21 39.69 7.58
C GLN A 417 5.17 40.35 6.59
N SER A 418 6.06 41.19 7.11
CA SER A 418 7.10 41.84 6.31
C SER A 418 8.06 40.81 5.71
N GLU A 419 8.54 39.90 6.54
CA GLU A 419 9.41 38.79 6.11
C GLU A 419 8.79 37.99 4.96
N PHE A 420 7.51 37.67 5.08
CA PHE A 420 6.83 36.90 4.04
C PHE A 420 6.74 37.65 2.72
N ASN A 421 6.54 38.97 2.79
CA ASN A 421 6.50 39.80 1.58
C ASN A 421 7.83 39.73 0.82
N LYS A 422 8.94 39.85 1.55
CA LYS A 422 10.28 39.81 0.94
C LYS A 422 10.61 38.42 0.38
N ALA A 423 10.17 37.37 1.07
CA ALA A 423 10.32 35.98 0.61
C ALA A 423 9.65 35.69 -0.73
N SER A 424 8.58 36.43 -1.04
CA SER A 424 7.83 36.28 -2.30
C SER A 424 8.40 37.05 -3.49
N GLU A 425 9.44 37.87 -3.27
CA GLU A 425 9.97 38.75 -4.30
C GLU A 425 10.90 38.05 -5.27
N LEU A 426 11.08 38.68 -6.44
CA LEU A 426 12.15 38.31 -7.37
C LEU A 426 13.44 38.96 -6.93
N THR A 427 14.56 38.30 -7.25
CA THR A 427 15.89 38.82 -7.03
C THR A 427 16.63 38.82 -8.36
N ASN A 428 17.83 39.41 -8.37
CA ASN A 428 18.68 39.48 -9.58
C ASN A 428 19.64 38.29 -9.73
N SER A 429 19.50 37.25 -8.90
CA SER A 429 20.43 36.12 -8.86
C SER A 429 19.68 34.78 -8.99
N ASN A 430 20.30 33.81 -9.68
CA ASN A 430 19.77 32.45 -9.78
C ASN A 430 20.30 31.61 -8.64
N TRP A 431 19.47 31.40 -7.63
CA TRP A 431 19.87 30.72 -6.39
C TRP A 431 19.96 29.20 -6.50
N ILE A 432 19.22 28.61 -7.42
CA ILE A 432 19.18 27.16 -7.55
C ILE A 432 19.68 26.72 -8.92
N GLU A 433 20.72 25.89 -8.91
CA GLU A 433 21.22 25.21 -10.10
C GLU A 433 20.66 23.79 -10.04
N PHE A 434 20.01 23.36 -11.12
CA PHE A 434 19.41 22.04 -11.23
C PHE A 434 20.31 21.08 -11.97
N ASP A 435 20.48 19.86 -11.45
CA ASP A 435 21.24 18.79 -12.13
C ASP A 435 20.58 18.34 -13.44
N GLU A 436 21.37 17.65 -14.26
CA GLU A 436 20.96 17.24 -15.60
C GLU A 436 19.86 16.16 -15.59
N LEU A 437 19.02 16.21 -16.62
CA LEU A 437 18.12 15.12 -16.99
C LEU A 437 18.67 14.36 -18.17
N GLY A 438 18.11 13.18 -18.40
CA GLY A 438 18.26 12.51 -19.68
C GLY A 438 17.60 13.36 -20.74
N ASN A 439 18.02 13.17 -21.98
CA ASN A 439 17.49 13.94 -23.10
C ASN A 439 16.00 13.70 -23.26
N ASP A 440 15.30 14.71 -23.78
CA ASP A 440 13.87 14.60 -24.06
C ASP A 440 13.70 13.85 -25.36
N VAL A 441 12.84 12.83 -25.36
CA VAL A 441 12.50 12.08 -26.58
C VAL A 441 11.00 12.21 -26.87
N ALA A 442 10.16 11.86 -25.91
CA ALA A 442 8.72 11.98 -26.08
C ALA A 442 8.33 13.44 -26.30
N PRO A 443 7.32 13.69 -27.14
CA PRO A 443 6.77 15.06 -27.23
C PRO A 443 6.40 15.67 -25.87
N ILE A 444 5.76 14.89 -25.00
CA ILE A 444 5.37 15.37 -23.66
C ILE A 444 6.57 15.79 -22.83
N GLU A 445 7.73 15.18 -23.04
CA GLU A 445 8.98 15.59 -22.39
C GLU A 445 9.50 16.93 -22.90
N HIS A 446 9.30 17.19 -24.20
CA HIS A 446 9.60 18.51 -24.77
C HIS A 446 8.67 19.58 -24.20
N ILE A 447 7.39 19.25 -24.10
CA ILE A 447 6.38 20.18 -23.54
C ILE A 447 6.76 20.49 -22.08
N ALA A 448 7.05 19.42 -21.33
CA ALA A 448 7.50 19.51 -19.94
C ALA A 448 8.67 20.45 -19.77
N SER A 449 9.71 20.26 -20.58
CA SER A 449 10.91 21.09 -20.54
C SER A 449 10.62 22.56 -20.87
N ARG A 450 9.70 22.80 -21.80
CA ARG A 450 9.31 24.15 -22.16
C ARG A 450 8.67 24.82 -20.95
N ARG A 451 7.75 24.12 -20.29
CA ARG A 451 7.11 24.58 -19.05
C ARG A 451 8.08 24.66 -17.88
N ARG A 452 9.03 23.73 -17.85
CA ARG A 452 10.06 23.70 -16.80
C ARG A 452 11.01 24.90 -16.89
N ASN A 453 11.21 25.42 -18.10
CA ASN A 453 12.01 26.63 -18.32
C ASN A 453 11.41 27.82 -17.56
N PHE A 454 10.09 27.97 -17.67
CA PHE A 454 9.35 29.03 -16.96
C PHE A 454 9.45 28.87 -15.45
N PHE A 455 9.12 27.66 -14.99
CA PHE A 455 9.15 27.32 -13.56
C PHE A 455 10.54 27.58 -12.98
N THR A 456 11.58 27.11 -13.68
CA THR A 456 12.96 27.18 -13.19
C THR A 456 13.46 28.60 -12.92
N ALA A 457 13.17 29.53 -13.83
CA ALA A 457 13.58 30.93 -13.66
C ALA A 457 12.83 31.56 -12.50
N GLU A 458 11.50 31.40 -12.52
CA GLU A 458 10.59 31.94 -11.51
C GLU A 458 10.97 31.52 -10.09
N VAL A 459 11.36 30.26 -9.96
CA VAL A 459 11.67 29.63 -8.67
C VAL A 459 13.11 29.89 -8.25
N SER A 460 14.05 29.82 -9.20
CA SER A 460 15.46 30.04 -8.89
C SER A 460 15.73 31.47 -8.47
N GLN A 461 15.05 32.43 -9.09
CA GLN A 461 15.25 33.84 -8.78
C GLN A 461 14.44 34.35 -7.60
N CYS A 462 13.51 33.54 -7.09
CA CYS A 462 12.70 33.92 -5.93
C CYS A 462 13.55 34.00 -4.65
N ARG A 463 13.25 34.99 -3.81
CA ARG A 463 13.99 35.19 -2.55
C ARG A 463 13.86 34.00 -1.60
N ALA A 464 12.70 33.34 -1.59
CA ALA A 464 12.53 32.13 -0.78
C ALA A 464 13.56 31.02 -1.12
N SER A 465 13.96 30.93 -2.39
CA SER A 465 14.97 29.95 -2.82
C SER A 465 16.35 30.26 -2.27
N GLU A 466 16.65 31.54 -2.11
CA GLU A 466 17.87 31.93 -1.40
C GLU A 466 17.86 31.36 0.00
N TYR A 467 16.71 31.47 0.69
CA TYR A 467 16.55 30.92 2.04
C TYR A 467 16.64 29.40 2.04
N ILE A 468 16.06 28.76 1.03
CA ILE A 468 16.23 27.30 0.84
C ILE A 468 17.72 26.95 0.81
N MET A 469 18.51 27.66 0.00
CA MET A 469 19.94 27.36 -0.14
C MET A 469 20.78 27.63 1.11
N LYS A 470 20.41 28.64 1.91
CA LYS A 470 21.04 28.86 3.20
C LYS A 470 20.76 27.69 4.15
N ALA A 471 19.50 27.26 4.20
CA ALA A 471 19.09 26.16 5.07
C ALA A 471 19.74 24.84 4.67
N VAL A 472 19.75 24.54 3.39
CA VAL A 472 20.38 23.31 2.89
C VAL A 472 21.89 23.32 3.19
N TYR A 473 22.55 24.46 3.01
CA TYR A 473 23.96 24.57 3.34
C TYR A 473 24.23 24.42 4.84
N ILE A 474 23.56 25.25 5.65
CA ILE A 474 23.80 25.31 7.09
C ILE A 474 23.57 23.97 7.78
N ASN A 475 22.39 23.40 7.53
CA ASN A 475 22.00 22.14 8.17
C ASN A 475 22.86 20.97 7.70
N THR A 476 23.24 20.94 6.42
CA THR A 476 24.20 19.95 5.93
C THR A 476 25.54 20.11 6.63
N ALA A 477 26.04 21.34 6.69
CA ALA A 477 27.33 21.59 7.33
C ALA A 477 27.30 21.24 8.82
N LEU A 478 26.27 21.69 9.52
CA LEU A 478 26.10 21.36 10.94
C LEU A 478 25.97 19.85 11.20
N LEU A 479 25.16 19.14 10.39
CA LEU A 479 24.98 17.70 10.57
C LEU A 479 26.29 16.94 10.37
N ASN A 480 26.99 17.23 9.28
CA ASN A 480 28.25 16.56 8.98
C ASN A 480 29.32 16.82 10.05
N SER A 481 29.47 18.07 10.46
CA SER A 481 30.42 18.44 11.52
C SER A 481 29.97 17.93 12.88
N SER A 482 28.66 17.96 13.14
CA SER A 482 28.11 17.39 14.37
C SER A 482 28.54 15.93 14.53
N CYS A 483 28.50 15.19 13.44
CA CYS A 483 28.85 13.77 13.46
C CYS A 483 30.36 13.51 13.57
N THR A 484 31.17 14.25 12.80
CA THR A 484 32.60 13.96 12.66
C THR A 484 33.48 14.62 13.74
N ALA A 485 33.10 15.81 14.19
CA ALA A 485 33.89 16.59 15.14
C ALA A 485 33.09 16.85 16.42
N MET A 486 32.75 15.77 17.12
CA MET A 486 31.84 15.86 18.26
C MET A 486 32.36 16.71 19.44
N GLU A 487 33.67 16.72 19.64
CA GLU A 487 34.30 17.42 20.77
C GLU A 487 34.78 18.84 20.42
N GLU A 488 34.91 19.15 19.13
CA GLU A 488 35.48 20.43 18.70
C GLU A 488 34.42 21.52 18.58
N TYR A 489 34.78 22.76 18.90
CA TYR A 489 33.99 23.93 18.51
C TYR A 489 34.40 24.34 17.10
N GLN A 490 33.74 23.76 16.12
CA GLN A 490 34.12 23.94 14.71
C GLN A 490 33.43 25.17 14.13
N VAL A 491 34.16 25.93 13.32
CA VAL A 491 33.59 27.09 12.61
C VAL A 491 33.01 26.66 11.27
N ILE A 492 31.81 27.13 10.98
CA ILE A 492 31.14 26.90 9.71
C ILE A 492 30.78 28.27 9.17
N PRO A 493 31.37 28.66 8.03
CA PRO A 493 30.95 29.91 7.43
C PRO A 493 29.61 29.74 6.73
N ILE A 494 28.76 30.74 6.81
CA ILE A 494 27.46 30.72 6.12
C ILE A 494 27.71 31.18 4.68
N ILE A 495 27.73 30.22 3.76
CA ILE A 495 28.00 30.47 2.33
C ILE A 495 26.79 30.13 1.45
N THR A 496 26.59 30.89 0.38
CA THR A 496 25.84 30.42 -0.78
C THR A 496 26.59 30.78 -2.05
N LYS A 497 26.31 30.04 -3.12
CA LYS A 497 26.84 30.32 -4.46
C LYS A 497 25.66 30.63 -5.34
N CYS A 498 25.84 31.50 -6.32
CA CYS A 498 24.79 31.80 -7.30
C CYS A 498 25.36 32.43 -8.57
N ARG A 499 24.50 32.53 -9.57
CA ARG A 499 24.80 33.17 -10.84
C ARG A 499 23.87 34.38 -10.96
N ASP A 500 24.33 35.47 -11.58
CA ASP A 500 23.50 36.66 -11.82
C ASP A 500 22.53 36.41 -12.97
N THR A 501 21.67 37.39 -13.27
CA THR A 501 20.97 37.44 -14.55
C THR A 501 21.99 37.69 -15.66
N SER A 502 23.01 38.49 -15.37
CA SER A 502 24.14 38.74 -16.27
C SER A 502 25.08 37.55 -16.52
N GLY A 503 24.93 36.46 -15.75
CA GLY A 503 25.64 35.20 -16.01
C GLY A 503 26.82 34.91 -15.11
N GLN A 504 27.32 35.93 -14.40
CA GLN A 504 28.53 35.79 -13.57
C GLN A 504 28.28 34.96 -12.30
N ARG A 505 29.12 33.95 -12.09
CA ARG A 505 29.04 33.13 -10.88
C ARG A 505 29.70 33.84 -9.70
N ARG A 506 29.12 33.68 -8.51
CA ARG A 506 29.46 34.50 -7.34
C ARG A 506 29.36 33.68 -6.05
N THR A 507 30.27 33.93 -5.11
CA THR A 507 30.25 33.33 -3.78
C THR A 507 29.93 34.40 -2.72
N ASN A 508 28.88 34.17 -1.94
CA ASN A 508 28.42 35.10 -0.90
C ASN A 508 28.73 34.55 0.48
N LEU A 509 29.07 35.45 1.41
CA LEU A 509 29.32 35.10 2.81
C LEU A 509 28.42 35.95 3.68
N TYR A 510 27.59 35.30 4.49
CA TYR A 510 26.61 35.99 5.34
C TYR A 510 27.08 36.18 6.79
N GLY A 511 28.09 35.42 7.19
CA GLY A 511 28.47 35.33 8.59
C GLY A 511 29.09 33.99 8.92
N PHE A 512 29.09 33.64 10.20
CA PHE A 512 29.69 32.41 10.68
C PHE A 512 28.81 31.73 11.73
N ILE A 513 28.99 30.43 11.87
CA ILE A 513 28.34 29.63 12.90
C ILE A 513 29.43 28.85 13.63
N ILE A 514 29.38 28.88 14.96
CA ILE A 514 30.33 28.14 15.79
C ILE A 514 29.55 27.01 16.45
N LYS A 515 29.86 25.78 16.03
CA LYS A 515 29.18 24.58 16.52
C LYS A 515 29.69 24.27 17.92
N GLY A 516 28.79 24.00 18.86
CA GLY A 516 29.18 23.47 20.16
C GLY A 516 29.55 21.99 20.07
N ARG A 517 29.51 21.31 21.22
CA ARG A 517 29.65 19.85 21.24
C ARG A 517 28.38 19.24 20.70
N SER A 518 28.50 18.01 20.20
CA SER A 518 27.45 17.41 19.39
C SER A 518 27.42 15.90 19.55
N HIS A 519 27.35 15.44 20.80
CA HIS A 519 27.18 14.01 21.08
C HIS A 519 25.70 13.68 20.94
N LEU A 520 25.21 13.71 19.71
CA LEU A 520 23.79 13.62 19.44
C LEU A 520 23.38 12.16 19.29
N ARG A 521 22.63 11.67 20.27
CA ARG A 521 22.16 10.30 20.28
C ARG A 521 20.70 10.27 19.80
N ASN A 522 19.75 10.71 20.64
CA ASN A 522 18.35 10.83 20.21
C ASN A 522 18.21 11.83 19.08
N ASP A 523 17.17 11.63 18.27
CA ASP A 523 16.87 12.52 17.15
C ASP A 523 16.46 13.94 17.59
N THR A 524 16.01 14.11 18.84
CA THR A 524 15.72 15.43 19.43
C THR A 524 16.89 16.07 20.19
N ASP A 525 17.92 15.30 20.52
CA ASP A 525 19.11 15.83 21.22
C ASP A 525 19.61 17.11 20.55
N VAL A 526 20.01 18.08 21.36
CA VAL A 526 20.33 19.42 20.87
C VAL A 526 21.83 19.60 20.65
N VAL A 527 22.16 20.33 19.58
CA VAL A 527 23.50 20.93 19.40
C VAL A 527 23.33 22.40 19.67
N ASN A 528 24.15 22.95 20.55
CA ASN A 528 24.18 24.40 20.73
C ASN A 528 25.15 24.98 19.71
N PHE A 529 24.74 26.05 19.04
CA PHE A 529 25.66 26.82 18.23
C PHE A 529 25.49 28.31 18.48
N ILE A 530 26.46 29.08 17.97
CA ILE A 530 26.42 30.54 17.99
C ILE A 530 26.45 31.00 16.54
N SER A 531 25.49 31.84 16.16
CA SER A 531 25.44 32.41 14.82
C SER A 531 25.88 33.86 14.90
N LEU A 532 26.79 34.26 14.00
CA LEU A 532 27.28 35.64 13.94
C LEU A 532 27.07 36.16 12.52
N GLU A 533 25.99 36.91 12.33
CA GLU A 533 25.51 37.21 11.00
C GLU A 533 25.51 38.70 10.71
N PHE A 534 25.99 39.06 9.53
CA PHE A 534 26.07 40.46 9.10
C PHE A 534 24.68 41.02 8.84
N SER A 535 24.54 42.33 9.02
CA SER A 535 23.31 43.05 8.70
C SER A 535 23.54 44.55 8.64
N LEU A 536 22.72 45.23 7.85
CA LEU A 536 22.62 46.69 7.87
C LEU A 536 21.40 47.16 8.66
N THR A 537 20.61 46.22 9.18
CA THR A 537 19.40 46.57 9.92
C THR A 537 19.75 47.08 11.30
N ASP A 538 19.21 48.25 11.63
CA ASP A 538 19.32 48.80 12.98
C ASP A 538 18.32 48.04 13.86
N PRO A 539 18.83 47.30 14.88
CA PRO A 539 17.90 46.52 15.70
C PRO A 539 16.97 47.35 16.61
N ARG A 540 17.36 48.58 16.92
CA ARG A 540 16.58 49.43 17.82
C ARG A 540 15.24 49.89 17.22
N ASN A 541 15.15 49.90 15.90
CA ASN A 541 13.88 50.26 15.21
C ASN A 541 12.77 49.20 15.33
N GLU A 542 13.12 48.01 15.84
CA GLU A 542 12.15 46.92 15.99
C GLU A 542 12.74 45.93 17.00
N ILE A 543 13.00 46.43 18.20
CA ILE A 543 13.77 45.71 19.24
C ILE A 543 13.11 44.42 19.76
N HIS A 544 11.78 44.36 19.68
CA HIS A 544 11.02 43.14 20.00
C HIS A 544 11.35 41.95 19.07
N LYS A 545 11.70 42.22 17.82
CA LYS A 545 12.18 41.20 16.88
C LYS A 545 13.44 40.45 17.32
N TRP A 546 14.29 41.10 18.13
CA TRP A 546 15.64 40.62 18.40
C TRP A 546 15.91 40.17 19.84
N GLU A 547 14.86 39.86 20.60
CA GLU A 547 14.95 39.42 22.01
C GLU A 547 16.16 38.53 22.32
N LYS A 548 16.42 37.56 21.44
CA LYS A 548 17.45 36.53 21.70
C LYS A 548 18.86 36.93 21.26
N TYR A 549 18.96 38.04 20.52
CA TYR A 549 20.22 38.46 19.92
C TYR A 549 20.96 39.51 20.74
N CYS A 550 22.29 39.50 20.63
CA CYS A 550 23.15 40.60 21.06
C CYS A 550 23.78 41.20 19.82
N VAL A 551 23.35 42.41 19.44
CA VAL A 551 23.78 43.01 18.18
C VAL A 551 24.98 43.92 18.40
N LEU A 552 26.05 43.71 17.63
CA LEU A 552 27.25 44.53 17.66
C LEU A 552 27.27 45.47 16.47
N GLU A 553 28.01 46.56 16.58
CA GLU A 553 28.36 47.42 15.44
C GLU A 553 29.84 47.14 15.18
N ILE A 554 30.14 46.50 14.04
CA ILE A 554 31.50 45.99 13.76
C ILE A 554 32.23 46.71 12.60
N GLY A 555 31.58 47.64 11.92
CA GLY A 555 32.21 48.31 10.78
C GLY A 555 31.42 49.41 10.12
N ASP A 556 32.02 50.00 9.09
CA ASP A 556 31.38 50.99 8.25
C ASP A 556 31.62 50.62 6.78
N MET A 557 30.59 50.76 5.96
CA MET A 557 30.64 50.35 4.56
C MET A 557 30.26 51.54 3.68
N GLU A 558 31.08 51.80 2.66
CA GLU A 558 30.74 52.77 1.61
C GLU A 558 29.94 52.05 0.54
N ILE A 559 28.66 52.39 0.44
CA ILE A 559 27.72 51.73 -0.49
C ILE A 559 27.44 52.63 -1.69
N ARG A 560 27.57 52.08 -2.89
CA ARG A 560 27.41 52.82 -4.13
C ARG A 560 25.94 52.77 -4.55
N THR A 561 25.42 53.88 -5.06
CA THR A 561 24.01 54.00 -5.50
C THR A 561 23.95 54.58 -6.93
N SER A 562 22.90 55.35 -7.26
CA SER A 562 22.78 56.01 -8.56
C SER A 562 23.97 56.95 -8.83
N ILE A 563 24.02 58.08 -8.11
CA ILE A 563 25.10 59.07 -8.26
C ILE A 563 25.48 59.63 -6.88
N SER A 564 25.65 58.75 -5.89
CA SER A 564 26.04 59.16 -4.53
C SER A 564 26.46 57.97 -3.67
N THR A 565 27.71 57.98 -3.21
CA THR A 565 28.19 56.97 -2.27
C THR A 565 27.66 57.27 -0.86
N ILE A 566 26.99 56.29 -0.26
CA ILE A 566 26.37 56.40 1.07
C ILE A 566 27.20 55.60 2.07
N MET A 567 27.27 56.12 3.30
CA MET A 567 28.00 55.50 4.40
C MET A 567 26.98 54.95 5.38
N LYS A 568 27.01 53.63 5.59
CA LYS A 568 26.11 52.94 6.51
C LYS A 568 26.94 52.10 7.50
N PRO A 569 26.51 52.02 8.77
CA PRO A 569 27.18 51.13 9.71
C PRO A 569 26.77 49.67 9.49
N VAL A 570 27.69 48.77 9.81
CA VAL A 570 27.57 47.34 9.58
C VAL A 570 27.42 46.68 10.93
N TYR A 571 26.27 46.03 11.14
CA TYR A 571 25.98 45.33 12.40
C TYR A 571 26.32 43.85 12.28
N LEU A 572 26.46 43.21 13.44
CA LEU A 572 26.68 41.77 13.55
C LEU A 572 25.69 41.22 14.56
N TYR A 573 24.71 40.48 14.09
CA TYR A 573 23.68 39.92 14.95
C TYR A 573 24.21 38.62 15.50
N VAL A 574 24.55 38.62 16.79
CA VAL A 574 25.08 37.44 17.49
C VAL A 574 24.00 36.85 18.38
N ARG A 575 23.94 35.52 18.45
CA ARG A 575 23.04 34.83 19.35
C ARG A 575 23.46 33.40 19.54
N THR A 576 23.09 32.84 20.69
CA THR A 576 23.18 31.40 20.90
C THR A 576 21.90 30.79 20.34
N ASN A 577 22.02 29.61 19.74
CA ASN A 577 20.87 28.91 19.14
C ASN A 577 21.11 27.40 19.23
N GLY A 578 20.12 26.63 18.79
CA GLY A 578 20.19 25.18 18.90
C GLY A 578 19.39 24.45 17.83
N THR A 579 19.84 23.24 17.50
CA THR A 579 19.13 22.37 16.56
C THR A 579 19.39 20.91 16.89
N SER A 580 18.71 20.02 16.18
CA SER A 580 18.76 18.58 16.42
C SER A 580 18.96 17.81 15.12
N LYS A 581 19.30 16.52 15.25
CA LYS A 581 19.48 15.64 14.07
C LYS A 581 18.24 15.63 13.18
N ILE A 582 17.05 15.50 13.78
CA ILE A 582 15.82 15.52 13.01
C ILE A 582 15.59 16.89 12.34
N LYS A 583 15.82 17.97 13.07
CA LYS A 583 15.59 19.31 12.51
C LYS A 583 16.58 19.58 11.37
N MET A 584 17.83 19.18 11.57
CA MET A 584 18.85 19.26 10.51
C MET A 584 18.51 18.43 9.28
N LYS A 585 18.02 17.22 9.48
CA LYS A 585 17.59 16.36 8.37
C LYS A 585 16.59 17.09 7.49
N TRP A 586 15.54 17.64 8.09
CA TRP A 586 14.49 18.32 7.33
C TRP A 586 14.95 19.64 6.69
N GLY A 587 15.97 20.26 7.29
CA GLY A 587 16.59 21.45 6.71
C GLY A 587 17.40 21.10 5.48
N MET A 588 18.10 19.97 5.52
CA MET A 588 18.82 19.46 4.36
C MET A 588 17.90 19.15 3.18
N GLU A 589 16.66 18.80 3.46
CA GLU A 589 15.66 18.45 2.45
C GLU A 589 14.76 19.60 1.98
N MET A 590 15.10 20.86 2.28
CA MET A 590 14.16 21.99 2.06
C MET A 590 13.83 22.27 0.59
N ARG A 591 14.63 21.74 -0.34
CA ARG A 591 14.35 21.85 -1.76
C ARG A 591 13.00 21.25 -2.20
N ARG A 592 12.41 20.36 -1.41
CA ARG A 592 11.07 19.84 -1.75
C ARG A 592 9.97 20.90 -1.70
N CYS A 593 10.23 22.02 -1.04
CA CYS A 593 9.31 23.17 -1.09
C CYS A 593 9.04 23.59 -2.52
N LEU A 594 10.06 23.49 -3.37
CA LEU A 594 9.93 23.75 -4.83
C LEU A 594 8.82 22.90 -5.45
N LEU A 595 8.80 21.63 -5.05
CA LEU A 595 7.78 20.68 -5.53
C LEU A 595 6.36 21.04 -5.08
N GLN A 596 6.21 21.50 -3.84
CA GLN A 596 4.88 21.81 -3.30
C GLN A 596 4.23 22.94 -4.09
N SER A 597 5.00 24.01 -4.28
CA SER A 597 4.54 25.17 -5.03
C SER A 597 4.24 24.81 -6.49
N LEU A 598 5.23 24.22 -7.14
CA LEU A 598 5.16 24.00 -8.59
C LEU A 598 4.07 23.02 -9.05
N GLN A 599 3.75 21.98 -8.27
CA GLN A 599 2.64 21.10 -8.70
C GLN A 599 1.26 21.70 -8.46
N GLN A 600 1.13 22.60 -7.48
CA GLN A 600 -0.10 23.40 -7.34
C GLN A 600 -0.26 24.31 -8.56
N VAL A 601 0.82 25.00 -8.91
CA VAL A 601 0.81 25.90 -10.07
C VAL A 601 0.57 25.15 -11.38
N GLU A 602 1.27 24.04 -11.58
CA GLU A 602 1.16 23.26 -12.80
C GLU A 602 -0.25 22.67 -12.95
N SER A 603 -0.88 22.26 -11.85
CA SER A 603 -2.26 21.77 -11.87
C SER A 603 -3.25 22.86 -12.27
N MET A 604 -2.98 24.10 -11.86
CA MET A 604 -3.76 25.24 -12.31
C MET A 604 -3.59 25.48 -13.80
N ILE A 605 -2.34 25.49 -14.28
CA ILE A 605 -2.05 25.56 -15.73
C ILE A 605 -2.69 24.40 -16.49
N GLU A 606 -2.58 23.19 -15.94
CA GLU A 606 -3.15 22.01 -16.57
C GLU A 606 -4.68 21.97 -16.54
N ALA A 607 -5.30 22.49 -15.47
CA ALA A 607 -6.77 22.52 -15.34
C ALA A 607 -7.41 23.37 -16.44
N GLU A 608 -6.86 24.56 -16.68
CA GLU A 608 -7.31 25.40 -17.81
C GLU A 608 -6.95 24.79 -19.16
N SER A 609 -5.76 24.19 -19.26
CA SER A 609 -5.33 23.53 -20.51
C SER A 609 -6.31 22.46 -20.97
N ALA A 610 -6.86 21.71 -20.01
CA ALA A 610 -7.89 20.70 -20.30
C ALA A 610 -9.13 21.32 -20.95
N VAL A 611 -9.61 22.42 -20.35
CA VAL A 611 -10.81 23.13 -20.82
C VAL A 611 -10.53 23.82 -22.15
N LYS A 612 -9.41 24.53 -22.23
CA LYS A 612 -9.05 25.28 -23.44
C LYS A 612 -8.51 24.37 -24.56
N GLU A 613 -8.17 23.13 -24.22
CA GLU A 613 -7.68 22.12 -25.17
C GLU A 613 -6.41 22.56 -25.91
N LYS A 614 -5.49 23.13 -25.16
CA LYS A 614 -4.20 23.59 -25.67
C LYS A 614 -3.28 23.85 -24.47
N ASP A 615 -1.98 23.83 -24.70
CA ASP A 615 -1.03 24.10 -23.63
C ASP A 615 -1.12 25.58 -23.23
N MET A 616 -1.71 25.83 -22.06
CA MET A 616 -1.85 27.19 -21.54
C MET A 616 -0.64 27.68 -20.74
N THR A 617 0.49 26.98 -20.84
CA THR A 617 1.72 27.40 -20.17
C THR A 617 2.15 28.79 -20.62
N GLU A 618 2.32 28.97 -21.93
CA GLU A 618 2.85 30.23 -22.48
C GLU A 618 1.91 31.41 -22.24
N PRO A 619 0.60 31.24 -22.53
CA PRO A 619 -0.33 32.32 -22.18
C PRO A 619 -0.30 32.76 -20.72
N PHE A 620 -0.23 31.82 -19.79
CA PHE A 620 -0.29 32.14 -18.35
C PHE A 620 0.89 32.98 -17.89
N PHE A 621 2.09 32.66 -18.34
CA PHE A 621 3.28 33.40 -17.94
C PHE A 621 3.46 34.73 -18.66
N ARG A 622 3.15 34.78 -19.96
CA ARG A 622 3.43 35.95 -20.79
C ARG A 622 2.26 36.95 -20.85
N ASN A 623 1.02 36.48 -20.86
CA ASN A 623 -0.15 37.37 -20.77
C ASN A 623 -0.39 37.73 -19.30
N ARG A 624 -1.33 38.64 -19.07
CA ARG A 624 -1.75 39.02 -17.72
C ARG A 624 -3.27 39.00 -17.56
N GLU A 625 -3.94 38.20 -18.40
CA GLU A 625 -5.40 38.06 -18.39
C GLU A 625 -5.84 37.16 -17.23
N ASN A 626 -5.02 36.15 -16.94
CA ASN A 626 -5.25 35.23 -15.83
C ASN A 626 -4.54 35.79 -14.58
N ASP A 627 -5.29 35.99 -13.50
CA ASP A 627 -4.70 36.44 -12.23
C ASP A 627 -5.53 36.06 -10.99
N TRP A 628 -4.82 35.80 -9.89
CA TRP A 628 -5.42 35.25 -8.67
C TRP A 628 -5.21 36.20 -7.51
N PRO A 629 -6.20 36.30 -6.59
CA PRO A 629 -5.98 37.11 -5.40
C PRO A 629 -4.87 36.55 -4.52
N ILE A 630 -3.88 37.36 -4.18
CA ILE A 630 -2.78 36.95 -3.29
C ILE A 630 -2.32 38.01 -2.27
N GLY A 631 -3.10 39.07 -2.07
CA GLY A 631 -2.73 40.08 -1.09
C GLY A 631 -3.71 41.23 -0.93
N GLU A 632 -3.44 42.06 0.07
CA GLU A 632 -4.26 43.22 0.42
C GLU A 632 -3.38 44.47 0.58
N SER A 633 -3.70 45.50 -0.20
CA SER A 633 -3.22 46.86 0.03
C SER A 633 -4.41 47.70 0.50
N PRO A 634 -4.18 48.98 0.90
CA PRO A 634 -5.31 49.85 1.24
C PRO A 634 -6.31 50.04 0.09
N GLN A 635 -5.81 50.05 -1.15
CA GLN A 635 -6.67 50.11 -2.35
C GLN A 635 -7.70 48.96 -2.39
N GLY A 636 -7.27 47.77 -1.96
CA GLY A 636 -8.15 46.61 -1.86
C GLY A 636 -7.42 45.29 -2.00
N ILE A 637 -8.13 44.28 -2.52
CA ILE A 637 -7.55 42.96 -2.75
C ILE A 637 -6.74 42.99 -4.04
N GLU A 638 -5.42 42.86 -3.90
CA GLU A 638 -4.50 42.84 -5.04
C GLU A 638 -4.37 41.44 -5.63
N LYS A 639 -4.49 41.34 -6.96
CA LYS A 639 -4.31 40.09 -7.70
C LYS A 639 -2.90 39.98 -8.28
N GLY A 640 -2.37 38.76 -8.34
CA GLY A 640 -1.05 38.47 -8.91
C GLY A 640 -1.15 37.49 -10.07
N THR A 641 -0.12 37.49 -10.92
CA THR A 641 -0.03 36.56 -12.05
C THR A 641 0.41 35.17 -11.57
N ILE A 642 0.41 34.19 -12.47
CA ILE A 642 0.81 32.81 -12.12
C ILE A 642 2.25 32.74 -11.57
N GLY A 643 3.14 33.56 -12.12
CA GLY A 643 4.50 33.69 -11.62
C GLY A 643 4.54 34.13 -10.17
N LYS A 644 3.73 35.14 -9.83
CA LYS A 644 3.65 35.66 -8.47
C LYS A 644 3.06 34.60 -7.54
N VAL A 645 1.95 34.00 -7.97
CA VAL A 645 1.34 32.89 -7.23
C VAL A 645 2.36 31.80 -6.90
N CYS A 646 3.17 31.43 -7.91
CA CYS A 646 4.21 30.43 -7.71
C CYS A 646 5.18 30.79 -6.58
N ARG A 647 5.68 32.03 -6.60
CA ARG A 647 6.63 32.51 -5.57
C ARG A 647 5.99 32.68 -4.17
N VAL A 648 4.72 33.09 -4.12
CA VAL A 648 3.99 33.17 -2.83
C VAL A 648 3.79 31.77 -2.25
N LEU A 649 3.39 30.82 -3.11
CA LEU A 649 3.25 29.44 -2.67
C LEU A 649 4.60 28.82 -2.27
N LEU A 650 5.66 29.16 -2.99
CA LEU A 650 7.01 28.73 -2.61
C LEU A 650 7.41 29.31 -1.26
N ALA A 651 7.10 30.58 -1.02
CA ALA A 651 7.41 31.23 0.27
C ALA A 651 6.67 30.58 1.43
N LYS A 652 5.39 30.31 1.21
CA LYS A 652 4.56 29.61 2.21
C LYS A 652 5.20 28.30 2.63
N SER A 653 5.58 27.49 1.62
CA SER A 653 6.15 26.18 1.86
C SER A 653 7.50 26.29 2.56
N VAL A 654 8.33 27.24 2.13
CA VAL A 654 9.61 27.50 2.78
C VAL A 654 9.41 27.95 4.23
N PHE A 655 8.44 28.82 4.48
CA PHE A 655 8.19 29.29 5.85
C PHE A 655 7.63 28.19 6.76
N ASN A 656 6.81 27.29 6.19
CA ASN A 656 6.38 26.08 6.90
C ASN A 656 7.58 25.25 7.34
N SER A 657 8.64 25.24 6.54
CA SER A 657 9.87 24.48 6.86
C SER A 657 10.74 25.22 7.88
N ILE A 658 10.96 26.52 7.67
CA ILE A 658 11.73 27.36 8.61
C ILE A 658 11.06 27.46 9.99
N TYR A 659 9.73 27.56 10.03
CA TYR A 659 8.97 27.71 11.28
C TYR A 659 8.03 26.52 11.54
N ALA A 660 8.56 25.31 11.39
CA ALA A 660 7.81 24.09 11.71
C ALA A 660 7.52 24.05 13.21
N SER A 661 6.30 23.63 13.58
CA SER A 661 5.88 23.52 14.98
C SER A 661 4.58 22.70 15.14
N ALA A 662 4.42 22.07 16.29
CA ALA A 662 3.16 21.40 16.65
C ALA A 662 1.96 22.35 16.58
N GLN A 663 2.21 23.63 16.86
CA GLN A 663 1.19 24.67 16.72
C GLN A 663 0.71 24.78 15.28
N LEU A 664 1.65 24.88 14.34
CA LEU A 664 1.34 24.87 12.92
C LEU A 664 0.62 23.58 12.48
N GLU A 665 1.07 22.43 12.98
CA GLU A 665 0.43 21.15 12.65
C GLU A 665 -1.03 21.15 13.05
N GLY A 666 -1.27 21.49 14.31
CA GLY A 666 -2.62 21.56 14.87
C GLY A 666 -3.48 22.59 14.19
N PHE A 667 -2.93 23.81 14.06
CA PHE A 667 -3.67 24.90 13.41
C PHE A 667 -4.07 24.55 11.99
N SER A 668 -3.14 23.94 11.24
CA SER A 668 -3.36 23.66 9.81
C SER A 668 -4.43 22.60 9.62
N ALA A 669 -4.38 21.57 10.45
CA ALA A 669 -5.32 20.46 10.38
C ALA A 669 -6.74 20.85 10.77
N GLU A 670 -6.88 21.62 11.86
CA GLU A 670 -8.19 22.00 12.38
C GLU A 670 -8.86 23.12 11.58
N SER A 671 -8.10 24.13 11.20
CA SER A 671 -8.63 25.22 10.38
C SER A 671 -9.02 24.79 8.96
N ARG A 672 -8.48 23.67 8.47
CA ARG A 672 -8.87 23.11 7.18
C ARG A 672 -10.35 22.73 7.16
N LYS A 673 -10.83 22.21 8.29
CA LYS A 673 -12.25 21.90 8.45
C LYS A 673 -13.10 23.16 8.29
N LEU A 674 -12.70 24.25 8.94
CA LEU A 674 -13.46 25.51 8.87
C LEU A 674 -13.47 26.08 7.44
N LEU A 675 -12.32 26.00 6.76
CA LEU A 675 -12.22 26.39 5.34
C LEU A 675 -13.15 25.57 4.45
N LEU A 676 -13.24 24.26 4.71
CA LEU A 676 -14.07 23.37 3.90
C LEU A 676 -15.56 23.63 4.13
N LEU A 677 -15.93 23.95 5.38
CA LEU A 677 -17.28 24.42 5.68
C LEU A 677 -17.61 25.71 4.95
N ILE A 678 -16.69 26.68 4.97
CA ILE A 678 -16.84 27.90 4.18
C ILE A 678 -17.00 27.58 2.69
N GLN A 679 -16.19 26.67 2.17
CA GLN A 679 -16.27 26.26 0.77
C GLN A 679 -17.62 25.60 0.47
N ALA A 680 -18.07 24.72 1.36
CA ALA A 680 -19.36 24.05 1.22
C ALA A 680 -20.49 25.07 1.12
N PHE A 681 -20.45 26.08 1.97
CA PHE A 681 -21.45 27.17 1.93
C PHE A 681 -21.41 27.92 0.60
N ARG A 682 -20.20 28.21 0.13
CA ARG A 682 -20.02 28.95 -1.11
C ARG A 682 -20.36 28.10 -2.36
N ASP A 683 -20.34 26.78 -2.23
CA ASP A 683 -20.85 25.86 -3.26
C ASP A 683 -22.37 25.62 -3.22
N ASN A 684 -23.08 26.31 -2.32
CA ASN A 684 -24.54 26.22 -2.21
C ASN A 684 -24.95 24.81 -1.77
N LEU A 685 -24.15 24.21 -0.88
CA LEU A 685 -24.36 22.83 -0.43
C LEU A 685 -24.94 22.71 0.99
N ASP A 686 -25.39 23.82 1.56
CA ASP A 686 -26.15 23.81 2.82
C ASP A 686 -25.36 23.08 3.92
N PRO A 687 -24.19 23.62 4.30
CA PRO A 687 -23.37 22.95 5.29
C PRO A 687 -23.96 23.03 6.69
N GLY A 688 -23.56 22.09 7.54
CA GLY A 688 -24.02 22.01 8.93
C GLY A 688 -22.92 21.58 9.88
N THR A 689 -22.83 22.27 11.01
CA THR A 689 -21.91 21.90 12.09
C THR A 689 -22.69 21.24 13.22
N PHE A 690 -22.00 20.43 14.02
CA PHE A 690 -22.59 19.84 15.20
C PHE A 690 -22.15 20.59 16.47
N ASP A 691 -20.84 20.78 16.63
CA ASP A 691 -20.26 21.56 17.73
C ASP A 691 -19.24 22.56 17.15
N LEU A 692 -19.74 23.67 16.61
CA LEU A 692 -18.88 24.69 16.01
C LEU A 692 -17.97 25.38 17.03
N LYS A 693 -18.46 25.56 18.26
CA LYS A 693 -17.65 26.12 19.34
C LYS A 693 -16.43 25.23 19.65
N GLY A 694 -16.63 23.92 19.64
CA GLY A 694 -15.56 22.96 19.86
C GLY A 694 -14.46 23.00 18.80
N LEU A 695 -14.84 23.21 17.54
CA LEU A 695 -13.88 23.34 16.44
C LEU A 695 -13.06 24.61 16.60
N TYR A 696 -13.73 25.74 16.89
CA TYR A 696 -13.02 27.00 17.18
C TYR A 696 -12.02 26.84 18.32
N GLU A 697 -12.37 26.06 19.34
CA GLU A 697 -11.45 25.80 20.45
C GLU A 697 -10.28 24.93 20.02
N ALA A 698 -10.52 23.93 19.17
CA ALA A 698 -9.46 23.08 18.61
C ALA A 698 -8.44 23.91 17.82
N ILE A 699 -8.95 24.86 17.03
CA ILE A 699 -8.10 25.77 16.25
C ILE A 699 -7.34 26.73 17.19
N GLU A 700 -8.10 27.48 18.00
CA GLU A 700 -7.53 28.55 18.84
C GLU A 700 -6.54 28.05 19.91
N GLU A 701 -6.75 26.84 20.37
CA GLU A 701 -5.82 26.14 21.26
C GLU A 701 -4.39 26.06 20.69
N CYS A 702 -4.27 25.94 19.37
CA CYS A 702 -2.97 25.83 18.69
C CYS A 702 -2.25 27.15 18.40
N ILE A 703 -2.97 28.28 18.51
CA ILE A 703 -2.37 29.61 18.26
C ILE A 703 -1.80 30.14 19.57
N ILE A 704 -0.56 29.76 19.88
CA ILE A 704 0.05 30.07 21.17
C ILE A 704 1.09 31.20 21.07
N ASN A 705 2.24 30.95 20.46
CA ASN A 705 3.36 31.93 20.42
C ASN A 705 4.22 32.00 19.14
N ASP A 706 3.89 31.23 18.09
CA ASP A 706 4.75 31.15 16.92
C ASP A 706 4.37 32.22 15.90
N PRO A 707 5.36 33.04 15.47
CA PRO A 707 5.05 34.11 14.50
C PRO A 707 4.37 33.60 13.24
N TRP A 708 4.84 32.47 12.72
CA TRP A 708 4.31 31.91 11.49
C TRP A 708 2.87 31.45 11.68
N VAL A 709 2.59 30.72 12.76
CA VAL A 709 1.21 30.27 13.04
C VAL A 709 0.29 31.46 13.39
N LEU A 710 0.83 32.44 14.11
CA LEU A 710 0.12 33.68 14.37
C LEU A 710 -0.30 34.39 13.08
N LEU A 711 0.63 34.51 12.15
CA LEU A 711 0.37 35.17 10.86
C LEU A 711 -0.63 34.41 10.01
N ASN A 712 -0.55 33.07 10.03
CA ASN A 712 -1.53 32.23 9.34
C ASN A 712 -2.94 32.38 9.93
N ALA A 713 -3.03 32.54 11.25
CA ALA A 713 -4.32 32.78 11.91
C ALA A 713 -4.91 34.12 11.45
N SER A 714 -4.08 35.16 11.48
CA SER A 714 -4.43 36.46 10.91
C SER A 714 -4.86 36.36 9.45
N TRP A 715 -4.10 35.61 8.65
CA TRP A 715 -4.44 35.40 7.24
C TRP A 715 -5.81 34.78 7.04
N PHE A 716 -6.17 33.83 7.90
CA PHE A 716 -7.49 33.23 7.87
C PHE A 716 -8.60 34.25 8.12
N ASN A 717 -8.42 35.09 9.14
CA ASN A 717 -9.38 36.16 9.46
C ASN A 717 -9.54 37.15 8.29
N SER A 718 -8.42 37.55 7.69
CA SER A 718 -8.43 38.44 6.52
C SER A 718 -9.20 37.83 5.36
N PHE A 719 -8.98 36.53 5.16
CA PHE A 719 -9.71 35.75 4.16
C PHE A 719 -11.21 35.65 4.48
N LEU A 720 -11.51 35.36 5.74
CA LEU A 720 -12.91 35.31 6.22
C LEU A 720 -13.62 36.63 5.96
N LYS A 721 -12.96 37.73 6.31
CA LYS A 721 -13.54 39.07 6.14
C LYS A 721 -13.76 39.41 4.66
N ALA A 722 -12.80 39.07 3.81
CA ALA A 722 -12.91 39.26 2.36
C ALA A 722 -14.06 38.46 1.73
N VAL A 723 -14.31 37.25 2.25
CA VAL A 723 -15.40 36.39 1.78
C VAL A 723 -16.76 36.97 2.18
N GLN A 724 -16.87 37.41 3.43
CA GLN A 724 -18.06 38.11 3.94
C GLN A 724 -18.45 39.33 3.08
N LEU A 725 -17.47 40.14 2.69
CA LEU A 725 -17.72 41.35 1.90
C LEU A 725 -18.24 41.05 0.48
N SER A 726 -17.61 40.11 -0.22
CA SER A 726 -18.05 39.77 -1.59
C SER A 726 -19.48 39.22 -1.62
N MET A 727 -19.88 38.55 -0.55
CA MET A 727 -21.26 38.06 -0.41
C MET A 727 -22.21 39.18 0.02
N GLY A 728 -22.08 39.64 1.27
CA GLY A 728 -23.02 40.62 1.85
C GLY A 728 -24.33 39.99 2.29
N SER A 729 -25.30 40.82 2.67
CA SER A 729 -26.58 40.31 3.14
C SER A 729 -27.48 39.93 2.00
N GLY A 730 -28.47 39.09 2.29
CA GLY A 730 -29.42 38.65 1.29
C GLY A 730 -29.63 37.16 1.31
N SER A 731 -30.71 36.72 0.68
CA SER A 731 -31.03 35.30 0.60
C SER A 731 -30.40 34.69 -0.65
N GLY A 732 -29.92 35.56 -1.55
CA GLY A 732 -29.28 35.16 -2.78
C GLY A 732 -28.03 35.97 -2.97
N GLU A 733 -27.07 35.77 -2.06
CA GLU A 733 -25.80 36.49 -2.09
C GLU A 733 -24.93 36.12 -3.28
N ASN A 734 -24.00 37.00 -3.65
CA ASN A 734 -23.11 36.77 -4.77
C ASN A 734 -22.02 35.79 -4.39
N LEU A 735 -22.24 34.53 -4.70
CA LEU A 735 -21.28 33.48 -4.38
C LEU A 735 -19.98 33.69 -5.16
N TYR A 736 -20.10 34.20 -6.37
CA TYR A 736 -18.93 34.48 -7.22
C TYR A 736 -18.13 35.67 -6.70
N PHE A 737 -16.81 35.63 -6.86
CA PHE A 737 -15.93 36.65 -6.27
C PHE A 737 -16.03 38.02 -6.97
N GLN A 738 -15.46 38.16 -8.16
CA GLN A 738 -15.45 39.43 -8.90
C GLN A 738 -15.50 39.20 -10.41
N MET B 10 1.50 46.45 -0.32
CA MET B 10 0.72 45.17 -0.34
C MET B 10 1.29 44.14 0.63
N ASP B 11 0.43 43.64 1.52
CA ASP B 11 0.76 42.48 2.36
C ASP B 11 0.32 41.22 1.60
N VAL B 12 1.23 40.27 1.46
CA VAL B 12 0.93 39.01 0.73
C VAL B 12 0.21 38.06 1.68
N ASN B 13 -0.89 37.49 1.21
CA ASN B 13 -1.70 36.50 1.94
C ASN B 13 -2.08 35.35 0.98
N PRO B 14 -1.47 34.15 1.16
CA PRO B 14 -1.83 32.99 0.33
C PRO B 14 -3.27 32.50 0.46
N MET B 15 -3.89 32.74 1.63
CA MET B 15 -5.28 32.31 1.89
C MET B 15 -6.29 32.95 0.95
N LEU B 16 -5.96 34.14 0.42
CA LEU B 16 -6.86 34.84 -0.50
C LEU B 16 -6.98 34.14 -1.86
N ILE B 17 -6.08 33.21 -2.18
CA ILE B 17 -6.23 32.34 -3.36
C ILE B 17 -7.58 31.61 -3.34
N PHE B 18 -8.04 31.24 -2.13
CA PHE B 18 -9.34 30.55 -1.96
C PHE B 18 -10.58 31.36 -2.36
N LEU B 19 -10.44 32.67 -2.54
CA LEU B 19 -11.50 33.48 -3.14
C LEU B 19 -11.84 33.02 -4.56
N LYS B 20 -10.81 32.71 -5.35
CA LYS B 20 -11.01 32.22 -6.72
C LYS B 20 -11.00 30.71 -6.80
N VAL B 21 -9.98 30.09 -6.24
CA VAL B 21 -9.76 28.63 -6.37
C VAL B 21 -10.47 27.89 -5.23
N PRO B 22 -11.30 26.88 -5.56
CA PRO B 22 -11.92 26.09 -4.50
C PRO B 22 -10.91 25.47 -3.55
N VAL B 23 -11.32 25.23 -2.30
CA VAL B 23 -10.41 24.80 -1.25
C VAL B 23 -9.86 23.40 -1.54
N GLN B 24 -10.68 22.52 -2.12
CA GLN B 24 -10.20 21.20 -2.50
C GLN B 24 -9.16 21.27 -3.62
N ASN B 25 -9.40 22.14 -4.60
CA ASN B 25 -8.49 22.32 -5.74
C ASN B 25 -7.16 22.99 -5.39
N ALA B 26 -7.10 23.71 -4.27
CA ALA B 26 -5.84 24.28 -3.80
C ALA B 26 -5.50 23.81 -2.39
N ILE B 27 -5.91 22.57 -2.08
CA ILE B 27 -5.76 21.99 -0.74
C ILE B 27 -4.31 21.77 -0.31
N SER B 28 -3.41 21.63 -1.28
CA SER B 28 -1.97 21.47 -1.03
C SER B 28 -1.36 22.60 -0.20
N THR B 29 -1.91 23.80 -0.34
CA THR B 29 -1.45 24.96 0.43
C THR B 29 -1.76 24.89 1.95
N THR B 30 -2.66 23.98 2.34
CA THR B 30 -3.01 23.79 3.77
C THR B 30 -2.32 22.61 4.44
N PHE B 31 -1.30 22.01 3.79
CA PHE B 31 -0.58 20.85 4.31
C PHE B 31 0.90 21.21 4.49
N PRO B 32 1.34 21.49 5.73
CA PRO B 32 2.68 22.02 5.96
C PRO B 32 3.75 20.94 6.11
N TYR B 33 3.80 20.03 5.15
CA TYR B 33 4.53 18.76 5.29
C TYR B 33 5.96 18.79 4.68
N THR B 34 6.56 19.98 4.55
CA THR B 34 7.98 20.13 4.23
C THR B 34 8.82 20.50 5.46
N GLY B 35 8.21 20.58 6.64
CA GLY B 35 8.93 20.86 7.90
C GLY B 35 8.96 19.65 8.80
N ASP B 36 9.93 19.62 9.71
CA ASP B 36 10.01 18.52 10.68
C ASP B 36 8.73 18.38 11.51
N PRO B 37 8.14 17.16 11.60
CA PRO B 37 6.93 16.97 12.38
C PRO B 37 7.24 16.94 13.88
N PRO B 38 6.20 16.99 14.75
CA PRO B 38 6.47 16.99 16.19
C PRO B 38 7.08 15.71 16.74
N TYR B 39 8.04 15.87 17.64
CA TYR B 39 8.65 14.77 18.37
C TYR B 39 8.43 14.96 19.87
N SER B 40 8.21 13.86 20.56
CA SER B 40 8.20 13.84 22.01
C SER B 40 9.64 13.80 22.48
N HIS B 41 9.94 14.57 23.53
CA HIS B 41 11.22 14.51 24.22
C HIS B 41 10.94 13.92 25.60
N GLY B 42 11.78 13.00 26.05
CA GLY B 42 11.61 12.37 27.36
C GLY B 42 10.53 11.30 27.39
N THR B 43 9.87 11.14 28.55
CA THR B 43 9.00 9.99 28.79
C THR B 43 7.57 10.17 28.34
N GLY B 44 6.91 9.03 28.10
CA GLY B 44 5.50 8.98 27.75
C GLY B 44 4.60 8.55 28.89
N THR B 45 5.15 8.45 30.10
CA THR B 45 4.40 8.05 31.28
C THR B 45 3.23 9.00 31.57
N GLY B 46 3.46 10.30 31.42
CA GLY B 46 2.39 11.28 31.49
C GLY B 46 1.22 10.99 30.57
N TYR B 47 1.52 10.58 29.35
CA TYR B 47 0.49 10.27 28.35
C TYR B 47 -0.18 8.92 28.65
N THR B 48 0.59 7.92 29.07
CA THR B 48 0.02 6.60 29.38
C THR B 48 -0.99 6.67 30.53
N MET B 49 -0.68 7.47 31.55
CA MET B 49 -1.59 7.71 32.67
C MET B 49 -2.84 8.49 32.23
N ASP B 50 -2.64 9.58 31.48
CA ASP B 50 -3.74 10.31 30.82
C ASP B 50 -4.73 9.37 30.13
N THR B 51 -4.21 8.45 29.34
CA THR B 51 -5.03 7.51 28.57
C THR B 51 -5.78 6.54 29.48
N VAL B 52 -5.06 5.98 30.45
CA VAL B 52 -5.63 5.05 31.41
C VAL B 52 -6.71 5.72 32.28
N ILE B 53 -6.44 6.94 32.73
CA ILE B 53 -7.43 7.73 33.49
C ILE B 53 -8.67 8.05 32.64
N ARG B 54 -8.46 8.57 31.44
CA ARG B 54 -9.56 8.96 30.55
C ARG B 54 -10.40 7.74 30.15
N THR B 55 -9.73 6.63 29.84
CA THR B 55 -10.41 5.38 29.50
C THR B 55 -11.42 5.00 30.58
N HIS B 56 -10.99 5.05 31.84
CA HIS B 56 -11.86 4.74 32.98
C HIS B 56 -12.94 5.80 33.24
N ASP B 57 -12.64 7.08 32.99
CA ASP B 57 -13.65 8.15 33.12
C ASP B 57 -14.86 7.93 32.18
N TYR B 58 -14.61 7.48 30.96
CA TYR B 58 -15.67 7.25 29.97
C TYR B 58 -16.53 6.03 30.31
N SER B 59 -15.97 5.14 31.14
CA SER B 59 -16.64 3.93 31.61
C SER B 59 -16.97 3.95 33.11
N SER B 60 -16.96 5.14 33.72
CA SER B 60 -16.97 5.30 35.20
C SER B 60 -18.23 4.82 35.91
N ARG B 61 -19.38 4.85 35.22
CA ARG B 61 -20.64 4.37 35.80
C ARG B 61 -20.76 2.83 35.82
N GLY B 62 -19.78 2.11 35.26
CA GLY B 62 -19.76 0.65 35.25
C GLY B 62 -19.48 -0.02 36.58
N ILE B 63 -19.13 -1.30 36.50
CA ILE B 63 -19.11 -2.22 37.66
C ILE B 63 -17.67 -2.72 37.96
N TRP B 64 -17.10 -2.25 39.07
CA TRP B 64 -15.75 -2.63 39.50
C TRP B 64 -15.72 -4.03 40.11
N LYS B 65 -14.69 -4.81 39.77
CA LYS B 65 -14.51 -6.16 40.32
C LYS B 65 -13.03 -6.55 40.30
N THR B 66 -12.55 -7.08 41.43
CA THR B 66 -11.14 -7.50 41.57
C THR B 66 -10.95 -8.86 40.91
N ASN B 67 -9.85 -9.02 40.19
CA ASN B 67 -9.59 -10.25 39.42
C ASN B 67 -9.06 -11.36 40.32
N SER B 68 -9.55 -12.58 40.09
CA SER B 68 -9.16 -13.77 40.87
C SER B 68 -7.69 -14.12 40.77
N GLU B 69 -7.12 -13.96 39.58
CA GLU B 69 -5.77 -14.44 39.27
C GLU B 69 -4.67 -13.38 39.42
N THR B 70 -4.97 -12.15 39.01
CA THR B 70 -4.01 -11.04 39.05
C THR B 70 -4.20 -10.09 40.24
N GLY B 71 -5.45 -9.95 40.71
CA GLY B 71 -5.78 -8.97 41.74
C GLY B 71 -5.96 -7.55 41.20
N ALA B 72 -6.06 -7.42 39.88
CA ALA B 72 -6.22 -6.13 39.21
C ALA B 72 -7.64 -5.65 39.34
N GLN B 73 -7.83 -4.35 39.56
CA GLN B 73 -9.17 -3.77 39.70
C GLN B 73 -9.75 -3.40 38.33
N GLN B 74 -10.76 -4.15 37.91
CA GLN B 74 -11.23 -4.16 36.53
C GLN B 74 -12.61 -3.51 36.40
N LEU B 75 -12.71 -2.47 35.56
CA LEU B 75 -13.98 -1.77 35.32
C LEU B 75 -14.69 -2.40 34.11
N ASN B 76 -15.97 -2.72 34.30
CA ASN B 76 -16.84 -3.26 33.24
C ASN B 76 -18.00 -2.28 32.99
N PRO B 77 -17.96 -1.54 31.87
CA PRO B 77 -19.05 -0.61 31.54
C PRO B 77 -20.17 -1.18 30.65
N ILE B 78 -19.97 -2.36 30.07
CA ILE B 78 -20.91 -2.85 29.07
C ILE B 78 -22.20 -3.35 29.71
N ASP B 79 -23.29 -3.22 28.94
CA ASP B 79 -24.66 -3.38 29.44
C ASP B 79 -24.90 -2.52 30.69
N GLY B 80 -24.23 -1.36 30.73
CA GLY B 80 -24.27 -0.47 31.88
C GLY B 80 -25.37 0.54 31.68
N PRO B 81 -25.37 1.61 32.49
CA PRO B 81 -26.41 2.64 32.31
C PRO B 81 -26.23 3.37 30.99
N LEU B 82 -27.35 3.66 30.33
CA LEU B 82 -27.34 4.39 29.06
C LEU B 82 -26.86 5.82 29.29
N PRO B 83 -26.08 6.39 28.36
CA PRO B 83 -25.55 7.74 28.54
C PRO B 83 -26.65 8.82 28.53
N GLU B 84 -26.42 9.91 29.25
CA GLU B 84 -27.38 11.03 29.31
C GLU B 84 -26.80 12.37 28.82
N ASP B 85 -25.62 12.33 28.20
CA ASP B 85 -25.02 13.48 27.52
C ASP B 85 -24.23 13.02 26.29
N ASN B 86 -23.71 13.97 25.53
CA ASN B 86 -22.92 13.70 24.33
C ASN B 86 -21.42 13.47 24.57
N GLU B 87 -20.99 13.43 25.84
CA GLU B 87 -19.58 13.21 26.16
C GLU B 87 -19.16 11.80 25.77
N PRO B 88 -17.84 11.54 25.64
CA PRO B 88 -17.41 10.23 25.18
C PRO B 88 -17.80 9.13 26.16
N SER B 89 -18.65 8.21 25.73
CA SER B 89 -19.13 7.11 26.57
C SER B 89 -18.64 5.76 26.02
N GLY B 90 -18.53 4.78 26.91
CA GLY B 90 -18.17 3.41 26.56
C GLY B 90 -19.14 2.37 27.11
N TYR B 91 -20.42 2.73 27.16
CA TYR B 91 -21.46 1.86 27.70
C TYR B 91 -22.13 1.14 26.54
N ALA B 92 -21.36 0.26 25.91
CA ALA B 92 -21.83 -0.57 24.81
C ALA B 92 -22.80 -1.62 25.35
N GLN B 93 -23.85 -1.90 24.59
CA GLN B 93 -24.90 -2.82 24.99
C GLN B 93 -24.78 -4.09 24.16
N THR B 94 -24.42 -5.19 24.82
CA THR B 94 -24.24 -6.51 24.18
C THR B 94 -25.35 -6.90 23.19
N ASP B 95 -26.60 -6.67 23.55
CA ASP B 95 -27.74 -7.05 22.70
C ASP B 95 -27.81 -6.20 21.43
N CYS B 96 -27.52 -4.91 21.57
CA CYS B 96 -27.45 -4.00 20.41
C CYS B 96 -26.30 -4.36 19.45
N VAL B 97 -25.19 -4.85 20.01
CA VAL B 97 -24.05 -5.27 19.19
C VAL B 97 -24.46 -6.49 18.39
N LEU B 98 -24.92 -7.52 19.10
CA LEU B 98 -25.37 -8.77 18.47
C LEU B 98 -26.47 -8.60 17.41
N GLU B 99 -27.36 -7.62 17.61
CA GLU B 99 -28.36 -7.27 16.59
C GLU B 99 -27.67 -6.79 15.30
N LEU B 100 -26.71 -5.89 15.44
CA LEU B 100 -25.97 -5.37 14.27
C LEU B 100 -25.13 -6.45 13.58
N ILE B 101 -24.52 -7.35 14.36
CA ILE B 101 -23.71 -8.43 13.81
C ILE B 101 -24.60 -9.48 13.14
N GLU B 102 -25.80 -9.70 13.69
CA GLU B 102 -26.82 -10.52 13.05
C GLU B 102 -27.31 -9.89 11.75
N GLY B 103 -27.55 -8.58 11.79
CA GLY B 103 -27.92 -7.82 10.59
C GLY B 103 -26.90 -7.96 9.48
N LEU B 104 -25.62 -7.95 9.87
CA LEU B 104 -24.51 -8.14 8.94
C LEU B 104 -24.51 -9.54 8.34
N ASP B 105 -24.81 -10.54 9.17
CA ASP B 105 -24.92 -11.93 8.73
C ASP B 105 -26.08 -12.15 7.73
N ARG B 106 -27.25 -11.56 8.01
CA ARG B 106 -28.40 -11.62 7.09
C ARG B 106 -28.12 -11.00 5.73
N SER B 107 -27.55 -9.79 5.75
CA SER B 107 -27.26 -9.04 4.53
C SER B 107 -26.17 -9.67 3.64
N HIS B 108 -25.30 -10.51 4.21
CA HIS B 108 -24.24 -11.19 3.46
C HIS B 108 -24.24 -12.69 3.77
N PRO B 109 -25.24 -13.43 3.27
CA PRO B 109 -25.36 -14.87 3.59
C PRO B 109 -24.15 -15.68 3.12
N GLY B 110 -23.64 -16.54 4.00
CA GLY B 110 -22.46 -17.37 3.73
C GLY B 110 -21.10 -16.69 3.93
N LEU B 111 -21.11 -15.42 4.37
CA LEU B 111 -19.86 -14.66 4.54
C LEU B 111 -19.12 -15.13 5.79
N PHE B 112 -19.80 -15.11 6.92
CA PHE B 112 -19.25 -15.59 8.19
C PHE B 112 -18.78 -17.04 8.07
N GLU B 113 -19.57 -17.87 7.37
CA GLU B 113 -19.23 -19.27 7.11
C GLU B 113 -17.88 -19.39 6.42
N THR B 114 -17.77 -18.82 5.22
CA THR B 114 -16.52 -18.92 4.44
C THR B 114 -15.38 -18.15 5.10
N ALA B 115 -15.69 -17.04 5.79
CA ALA B 115 -14.68 -16.31 6.55
C ALA B 115 -14.05 -17.21 7.61
N CYS B 116 -14.90 -17.90 8.37
CA CYS B 116 -14.44 -18.90 9.35
C CYS B 116 -13.74 -20.10 8.68
N GLN B 117 -14.32 -20.59 7.58
CA GLN B 117 -13.74 -21.73 6.84
C GLN B 117 -12.32 -21.45 6.35
N GLU B 118 -12.08 -20.23 5.85
CA GLU B 118 -10.73 -19.78 5.47
C GLU B 118 -9.79 -19.62 6.66
N THR B 119 -10.32 -19.10 7.78
CA THR B 119 -9.55 -18.96 9.02
C THR B 119 -9.24 -20.32 9.67
N ILE B 120 -10.14 -21.29 9.52
CA ILE B 120 -9.89 -22.69 9.95
C ILE B 120 -8.69 -23.26 9.20
N ASP B 121 -8.72 -23.18 7.87
CA ASP B 121 -7.65 -23.70 7.02
C ASP B 121 -6.30 -23.05 7.35
N ALA B 122 -6.32 -21.75 7.61
CA ALA B 122 -5.13 -21.01 8.00
C ALA B 122 -4.50 -21.56 9.28
N ILE B 123 -5.32 -21.70 10.33
CA ILE B 123 -4.86 -22.18 11.65
C ILE B 123 -4.18 -23.56 11.57
N GLN B 124 -4.75 -24.44 10.77
CA GLN B 124 -4.17 -25.76 10.51
C GLN B 124 -2.81 -25.65 9.83
N GLN B 125 -2.76 -24.89 8.73
CA GLN B 125 -1.54 -24.73 7.92
C GLN B 125 -0.46 -23.80 8.51
N THR B 126 -0.81 -22.92 9.43
CA THR B 126 0.14 -21.90 9.94
C THR B 126 1.23 -22.54 10.80
N ARG B 127 2.47 -22.07 10.60
CA ARG B 127 3.63 -22.53 11.36
C ARG B 127 4.08 -21.47 12.35
N VAL B 128 4.96 -21.87 13.27
CA VAL B 128 5.49 -20.98 14.32
C VAL B 128 6.36 -19.87 13.70
N ASP B 129 7.01 -20.19 12.57
CA ASP B 129 7.75 -19.22 11.73
C ASP B 129 7.02 -17.89 11.55
N LYS B 130 5.72 -17.95 11.27
CA LYS B 130 4.92 -16.77 10.92
C LYS B 130 4.98 -15.60 11.91
N LEU B 131 5.29 -15.88 13.18
CA LEU B 131 5.49 -14.82 14.18
C LEU B 131 6.90 -14.20 14.22
N THR B 132 7.83 -14.68 13.38
CA THR B 132 9.11 -13.98 13.15
C THR B 132 8.89 -12.69 12.34
N GLN B 133 7.87 -12.69 11.49
CA GLN B 133 7.48 -11.51 10.69
C GLN B 133 6.85 -10.43 11.55
N GLY B 134 6.76 -9.23 11.00
CA GLY B 134 6.03 -8.12 11.62
C GLY B 134 6.83 -7.29 12.60
N ARG B 135 6.15 -6.30 13.18
CA ARG B 135 6.77 -5.27 14.01
C ARG B 135 7.28 -5.79 15.35
N GLN B 136 7.92 -4.91 16.11
CA GLN B 136 8.43 -5.25 17.44
C GLN B 136 7.33 -5.67 18.42
N THR B 137 7.64 -6.67 19.25
CA THR B 137 6.75 -7.13 20.33
C THR B 137 7.40 -6.88 21.69
N TYR B 138 6.55 -6.70 22.71
CA TYR B 138 7.02 -6.61 24.09
C TYR B 138 7.50 -7.99 24.54
N ASP B 139 8.70 -8.05 25.09
CA ASP B 139 9.28 -9.29 25.59
C ASP B 139 9.11 -9.36 27.10
N TRP B 140 8.40 -10.39 27.55
CA TRP B 140 8.21 -10.65 28.98
C TRP B 140 9.49 -11.18 29.67
N THR B 141 10.37 -11.84 28.91
CA THR B 141 11.69 -12.30 29.40
C THR B 141 12.54 -11.16 29.97
N LEU B 142 12.55 -10.02 29.28
CA LEU B 142 13.42 -8.88 29.62
C LEU B 142 12.69 -7.60 30.10
N ASN B 143 11.35 -7.61 30.09
CA ASN B 143 10.53 -6.41 30.34
C ASN B 143 10.86 -5.22 29.43
N ARG B 144 11.13 -5.51 28.15
CA ARG B 144 11.44 -4.49 27.14
C ARG B 144 10.89 -4.90 25.77
N ASN B 145 10.81 -3.93 24.85
CA ASN B 145 10.50 -4.24 23.46
C ASN B 145 11.70 -4.96 22.83
N GLN B 146 11.41 -5.89 21.92
CA GLN B 146 12.43 -6.63 21.16
C GLN B 146 11.88 -6.95 19.77
N PRO B 147 12.76 -7.22 18.80
CA PRO B 147 12.27 -7.71 17.50
C PRO B 147 11.41 -8.98 17.65
N ALA B 148 10.43 -9.12 16.76
CA ALA B 148 9.46 -10.21 16.83
C ALA B 148 10.12 -11.58 17.01
N ALA B 149 11.09 -11.88 16.15
CA ALA B 149 11.74 -13.20 16.13
C ALA B 149 12.52 -13.52 17.40
N THR B 150 13.17 -12.51 18.00
CA THR B 150 13.87 -12.72 19.27
C THR B 150 12.93 -12.88 20.45
N ALA B 151 11.85 -12.11 20.47
CA ALA B 151 10.81 -12.31 21.49
C ALA B 151 10.19 -13.70 21.38
N LEU B 152 10.02 -14.17 20.14
CA LEU B 152 9.53 -15.53 19.89
C LEU B 152 10.55 -16.57 20.40
N ALA B 153 11.80 -16.45 19.96
CA ALA B 153 12.87 -17.37 20.38
C ALA B 153 13.11 -17.37 21.90
N ASN B 154 12.99 -16.19 22.52
CA ASN B 154 13.10 -16.05 23.98
C ASN B 154 11.95 -16.76 24.72
N THR B 155 10.73 -16.58 24.23
CA THR B 155 9.56 -17.24 24.84
C THR B 155 9.61 -18.75 24.64
N ILE B 156 10.02 -19.21 23.45
CA ILE B 156 10.20 -20.64 23.17
C ILE B 156 11.29 -21.27 24.05
N GLU B 157 12.40 -20.55 24.25
CA GLU B 157 13.52 -21.04 25.08
C GLU B 157 13.12 -21.23 26.54
N VAL B 158 12.49 -20.21 27.12
CA VAL B 158 12.01 -20.25 28.50
C VAL B 158 10.86 -21.25 28.68
N PHE B 159 10.00 -21.38 27.66
CA PHE B 159 8.96 -22.43 27.63
C PHE B 159 9.57 -23.84 27.58
N ARG B 160 10.58 -24.00 26.73
CA ARG B 160 11.32 -25.27 26.62
C ARG B 160 12.08 -25.61 27.91
N LYS B 161 12.66 -24.60 28.57
CA LYS B 161 13.38 -24.80 29.84
C LYS B 161 12.44 -25.23 30.97
N ASN B 162 11.22 -24.72 30.97
CA ASN B 162 10.15 -25.24 31.83
C ASN B 162 9.45 -26.40 31.06
N GLY B 163 8.32 -26.90 31.54
CA GLY B 163 7.70 -28.08 30.93
C GLY B 163 6.73 -27.82 29.78
N TYR B 164 7.21 -27.19 28.70
CA TYR B 164 6.36 -26.83 27.55
C TYR B 164 7.10 -26.94 26.23
N LYS B 165 6.76 -27.97 25.44
CA LYS B 165 7.40 -28.23 24.14
C LYS B 165 6.43 -28.76 23.07
N LEU B 166 5.16 -28.37 23.14
CA LEU B 166 4.20 -28.74 22.09
C LEU B 166 4.57 -28.10 20.75
N ASN B 167 5.04 -26.86 20.81
CA ASN B 167 5.54 -26.12 19.63
C ASN B 167 6.70 -26.77 18.87
N GLU B 168 7.38 -27.75 19.49
CA GLU B 168 8.38 -28.58 18.80
C GLU B 168 7.86 -29.23 17.52
N SER B 169 6.54 -29.46 17.45
CA SER B 169 5.85 -29.86 16.21
C SER B 169 6.12 -28.91 15.05
N GLY B 170 6.07 -27.61 15.33
CA GLY B 170 6.29 -26.56 14.33
C GLY B 170 5.03 -25.76 14.01
N ARG B 171 3.86 -26.38 14.21
CA ARG B 171 2.59 -25.68 13.96
C ARG B 171 2.25 -24.67 15.07
N LEU B 172 1.59 -23.59 14.68
CA LEU B 172 1.36 -22.44 15.56
C LEU B 172 0.34 -22.72 16.66
N ILE B 173 -0.72 -23.45 16.33
CA ILE B 173 -1.75 -23.79 17.33
C ILE B 173 -1.15 -24.51 18.56
N ASP B 174 -0.12 -25.33 18.35
CA ASP B 174 0.60 -25.99 19.45
C ASP B 174 1.38 -25.01 20.32
N PHE B 175 2.03 -24.03 19.70
CA PHE B 175 2.64 -22.92 20.46
C PHE B 175 1.57 -22.18 21.27
N LEU B 176 0.39 -22.00 20.69
CA LEU B 176 -0.71 -21.34 21.39
C LEU B 176 -1.22 -22.16 22.59
N LYS B 177 -1.21 -23.49 22.47
CA LYS B 177 -1.50 -24.36 23.63
C LYS B 177 -0.49 -24.13 24.76
N ASP B 178 0.80 -24.18 24.44
CA ASP B 178 1.88 -23.90 25.40
C ASP B 178 1.67 -22.59 26.19
N VAL B 179 1.13 -21.57 25.52
CA VAL B 179 0.90 -20.26 26.16
C VAL B 179 -0.21 -20.34 27.23
N LEU B 180 -1.30 -21.03 26.91
CA LEU B 180 -2.40 -21.22 27.88
C LEU B 180 -2.02 -22.19 29.03
N LEU B 181 -1.24 -23.21 28.70
CA LEU B 181 -0.71 -24.15 29.71
C LEU B 181 0.32 -23.51 30.64
N SER B 182 1.02 -22.48 30.18
CA SER B 182 2.04 -21.79 30.99
C SER B 182 1.48 -20.96 32.15
N PHE B 183 0.19 -20.63 32.11
CA PHE B 183 -0.44 -19.89 33.22
C PHE B 183 -0.62 -20.75 34.47
N GLU B 184 -0.61 -22.08 34.32
CA GLU B 184 -0.77 -23.00 35.44
C GLU B 184 0.48 -23.15 36.31
N ASN B 185 1.65 -22.93 35.71
CA ASN B 185 2.92 -22.93 36.46
C ASN B 185 2.91 -21.77 37.46
N ASP B 186 3.29 -22.06 38.71
CA ASP B 186 3.43 -21.03 39.75
C ASP B 186 4.89 -20.91 40.23
N SER B 187 5.82 -21.17 39.32
CA SER B 187 7.27 -21.06 39.59
C SER B 187 8.04 -20.99 38.26
N MET B 188 7.68 -20.01 37.43
CA MET B 188 8.24 -19.86 36.08
C MET B 188 9.67 -19.30 36.15
N GLU B 189 10.63 -20.04 35.60
CA GLU B 189 12.06 -19.72 35.73
C GLU B 189 12.60 -18.93 34.54
N VAL B 190 13.29 -17.81 34.82
CA VAL B 190 13.88 -16.95 33.78
C VAL B 190 15.32 -16.59 34.14
N THR B 191 16.25 -16.80 33.20
CA THR B 191 17.64 -16.36 33.34
C THR B 191 17.76 -14.87 33.01
N THR B 192 18.09 -14.05 34.01
CA THR B 192 18.46 -12.65 33.79
C THR B 192 19.97 -12.52 33.59
N HIS B 193 20.44 -11.31 33.29
CA HIS B 193 21.87 -11.01 33.17
C HIS B 193 22.20 -9.75 33.97
N PHE B 194 23.45 -9.66 34.45
CA PHE B 194 23.89 -8.55 35.30
C PHE B 194 25.41 -8.34 35.19
N GLN B 195 25.85 -7.08 35.36
CA GLN B 195 27.27 -6.73 35.21
C GLN B 195 28.09 -7.10 36.46
N LYS B 196 29.33 -7.53 36.21
CA LYS B 196 30.28 -7.97 37.23
C LYS B 196 31.63 -7.31 36.96
N LYS B 197 32.21 -6.68 37.98
CA LYS B 197 33.46 -5.92 37.84
C LYS B 197 34.67 -6.75 38.27
N LYS B 198 35.17 -7.58 37.35
CA LYS B 198 36.37 -8.40 37.58
C LYS B 198 37.65 -7.57 37.51
N ARG B 199 38.71 -8.10 38.10
CA ARG B 199 40.04 -7.49 38.13
C ARG B 199 41.05 -8.50 37.60
N ILE B 200 41.78 -8.13 36.54
CA ILE B 200 42.81 -8.99 35.93
C ILE B 200 44.09 -8.18 35.69
N ARG B 201 45.24 -8.86 35.81
CA ARG B 201 46.55 -8.24 35.53
C ARG B 201 46.80 -8.03 34.03
N ASP B 202 47.63 -7.04 33.70
CA ASP B 202 47.97 -6.71 32.29
C ASP B 202 49.40 -6.19 32.16
N ASN B 203 50.08 -6.58 31.06
CA ASN B 203 51.43 -6.10 30.73
C ASN B 203 51.39 -5.28 29.44
N LYS B 206 52.40 -4.15 33.68
CA LYS B 206 52.29 -4.86 34.94
C LYS B 206 51.43 -4.07 35.94
N LYS B 207 50.21 -3.78 35.50
CA LYS B 207 49.21 -3.07 36.32
C LYS B 207 47.87 -3.79 36.24
N MET B 208 47.05 -3.64 37.28
CA MET B 208 45.76 -4.34 37.39
C MET B 208 44.59 -3.39 37.13
N ILE B 209 43.87 -3.63 36.03
CA ILE B 209 42.76 -2.77 35.57
C ILE B 209 41.43 -3.49 35.81
N THR B 210 40.39 -2.70 36.12
CA THR B 210 39.04 -3.22 36.33
C THR B 210 38.38 -3.55 34.98
N GLN B 211 37.56 -4.60 34.97
CA GLN B 211 36.97 -5.17 33.75
C GLN B 211 35.47 -5.46 33.94
N ARG B 212 34.62 -4.81 33.16
CA ARG B 212 33.18 -5.13 33.13
C ARG B 212 32.93 -6.43 32.36
N THR B 213 32.33 -7.42 33.03
CA THR B 213 31.88 -8.67 32.39
C THR B 213 30.45 -8.99 32.83
N ILE B 214 29.80 -9.92 32.13
CA ILE B 214 28.38 -10.23 32.33
C ILE B 214 28.19 -11.71 32.64
N GLY B 215 27.47 -12.01 33.71
CA GLY B 215 27.09 -13.39 34.07
C GLY B 215 25.59 -13.50 34.27
N LYS B 216 25.07 -14.72 34.14
CA LYS B 216 23.62 -14.97 34.24
C LYS B 216 23.19 -15.62 35.56
N LYS B 217 21.96 -15.30 35.96
CA LYS B 217 21.37 -15.73 37.23
C LYS B 217 19.91 -16.11 36.99
N ARG B 218 19.50 -17.27 37.50
CA ARG B 218 18.12 -17.76 37.33
C ARG B 218 17.22 -17.11 38.38
N VAL B 219 15.97 -16.82 38.00
CA VAL B 219 14.97 -16.21 38.89
C VAL B 219 13.63 -16.90 38.68
N LYS B 220 13.02 -17.40 39.75
CA LYS B 220 11.66 -17.94 39.69
C LYS B 220 10.63 -16.81 39.84
N LEU B 221 9.49 -16.96 39.16
CA LEU B 221 8.40 -15.98 39.20
C LEU B 221 7.14 -16.57 39.83
N THR B 222 6.40 -15.72 40.56
CA THR B 222 5.08 -16.08 41.11
C THR B 222 4.08 -16.40 39.98
N LYS B 223 2.93 -16.95 40.35
CA LYS B 223 1.83 -17.14 39.40
C LYS B 223 1.23 -15.79 38.97
N LYS B 224 1.19 -14.83 39.88
CA LYS B 224 0.85 -13.43 39.54
C LYS B 224 1.87 -12.82 38.58
N ASN B 225 3.12 -12.73 39.06
CA ASN B 225 4.26 -12.14 38.33
C ASN B 225 4.27 -12.52 36.84
N TYR B 226 4.23 -13.82 36.56
CA TYR B 226 4.21 -14.30 35.17
C TYR B 226 2.95 -13.86 34.42
N LEU B 227 1.79 -14.08 35.05
CA LEU B 227 0.49 -13.75 34.46
C LEU B 227 0.35 -12.26 34.16
N ILE B 228 0.81 -11.43 35.10
CA ILE B 228 0.85 -9.97 34.91
C ILE B 228 1.65 -9.63 33.64
N ARG B 229 2.84 -10.23 33.51
CA ARG B 229 3.73 -9.99 32.37
C ARG B 229 3.17 -10.48 31.03
N ALA B 230 2.42 -11.58 31.03
CA ALA B 230 1.78 -12.09 29.82
C ALA B 230 0.58 -11.27 29.38
N LEU B 231 -0.05 -10.57 30.33
CA LEU B 231 -1.14 -9.63 30.04
C LEU B 231 -0.64 -8.18 29.91
N THR B 232 0.67 -7.97 29.94
CA THR B 232 1.29 -6.64 29.86
C THR B 232 1.45 -6.22 28.41
N LEU B 233 1.10 -4.96 28.15
CA LEU B 233 1.33 -4.32 26.87
C LEU B 233 2.14 -3.05 27.13
N ASN B 234 3.23 -2.89 26.37
CA ASN B 234 4.19 -1.81 26.59
C ASN B 234 3.59 -0.47 26.17
N THR B 235 4.15 0.63 26.68
CA THR B 235 3.74 1.97 26.21
C THR B 235 4.91 2.90 25.91
N MET B 236 4.63 3.85 25.04
CA MET B 236 5.60 4.83 24.56
C MET B 236 4.83 5.91 23.82
N THR B 237 5.46 7.06 23.61
CA THR B 237 4.83 8.17 22.88
C THR B 237 4.97 7.95 21.37
N LYS B 238 3.94 8.30 20.62
CA LYS B 238 4.01 8.24 19.15
C LYS B 238 4.70 9.50 18.64
N ASP B 239 5.77 9.31 17.88
CA ASP B 239 6.51 10.43 17.30
C ASP B 239 6.17 10.67 15.84
N ALA B 240 6.51 11.87 15.35
CA ALA B 240 6.39 12.25 13.93
C ALA B 240 4.95 12.32 13.42
N GLU B 241 3.99 12.45 14.33
CA GLU B 241 2.58 12.41 13.99
C GLU B 241 2.14 13.80 13.56
N ARG B 242 1.57 13.90 12.36
CA ARG B 242 1.11 15.18 11.81
C ARG B 242 -0.25 15.58 12.34
N GLY B 243 -0.60 16.84 12.14
CA GLY B 243 -1.95 17.36 12.37
C GLY B 243 -2.48 17.42 13.79
N LYS B 244 -1.57 17.47 14.78
CA LYS B 244 -1.94 17.45 16.21
C LYS B 244 -0.98 18.27 17.07
N LEU B 245 -1.54 19.17 17.88
CA LEU B 245 -0.76 19.96 18.85
C LEU B 245 -0.07 19.10 19.92
N LYS B 246 -0.80 18.13 20.44
CA LYS B 246 -0.35 17.33 21.59
C LYS B 246 0.04 15.91 21.20
N ARG B 247 1.01 15.35 21.94
CA ARG B 247 1.46 14.00 21.71
C ARG B 247 0.46 13.04 22.32
N ARG B 248 0.53 11.78 21.91
CA ARG B 248 -0.31 10.74 22.48
C ARG B 248 0.41 9.40 22.59
N ALA B 249 -0.12 8.55 23.47
CA ALA B 249 0.52 7.28 23.80
C ALA B 249 0.07 6.18 22.87
N ILE B 250 0.98 5.25 22.61
CA ILE B 250 0.75 4.12 21.72
C ILE B 250 1.21 2.87 22.50
N ALA B 251 0.77 1.68 22.09
CA ALA B 251 1.06 0.46 22.84
C ALA B 251 1.54 -0.69 21.96
N THR B 252 2.31 -1.60 22.57
CA THR B 252 2.92 -2.74 21.90
C THR B 252 2.46 -4.04 22.58
N PRO B 253 1.79 -4.94 21.82
CA PRO B 253 1.43 -6.25 22.38
C PRO B 253 2.63 -7.13 22.77
N GLY B 254 2.40 -8.03 23.73
CA GLY B 254 3.40 -9.01 24.16
C GLY B 254 3.36 -10.29 23.34
N MET B 255 4.30 -11.20 23.60
CA MET B 255 4.43 -12.43 22.82
C MET B 255 3.30 -13.44 23.05
N GLN B 256 2.71 -13.44 24.26
CA GLN B 256 1.66 -14.40 24.61
C GLN B 256 0.38 -14.16 23.82
N ILE B 257 -0.03 -12.90 23.75
CA ILE B 257 -1.28 -12.53 23.08
C ILE B 257 -1.18 -12.52 21.54
N ARG B 258 0.03 -12.37 21.01
CA ARG B 258 0.22 -12.01 19.60
C ARG B 258 -0.29 -13.05 18.60
N GLY B 259 0.07 -14.31 18.82
CA GLY B 259 -0.35 -15.40 17.95
C GLY B 259 -1.86 -15.61 17.92
N PHE B 260 -2.54 -15.28 19.01
CA PHE B 260 -3.99 -15.29 19.06
C PHE B 260 -4.55 -14.11 18.28
N VAL B 261 -3.96 -12.94 18.49
CA VAL B 261 -4.36 -11.72 17.77
C VAL B 261 -4.23 -11.92 16.25
N TYR B 262 -3.14 -12.55 15.82
CA TYR B 262 -2.96 -12.89 14.41
C TYR B 262 -4.21 -13.54 13.82
N PHE B 263 -4.70 -14.60 14.47
CA PHE B 263 -5.84 -15.36 13.96
C PHE B 263 -7.18 -14.64 14.06
N VAL B 264 -7.34 -13.76 15.06
CA VAL B 264 -8.58 -12.99 15.18
C VAL B 264 -8.61 -11.91 14.10
N GLU B 265 -7.52 -11.15 13.98
CA GLU B 265 -7.39 -10.15 12.92
C GLU B 265 -7.51 -10.78 11.53
N LEU B 266 -6.99 -12.00 11.37
CA LEU B 266 -7.15 -12.76 10.12
C LEU B 266 -8.62 -13.07 9.80
N LEU B 267 -9.42 -13.40 10.81
CA LEU B 267 -10.86 -13.59 10.60
C LEU B 267 -11.50 -12.29 10.16
N ALA B 268 -11.27 -11.24 10.95
CA ALA B 268 -11.79 -9.89 10.68
C ALA B 268 -11.36 -9.35 9.29
N ARG B 269 -10.14 -9.68 8.89
CA ARG B 269 -9.64 -9.39 7.54
C ARG B 269 -10.48 -10.09 6.46
N ASN B 270 -10.70 -11.40 6.62
CA ASN B 270 -11.53 -12.17 5.68
C ASN B 270 -12.97 -11.70 5.62
N ILE B 271 -13.47 -11.16 6.74
CA ILE B 271 -14.78 -10.51 6.77
C ILE B 271 -14.69 -9.22 5.96
N CYS B 272 -13.81 -8.31 6.39
CA CYS B 272 -13.66 -6.98 5.75
C CYS B 272 -13.39 -7.04 4.24
N GLU B 273 -12.60 -8.01 3.79
CA GLU B 273 -12.33 -8.27 2.35
C GLU B 273 -13.58 -8.36 1.45
N ARG B 274 -14.69 -8.82 2.02
CA ARG B 274 -15.94 -8.99 1.29
C ARG B 274 -17.05 -8.03 1.75
N LEU B 275 -16.68 -6.90 2.34
CA LEU B 275 -17.66 -5.89 2.74
C LEU B 275 -17.41 -4.61 1.98
N GLU B 276 -18.38 -4.21 1.15
CA GLU B 276 -18.31 -2.98 0.36
C GLU B 276 -18.00 -1.78 1.25
N GLN B 277 -18.62 -1.74 2.44
CA GLN B 277 -18.48 -0.61 3.36
C GLN B 277 -17.18 -0.54 4.17
N SER B 278 -16.30 -1.53 4.05
CA SER B 278 -15.01 -1.49 4.73
C SER B 278 -13.93 -0.88 3.83
N GLY B 279 -13.24 0.14 4.34
CA GLY B 279 -12.05 0.68 3.69
C GLY B 279 -10.86 -0.25 3.80
N LEU B 280 -10.82 -1.06 4.88
CA LEU B 280 -9.71 -1.99 5.11
C LEU B 280 -10.00 -3.32 4.42
N PRO B 281 -8.99 -4.06 3.96
CA PRO B 281 -7.57 -3.69 3.99
C PRO B 281 -7.05 -3.12 2.66
N VAL B 282 -7.92 -2.56 1.83
CA VAL B 282 -7.57 -2.18 0.46
C VAL B 282 -6.77 -0.88 0.44
N GLY B 283 -6.06 -0.66 -0.68
CA GLY B 283 -5.20 0.53 -0.87
C GLY B 283 -5.96 1.78 -1.26
N GLY B 284 -5.22 2.86 -1.49
CA GLY B 284 -5.79 4.18 -1.74
C GLY B 284 -6.79 4.26 -2.88
N ASN B 285 -6.38 3.82 -4.07
CA ASN B 285 -7.22 3.88 -5.27
C ASN B 285 -8.49 3.04 -5.14
N GLU B 286 -8.37 1.89 -4.46
CA GLU B 286 -9.53 1.01 -4.26
C GLU B 286 -10.49 1.55 -3.21
N LYS B 287 -9.98 2.20 -2.17
CA LYS B 287 -10.82 2.97 -1.22
C LYS B 287 -11.67 4.02 -1.95
N LYS B 288 -11.07 4.68 -2.94
CA LYS B 288 -11.76 5.69 -3.73
C LYS B 288 -12.83 5.07 -4.62
N ALA B 289 -12.49 3.94 -5.23
CA ALA B 289 -13.44 3.17 -6.04
C ALA B 289 -14.63 2.72 -5.20
N LYS B 290 -14.35 2.27 -3.98
CA LYS B 290 -15.39 1.83 -3.03
C LYS B 290 -16.32 2.98 -2.61
N LEU B 291 -15.74 4.13 -2.31
CA LEU B 291 -16.52 5.33 -2.04
C LEU B 291 -17.33 5.77 -3.26
N ALA B 292 -16.73 5.67 -4.45
CA ALA B 292 -17.43 6.00 -5.69
C ALA B 292 -18.64 5.09 -5.92
N ASN B 293 -18.50 3.82 -5.53
CA ASN B 293 -19.60 2.86 -5.67
C ASN B 293 -20.81 3.17 -4.79
N VAL B 294 -20.59 3.55 -3.53
CA VAL B 294 -21.71 3.84 -2.63
C VAL B 294 -22.45 5.12 -3.03
N ILE B 295 -21.72 6.11 -3.54
CA ILE B 295 -22.34 7.34 -4.06
C ILE B 295 -23.17 7.00 -5.30
N LYS B 296 -22.60 6.23 -6.21
CA LYS B 296 -23.30 5.69 -7.37
C LYS B 296 -24.55 4.90 -6.98
N LYS B 297 -24.42 4.02 -5.99
CA LYS B 297 -25.50 3.16 -5.55
C LYS B 297 -26.59 3.91 -4.76
N MET B 298 -26.20 4.90 -3.96
CA MET B 298 -27.17 5.73 -3.25
C MET B 298 -28.00 6.61 -4.19
N MET B 299 -27.38 7.12 -5.25
CA MET B 299 -28.07 7.97 -6.23
C MET B 299 -29.01 7.17 -7.14
N ALA B 300 -28.58 5.98 -7.54
CA ALA B 300 -29.39 5.09 -8.36
C ALA B 300 -30.68 4.65 -7.66
N LYS B 301 -30.58 4.30 -6.38
CA LYS B 301 -31.70 3.77 -5.60
C LYS B 301 -32.66 4.83 -5.00
N SER B 302 -32.31 6.10 -5.11
CA SER B 302 -33.19 7.19 -4.67
C SER B 302 -34.04 7.68 -5.85
N THR B 303 -35.11 8.42 -5.52
CA THR B 303 -35.94 9.09 -6.52
C THR B 303 -35.47 10.52 -6.71
N ASP B 304 -35.98 11.17 -7.75
CA ASP B 304 -35.67 12.58 -8.02
C ASP B 304 -36.22 13.52 -6.96
N GLU B 305 -37.26 13.08 -6.24
CA GLU B 305 -37.83 13.85 -5.14
C GLU B 305 -36.94 13.88 -3.88
N GLU B 306 -36.07 12.87 -3.71
CA GLU B 306 -35.28 12.71 -2.48
C GLU B 306 -34.01 13.57 -2.41
N LEU B 307 -33.57 13.79 -1.18
CA LEU B 307 -32.35 14.55 -0.83
C LEU B 307 -31.18 13.61 -0.55
N SER B 308 -29.98 14.18 -0.55
CA SER B 308 -28.78 13.47 -0.14
C SER B 308 -27.84 14.44 0.57
N TYR B 309 -27.44 14.07 1.79
CA TYR B 309 -26.42 14.80 2.54
C TYR B 309 -25.32 13.82 2.90
N THR B 310 -24.09 14.32 3.02
CA THR B 310 -22.92 13.51 3.36
C THR B 310 -22.25 14.03 4.62
N ILE B 311 -22.05 13.16 5.61
CA ILE B 311 -21.27 13.49 6.79
C ILE B 311 -19.80 13.16 6.52
N THR B 312 -18.96 14.19 6.44
CA THR B 312 -17.53 14.02 6.58
C THR B 312 -17.32 13.72 8.06
N GLY B 313 -16.94 12.48 8.36
CA GLY B 313 -17.07 11.93 9.71
C GLY B 313 -15.81 11.48 10.42
N ASP B 314 -15.74 11.80 11.71
CA ASP B 314 -14.67 11.36 12.60
C ASP B 314 -15.28 10.85 13.92
N ASN B 315 -14.80 9.70 14.40
CA ASN B 315 -15.18 9.18 15.72
C ASN B 315 -14.13 9.61 16.74
N THR B 316 -14.56 10.35 17.76
CA THR B 316 -13.69 10.76 18.86
C THR B 316 -13.47 9.60 19.84
N LYS B 317 -12.26 9.54 20.40
CA LYS B 317 -11.92 8.57 21.44
C LYS B 317 -12.31 7.14 21.04
N TRP B 318 -11.81 6.75 19.86
CA TRP B 318 -12.16 5.51 19.20
C TRP B 318 -11.67 4.27 19.95
N ASN B 319 -10.38 4.20 20.21
CA ASN B 319 -9.77 3.05 20.89
C ASN B 319 -10.15 2.99 22.38
N GLU B 320 -10.24 4.15 23.02
CA GLU B 320 -10.50 4.21 24.47
C GLU B 320 -11.91 3.71 24.84
N ASN B 321 -12.85 3.72 23.89
CA ASN B 321 -14.23 3.26 24.13
C ASN B 321 -14.62 1.96 23.39
N GLN B 322 -13.67 1.29 22.74
CA GLN B 322 -13.94 -0.03 22.15
C GLN B 322 -13.49 -1.10 23.18
N ASN B 323 -14.44 -1.93 23.63
CA ASN B 323 -14.26 -2.82 24.78
C ASN B 323 -13.95 -4.29 24.39
N PRO B 324 -12.96 -4.93 25.06
CA PRO B 324 -12.63 -6.35 24.84
C PRO B 324 -13.78 -7.35 25.02
N ARG B 325 -14.72 -7.03 25.92
CA ARG B 325 -15.91 -7.87 26.16
C ARG B 325 -16.84 -7.87 24.96
N ILE B 326 -16.99 -6.69 24.33
CA ILE B 326 -17.78 -6.54 23.11
C ILE B 326 -17.10 -7.30 21.97
N PHE B 327 -15.77 -7.24 21.90
CA PHE B 327 -15.04 -8.03 20.91
C PHE B 327 -15.21 -9.54 21.08
N LEU B 328 -15.38 -9.99 22.32
CA LEU B 328 -15.71 -11.40 22.60
C LEU B 328 -17.12 -11.76 22.13
N ALA B 329 -18.08 -10.85 22.28
CA ALA B 329 -19.43 -11.05 21.76
C ALA B 329 -19.42 -11.22 20.23
N MET B 330 -18.74 -10.31 19.55
CA MET B 330 -18.60 -10.32 18.09
C MET B 330 -18.00 -11.64 17.58
N VAL B 331 -16.85 -12.02 18.15
CA VAL B 331 -16.11 -13.21 17.73
C VAL B 331 -16.96 -14.46 17.90
N LEU B 332 -17.67 -14.56 19.04
CA LEU B 332 -18.53 -15.71 19.30
C LEU B 332 -19.74 -15.76 18.36
N ARG B 333 -20.35 -14.60 18.07
CA ARG B 333 -21.46 -14.55 17.11
C ARG B 333 -21.02 -14.80 15.66
N ILE B 334 -19.87 -14.26 15.26
CA ILE B 334 -19.33 -14.49 13.91
C ILE B 334 -18.99 -15.97 13.70
N THR B 335 -18.57 -16.65 14.76
CA THR B 335 -18.19 -18.07 14.70
C THR B 335 -19.33 -19.05 15.01
N ALA B 336 -20.55 -18.56 15.21
CA ALA B 336 -21.70 -19.41 15.58
C ALA B 336 -21.83 -20.63 14.68
N GLY B 337 -22.01 -21.80 15.29
CA GLY B 337 -22.12 -23.06 14.55
C GLY B 337 -20.83 -23.67 14.04
N GLN B 338 -19.68 -23.05 14.33
CA GLN B 338 -18.38 -23.62 13.96
C GLN B 338 -17.90 -24.48 15.12
N PRO B 339 -16.86 -25.31 14.90
CA PRO B 339 -16.31 -26.11 15.99
C PRO B 339 -15.92 -25.29 17.21
N GLU B 340 -16.20 -25.82 18.40
CA GLU B 340 -16.03 -25.07 19.64
C GLU B 340 -14.57 -24.84 20.01
N TRP B 341 -13.66 -25.66 19.49
CA TRP B 341 -12.22 -25.42 19.63
C TRP B 341 -11.78 -24.15 18.90
N PHE B 342 -12.37 -23.91 17.72
CA PHE B 342 -12.05 -22.76 16.89
C PHE B 342 -12.65 -21.48 17.47
N ARG B 343 -13.83 -21.59 18.06
CA ARG B 343 -14.46 -20.48 18.78
C ARG B 343 -13.63 -20.07 19.99
N ASP B 344 -13.20 -21.07 20.78
CA ASP B 344 -12.42 -20.84 22.00
C ASP B 344 -11.01 -20.31 21.72
N LEU B 345 -10.41 -20.75 20.63
CA LEU B 345 -9.09 -20.30 20.19
C LEU B 345 -9.12 -18.81 19.86
N LEU B 346 -10.05 -18.41 19.00
CA LEU B 346 -10.21 -17.01 18.63
C LEU B 346 -10.69 -16.13 19.78
N ALA B 347 -11.44 -16.72 20.71
CA ALA B 347 -11.89 -16.00 21.91
C ALA B 347 -10.76 -15.65 22.89
N VAL B 348 -9.58 -16.27 22.77
CA VAL B 348 -8.45 -16.02 23.68
C VAL B 348 -8.02 -14.55 23.69
N ALA B 349 -7.79 -14.00 22.51
CA ALA B 349 -7.29 -12.63 22.39
C ALA B 349 -8.19 -11.59 23.08
N PRO B 350 -9.50 -11.55 22.77
CA PRO B 350 -10.39 -10.63 23.50
C PRO B 350 -10.36 -10.78 25.03
N ILE B 351 -10.17 -12.02 25.50
CA ILE B 351 -10.15 -12.31 26.95
C ILE B 351 -8.89 -11.69 27.57
N MET B 352 -7.73 -12.00 27.01
CA MET B 352 -6.47 -11.36 27.43
C MET B 352 -6.53 -9.83 27.36
N PHE B 353 -7.24 -9.30 26.36
CA PHE B 353 -7.46 -7.86 26.25
C PHE B 353 -8.36 -7.32 27.37
N SER B 354 -9.35 -8.10 27.80
CA SER B 354 -10.20 -7.71 28.93
C SER B 354 -9.45 -7.67 30.26
N ASN B 355 -8.46 -8.55 30.40
CA ASN B 355 -7.61 -8.59 31.61
C ASN B 355 -6.22 -7.99 31.39
N LYS B 356 -6.10 -7.08 30.41
CA LYS B 356 -4.82 -6.49 30.05
C LYS B 356 -4.34 -5.49 31.10
N VAL B 357 -3.03 -5.38 31.22
CA VAL B 357 -2.39 -4.45 32.12
C VAL B 357 -1.36 -3.67 31.29
N ALA B 358 -1.20 -2.37 31.57
CA ALA B 358 -0.32 -1.51 30.78
C ALA B 358 0.91 -1.12 31.58
N ARG B 359 2.11 -1.33 31.01
CA ARG B 359 3.35 -0.79 31.62
C ARG B 359 3.32 0.73 31.51
N LEU B 360 3.68 1.41 32.59
CA LEU B 360 3.53 2.86 32.70
C LEU B 360 4.67 3.68 32.07
N GLY B 361 5.72 3.01 31.58
CA GLY B 361 6.76 3.66 30.79
C GLY B 361 8.07 3.90 31.53
N ARG B 362 8.89 4.79 30.97
CA ARG B 362 10.20 5.16 31.51
C ARG B 362 10.12 5.78 32.92
N GLY B 363 9.08 6.55 33.17
CA GLY B 363 8.86 7.21 34.46
C GLY B 363 8.95 8.72 34.30
N TYR B 364 9.73 9.36 35.17
CA TYR B 364 9.96 10.81 35.13
C TYR B 364 11.40 11.16 35.47
N MET B 365 11.81 12.37 35.11
CA MET B 365 13.14 12.90 35.44
C MET B 365 12.94 14.10 36.35
N PHE B 366 13.73 14.18 37.42
CA PHE B 366 13.71 15.31 38.36
C PHE B 366 14.96 16.15 38.24
N GLU B 367 14.84 17.44 38.58
CA GLU B 367 15.90 18.44 38.44
C GLU B 367 15.97 19.32 39.68
N SER B 368 17.19 19.62 40.13
CA SER B 368 17.43 20.55 41.25
C SER B 368 18.26 21.74 40.78
N LYS B 369 17.62 22.92 40.70
CA LYS B 369 18.26 24.13 40.20
C LYS B 369 19.43 24.58 41.07
N SER B 370 19.21 24.62 42.38
CA SER B 370 20.24 25.07 43.32
C SER B 370 21.45 24.13 43.39
N MET B 371 21.21 22.81 43.32
CA MET B 371 22.30 21.81 43.35
C MET B 371 22.88 21.47 41.97
N HIS B 372 22.14 21.79 40.91
CA HIS B 372 22.52 21.48 39.53
C HIS B 372 22.78 19.98 39.32
N LEU B 373 21.74 19.20 39.62
CA LEU B 373 21.75 17.75 39.38
C LEU B 373 20.41 17.29 38.78
N ARG B 374 20.44 16.11 38.18
CA ARG B 374 19.26 15.48 37.59
C ARG B 374 19.20 14.02 38.03
N THR B 375 18.00 13.46 38.06
CA THR B 375 17.83 12.05 38.42
C THR B 375 16.60 11.41 37.75
N GLN B 376 16.73 10.12 37.42
CA GLN B 376 15.66 9.33 36.81
C GLN B 376 15.02 8.44 37.88
N ILE B 377 13.69 8.37 37.87
CA ILE B 377 12.93 7.42 38.70
C ILE B 377 12.07 6.58 37.79
N SER B 378 11.96 5.29 38.08
CA SER B 378 11.16 4.38 37.28
C SER B 378 9.66 4.63 37.49
N ALA B 379 8.85 4.15 36.56
CA ALA B 379 7.39 4.22 36.69
C ALA B 379 6.87 3.27 37.77
N GLU B 380 7.64 2.20 38.04
CA GLU B 380 7.35 1.27 39.15
C GLU B 380 7.35 2.00 40.51
N ASN B 381 8.20 3.01 40.63
CA ASN B 381 8.27 3.83 41.85
C ASN B 381 7.07 4.76 42.07
N LEU B 382 6.19 4.90 41.09
CA LEU B 382 5.02 5.78 41.24
C LEU B 382 4.04 5.34 42.33
N SER B 383 4.04 4.06 42.68
CA SER B 383 3.19 3.53 43.75
C SER B 383 3.56 4.06 45.13
N ASP B 384 4.85 4.00 45.46
CA ASP B 384 5.35 4.32 46.82
C ASP B 384 5.99 5.71 46.99
N ILE B 385 6.47 6.31 45.91
CA ILE B 385 7.24 7.57 45.96
C ILE B 385 6.46 8.74 46.57
N ASN B 386 7.19 9.66 47.22
CA ASN B 386 6.61 10.89 47.76
C ASN B 386 6.15 11.81 46.63
N LEU B 387 5.03 12.50 46.84
CA LEU B 387 4.42 13.34 45.81
C LEU B 387 4.83 14.82 45.85
N ARG B 388 5.79 15.16 46.72
CA ARG B 388 6.29 16.55 46.80
C ARG B 388 7.01 17.01 45.54
N TYR B 389 7.63 16.07 44.83
CA TYR B 389 8.40 16.36 43.61
C TYR B 389 7.53 16.91 42.47
N PHE B 390 6.32 16.38 42.31
CA PHE B 390 5.53 16.56 41.11
C PHE B 390 4.73 17.85 41.07
N ASN B 391 4.45 18.32 39.85
CA ASN B 391 3.51 19.42 39.62
C ASN B 391 2.08 18.98 39.91
N GLU B 392 1.16 19.94 39.94
CA GLU B 392 -0.21 19.69 40.38
C GLU B 392 -0.96 18.66 39.53
N ASP B 393 -0.84 18.74 38.21
CA ASP B 393 -1.52 17.81 37.29
C ASP B 393 -0.97 16.39 37.37
N THR B 394 0.36 16.27 37.40
CA THR B 394 1.02 14.96 37.46
C THR B 394 0.71 14.23 38.78
N LYS B 395 0.70 14.99 39.88
CA LYS B 395 0.37 14.46 41.21
C LYS B 395 -1.02 13.82 41.24
N LYS B 396 -2.01 14.54 40.71
CA LYS B 396 -3.39 14.02 40.60
C LYS B 396 -3.45 12.72 39.79
N LYS B 397 -2.77 12.71 38.65
CA LYS B 397 -2.72 11.52 37.79
C LYS B 397 -2.12 10.29 38.49
N ILE B 398 -1.09 10.52 39.31
CA ILE B 398 -0.45 9.43 40.08
C ILE B 398 -1.41 8.89 41.16
N GLU B 399 -2.19 9.77 41.77
CA GLU B 399 -3.17 9.40 42.80
C GLU B 399 -4.31 8.56 42.24
N LYS B 400 -4.78 8.90 41.05
CA LYS B 400 -5.79 8.11 40.34
C LYS B 400 -5.22 6.77 39.84
N ILE B 401 -3.99 6.81 39.33
CA ILE B 401 -3.31 5.60 38.81
C ILE B 401 -2.95 4.60 39.92
N ARG B 402 -2.71 5.09 41.12
CA ARG B 402 -2.41 4.20 42.25
C ARG B 402 -3.52 3.18 42.56
N HIS B 403 -4.78 3.58 42.39
CA HIS B 403 -5.93 2.68 42.56
C HIS B 403 -5.94 1.50 41.57
N LEU B 404 -5.45 1.74 40.34
CA LEU B 404 -5.36 0.70 39.29
C LEU B 404 -4.05 -0.09 39.28
N MET B 405 -3.05 0.37 40.02
CA MET B 405 -1.67 -0.13 39.91
C MET B 405 -1.52 -1.58 40.40
N VAL B 406 -0.85 -2.42 39.62
CA VAL B 406 -0.63 -3.83 39.97
C VAL B 406 0.79 -4.28 39.61
N GLU B 407 1.67 -4.29 40.60
CA GLU B 407 3.06 -4.75 40.43
C GLU B 407 3.79 -4.01 39.29
N GLY B 408 3.81 -2.68 39.38
CA GLY B 408 4.47 -1.83 38.39
C GLY B 408 3.56 -1.35 37.27
N THR B 409 2.74 -2.26 36.74
CA THR B 409 1.81 -1.96 35.66
C THR B 409 0.53 -1.30 36.19
N ALA B 410 -0.33 -0.85 35.28
CA ALA B 410 -1.64 -0.27 35.63
C ALA B 410 -2.74 -1.06 34.92
N SER B 411 -3.75 -1.50 35.67
CA SER B 411 -4.85 -2.29 35.11
C SER B 411 -5.67 -1.44 34.18
N LEU B 412 -6.17 -2.07 33.13
CA LEU B 412 -6.83 -1.38 32.05
C LEU B 412 -7.79 -2.36 31.35
N SER B 413 -8.84 -2.74 32.07
CA SER B 413 -9.85 -3.65 31.52
C SER B 413 -10.64 -3.00 30.38
N PRO B 414 -11.30 -1.85 30.64
CA PRO B 414 -12.13 -1.29 29.56
C PRO B 414 -11.29 -0.67 28.45
N GLY B 415 -11.91 -0.43 27.32
CA GLY B 415 -11.26 0.27 26.22
C GLY B 415 -10.12 -0.48 25.58
N MET B 416 -9.44 0.23 24.68
CA MET B 416 -8.28 -0.29 23.98
C MET B 416 -7.22 0.81 23.95
N MET B 417 -6.10 0.54 23.31
CA MET B 417 -5.08 1.56 23.07
C MET B 417 -4.53 1.39 21.65
N MET B 418 -3.94 2.47 21.12
CA MET B 418 -3.53 2.51 19.72
C MET B 418 -2.35 1.56 19.48
N GLY B 419 -2.37 0.85 18.35
CA GLY B 419 -1.34 -0.14 18.04
C GLY B 419 -1.50 -1.48 18.74
N MET B 420 -2.67 -1.75 19.32
CA MET B 420 -2.99 -3.05 19.92
C MET B 420 -3.65 -4.00 18.89
N PHE B 421 -4.69 -3.49 18.23
CA PHE B 421 -5.67 -4.32 17.54
C PHE B 421 -6.20 -3.57 16.31
N ASN B 422 -6.57 -4.31 15.26
CA ASN B 422 -6.82 -3.70 13.94
C ASN B 422 -8.29 -3.74 13.46
N MET B 423 -8.64 -4.74 12.66
CA MET B 423 -9.76 -4.61 11.72
C MET B 423 -11.14 -4.94 12.28
N LEU B 424 -11.20 -5.60 13.43
CA LEU B 424 -12.47 -6.02 14.00
C LEU B 424 -13.30 -4.84 14.50
N SER B 425 -12.64 -3.74 14.85
CA SER B 425 -13.35 -2.51 15.23
C SER B 425 -14.05 -1.86 14.03
N THR B 426 -13.44 -1.97 12.84
CA THR B 426 -14.09 -1.54 11.59
C THR B 426 -15.37 -2.37 11.29
N VAL B 427 -15.35 -3.65 11.61
CA VAL B 427 -16.53 -4.51 11.45
C VAL B 427 -17.72 -3.99 12.30
N LEU B 428 -17.43 -3.48 13.49
CA LEU B 428 -18.46 -2.87 14.33
C LEU B 428 -19.05 -1.64 13.64
N GLY B 429 -18.19 -0.79 13.11
CA GLY B 429 -18.61 0.41 12.38
C GLY B 429 -19.41 0.09 11.13
N VAL B 430 -18.90 -0.86 10.33
CA VAL B 430 -19.56 -1.29 9.10
C VAL B 430 -20.96 -1.86 9.38
N SER B 431 -21.11 -2.60 10.47
CA SER B 431 -22.42 -3.12 10.86
C SER B 431 -23.46 -2.00 11.17
N VAL B 432 -22.99 -0.85 11.65
CA VAL B 432 -23.86 0.33 11.81
C VAL B 432 -24.19 0.97 10.45
N LEU B 433 -23.25 0.90 9.51
CA LEU B 433 -23.52 1.36 8.14
C LEU B 433 -24.53 0.45 7.46
N ASN B 434 -24.43 -0.85 7.73
CA ASN B 434 -25.33 -1.86 7.19
C ASN B 434 -26.77 -1.75 7.71
N LEU B 435 -26.94 -1.20 8.92
CA LEU B 435 -28.27 -0.97 9.48
C LEU B 435 -29.09 0.03 8.67
N GLY B 436 -28.41 0.92 7.93
CA GLY B 436 -29.07 1.97 7.16
C GLY B 436 -29.78 1.61 5.87
N GLN B 437 -29.85 0.33 5.51
CA GLN B 437 -30.57 -0.09 4.30
C GLN B 437 -32.04 0.31 4.39
N ARG B 438 -32.64 0.59 3.24
CA ARG B 438 -34.08 0.91 3.14
C ARG B 438 -34.91 -0.23 3.75
N GLU B 439 -34.51 -1.45 3.41
CA GLU B 439 -35.23 -2.68 3.77
C GLU B 439 -35.17 -3.06 5.27
N ILE B 440 -34.26 -2.46 6.04
CA ILE B 440 -34.20 -2.66 7.51
C ILE B 440 -34.90 -1.51 8.24
N LEU B 441 -34.55 -0.27 7.89
CA LEU B 441 -35.09 0.91 8.59
C LEU B 441 -36.57 1.16 8.30
N LYS B 442 -36.94 1.10 7.02
CA LYS B 442 -38.33 1.33 6.57
C LYS B 442 -38.90 2.69 7.00
N ARG B 443 -38.04 3.70 7.09
CA ARG B 443 -38.42 5.04 7.52
C ARG B 443 -38.46 5.95 6.30
N THR B 444 -38.67 7.24 6.54
CA THR B 444 -38.50 8.27 5.52
C THR B 444 -37.03 8.52 5.13
N TYR B 445 -36.08 8.10 5.96
CA TYR B 445 -34.63 8.20 5.66
C TYR B 445 -33.96 6.83 5.55
N TRP B 446 -32.71 6.85 5.08
CA TRP B 446 -31.87 5.65 4.93
C TRP B 446 -30.42 6.05 4.63
N TRP B 447 -29.47 5.19 4.95
CA TRP B 447 -28.04 5.51 4.76
C TRP B 447 -27.14 4.38 4.26
N ASP B 448 -25.96 4.78 3.79
CA ASP B 448 -24.87 3.86 3.42
C ASP B 448 -23.58 4.67 3.57
N GLY B 449 -22.43 4.01 3.45
CA GLY B 449 -21.15 4.70 3.50
C GLY B 449 -19.94 3.80 3.52
N LEU B 450 -18.79 4.39 3.86
CA LEU B 450 -17.52 3.67 4.01
C LEU B 450 -16.90 4.01 5.36
N GLN B 451 -16.16 3.05 5.91
CA GLN B 451 -15.49 3.19 7.20
C GLN B 451 -14.14 2.49 7.19
N SER B 452 -13.15 3.14 7.79
CA SER B 452 -11.88 2.51 8.13
C SER B 452 -11.42 3.07 9.46
N SER B 453 -11.52 2.25 10.50
CA SER B 453 -11.21 2.64 11.88
C SER B 453 -12.05 3.85 12.33
N ASP B 454 -11.44 4.87 12.93
CA ASP B 454 -12.19 6.00 13.49
C ASP B 454 -12.80 6.94 12.45
N ASP B 455 -12.36 6.82 11.18
CA ASP B 455 -12.82 7.71 10.11
C ASP B 455 -13.95 7.07 9.32
N PHE B 456 -14.95 7.87 8.96
CA PHE B 456 -16.07 7.39 8.14
C PHE B 456 -16.63 8.49 7.24
N ALA B 457 -17.21 8.06 6.12
CA ALA B 457 -18.03 8.90 5.27
C ALA B 457 -19.42 8.28 5.25
N LEU B 458 -20.42 9.04 5.68
CA LEU B 458 -21.80 8.56 5.74
C LEU B 458 -22.66 9.38 4.80
N ILE B 459 -23.47 8.71 4.00
CA ILE B 459 -24.37 9.36 3.07
C ILE B 459 -25.79 9.05 3.55
N ILE B 460 -26.56 10.10 3.85
CA ILE B 460 -27.93 9.97 4.34
C ILE B 460 -28.87 10.54 3.28
N ASN B 461 -29.80 9.70 2.82
CA ASN B 461 -30.85 10.14 1.89
C ASN B 461 -32.21 10.20 2.60
N GLY B 462 -33.05 11.13 2.17
CA GLY B 462 -34.40 11.32 2.74
C GLY B 462 -35.27 12.23 1.88
N HIS B 463 -36.56 12.31 2.21
CA HIS B 463 -37.51 13.09 1.40
C HIS B 463 -37.43 14.58 1.66
N PHE B 464 -37.12 14.97 2.90
CA PHE B 464 -37.01 16.38 3.31
C PHE B 464 -35.87 16.54 4.31
N LYS B 465 -35.39 17.77 4.48
CA LYS B 465 -34.26 18.03 5.37
C LYS B 465 -34.49 17.58 6.83
N GLU B 466 -35.76 17.57 7.26
CA GLU B 466 -36.14 17.02 8.58
C GLU B 466 -35.83 15.52 8.69
N ASP B 467 -36.02 14.77 7.60
CA ASP B 467 -35.68 13.33 7.56
C ASP B 467 -34.18 13.07 7.73
N ILE B 468 -33.35 13.99 7.22
CA ILE B 468 -31.90 13.87 7.35
C ILE B 468 -31.51 14.01 8.82
N GLN B 469 -32.04 15.04 9.48
CA GLN B 469 -31.82 15.26 10.91
C GLN B 469 -32.18 14.03 11.74
N GLN B 470 -33.34 13.45 11.47
CA GLN B 470 -33.79 12.24 12.15
C GLN B 470 -32.87 11.07 11.84
N GLY B 471 -32.43 10.96 10.59
CA GLY B 471 -31.43 9.97 10.19
C GLY B 471 -30.09 10.09 10.90
N VAL B 472 -29.59 11.32 11.05
CA VAL B 472 -28.33 11.57 11.75
C VAL B 472 -28.43 11.10 13.20
N ASN B 473 -29.46 11.59 13.91
CA ASN B 473 -29.73 11.21 15.30
C ASN B 473 -29.85 9.69 15.49
N HIS B 474 -30.51 9.02 14.55
CA HIS B 474 -30.64 7.57 14.62
C HIS B 474 -29.28 6.88 14.46
N PHE B 475 -28.49 7.36 13.50
CA PHE B 475 -27.12 6.87 13.32
C PHE B 475 -26.27 7.16 14.56
N TYR B 476 -26.29 8.42 15.00
CA TYR B 476 -25.52 8.89 16.15
C TYR B 476 -25.81 8.13 17.44
N ARG B 477 -27.10 7.99 17.76
CA ARG B 477 -27.55 7.34 18.99
C ARG B 477 -27.35 5.82 18.96
N THR B 478 -27.53 5.21 17.79
CA THR B 478 -27.22 3.78 17.60
C THR B 478 -25.73 3.52 17.80
N CYS B 479 -24.89 4.42 17.28
CA CYS B 479 -23.44 4.33 17.48
C CYS B 479 -23.07 4.43 18.97
N LYS B 480 -23.74 5.31 19.72
CA LYS B 480 -23.56 5.40 21.18
C LYS B 480 -23.88 4.09 21.90
N LEU B 481 -24.91 3.39 21.45
CA LEU B 481 -25.31 2.09 22.03
C LEU B 481 -24.29 0.96 21.82
N VAL B 482 -23.32 1.14 20.93
CA VAL B 482 -22.22 0.19 20.77
C VAL B 482 -20.85 0.81 21.07
N GLY B 483 -20.84 1.87 21.88
CA GLY B 483 -19.60 2.48 22.35
C GLY B 483 -18.81 3.28 21.32
N ILE B 484 -19.49 3.72 20.25
CA ILE B 484 -18.91 4.56 19.22
C ILE B 484 -19.39 5.99 19.41
N ASN B 485 -18.45 6.93 19.43
CA ASN B 485 -18.72 8.33 19.72
C ASN B 485 -18.29 9.20 18.55
N MET B 486 -19.26 9.61 17.73
CA MET B 486 -18.99 10.51 16.61
C MET B 486 -18.56 11.84 17.20
N SER B 487 -17.51 12.44 16.64
CA SER B 487 -17.05 13.76 17.05
C SER B 487 -18.03 14.79 16.50
N GLN B 488 -18.58 15.61 17.39
CA GLN B 488 -19.40 16.74 16.97
C GLN B 488 -18.53 17.96 16.65
N LYS B 489 -17.30 17.97 17.14
CA LYS B 489 -16.36 19.06 16.88
C LYS B 489 -15.77 18.94 15.48
N LYS B 490 -15.37 17.72 15.12
CA LYS B 490 -14.59 17.45 13.92
C LYS B 490 -15.37 16.92 12.72
N SER B 491 -16.52 16.29 12.96
CA SER B 491 -17.42 15.90 11.87
C SER B 491 -18.31 17.07 11.46
N TYR B 492 -18.75 17.05 10.21
CA TYR B 492 -19.72 18.04 9.71
C TYR B 492 -20.52 17.43 8.55
N ILE B 493 -21.61 18.12 8.18
CA ILE B 493 -22.54 17.62 7.17
C ILE B 493 -22.74 18.67 6.07
N ASN B 494 -22.95 18.21 4.85
CA ASN B 494 -23.38 19.07 3.75
C ASN B 494 -24.10 18.23 2.70
N LYS B 495 -24.77 18.89 1.74
CA LYS B 495 -25.38 18.18 0.62
C LYS B 495 -24.32 17.35 -0.09
N THR B 496 -24.70 16.16 -0.54
CA THR B 496 -23.76 15.24 -1.17
C THR B 496 -23.19 15.86 -2.45
N GLY B 497 -21.88 15.72 -2.63
CA GLY B 497 -21.17 16.38 -3.73
C GLY B 497 -19.73 16.74 -3.37
N THR B 498 -19.51 17.13 -2.13
CA THR B 498 -18.15 17.25 -1.57
C THR B 498 -18.07 16.55 -0.21
N PHE B 499 -16.93 15.92 0.05
CA PHE B 499 -16.62 15.39 1.40
C PHE B 499 -15.12 15.13 1.55
N GLU B 500 -14.71 14.76 2.76
CA GLU B 500 -13.35 14.33 3.04
C GLU B 500 -13.36 12.98 3.71
N PHE B 501 -12.34 12.16 3.42
CA PHE B 501 -12.21 10.83 3.98
C PHE B 501 -10.74 10.38 4.00
N THR B 502 -10.15 10.28 5.19
CA THR B 502 -8.73 9.95 5.38
C THR B 502 -7.81 10.79 4.48
N SER B 503 -8.03 12.10 4.50
CA SER B 503 -7.26 13.03 3.66
C SER B 503 -7.36 12.81 2.13
N PHE B 504 -8.38 12.07 1.69
CA PHE B 504 -8.84 12.14 0.30
C PHE B 504 -9.92 13.21 0.27
N PHE B 505 -9.90 14.08 -0.74
CA PHE B 505 -10.87 15.13 -0.89
C PHE B 505 -11.68 14.87 -2.15
N TYR B 506 -12.99 14.76 -1.98
CA TYR B 506 -13.92 14.56 -3.09
C TYR B 506 -14.55 15.91 -3.39
N ARG B 507 -14.56 16.27 -4.67
CA ARG B 507 -15.31 17.42 -5.15
C ARG B 507 -15.92 17.01 -6.49
N TYR B 508 -17.08 16.38 -6.41
CA TYR B 508 -17.77 15.77 -7.56
C TYR B 508 -16.87 14.76 -8.29
N GLY B 509 -16.01 14.11 -7.51
CA GLY B 509 -14.91 13.30 -8.01
C GLY B 509 -13.70 13.55 -7.13
N PHE B 510 -12.86 12.55 -6.97
CA PHE B 510 -11.68 12.72 -6.14
C PHE B 510 -10.67 13.61 -6.82
N VAL B 511 -10.09 14.52 -6.04
CA VAL B 511 -9.05 15.44 -6.51
C VAL B 511 -7.72 15.06 -5.87
N ALA B 512 -6.66 15.72 -6.32
CA ALA B 512 -5.30 15.39 -5.89
C ALA B 512 -5.01 15.92 -4.49
N ASN B 513 -4.24 15.15 -3.73
CA ASN B 513 -3.64 15.60 -2.48
C ASN B 513 -2.15 15.25 -2.50
N PHE B 514 -1.42 15.93 -3.38
CA PHE B 514 0.01 15.68 -3.55
C PHE B 514 0.86 15.99 -2.31
N SER B 515 0.53 17.04 -1.56
CA SER B 515 1.34 17.42 -0.38
C SER B 515 1.44 16.35 0.71
N MET B 516 0.41 15.51 0.83
CA MET B 516 0.46 14.31 1.66
C MET B 516 1.73 13.49 1.41
N GLU B 517 2.10 13.37 0.13
CA GLU B 517 3.20 12.53 -0.30
C GLU B 517 4.58 13.20 -0.26
N LEU B 518 4.64 14.50 0.00
CA LEU B 518 5.90 15.25 -0.02
C LEU B 518 7.06 14.65 0.80
N PRO B 519 6.77 14.09 1.99
CA PRO B 519 7.87 13.45 2.74
C PRO B 519 8.50 12.20 2.10
N SER B 520 7.83 11.58 1.12
CA SER B 520 8.40 10.47 0.36
C SER B 520 9.36 10.89 -0.77
N PHE B 521 9.43 12.19 -1.07
CA PHE B 521 10.40 12.72 -2.04
C PHE B 521 11.71 13.03 -1.33
N GLY B 522 12.66 12.12 -1.46
CA GLY B 522 13.98 12.29 -0.90
C GLY B 522 14.76 11.01 -1.06
N VAL B 523 15.88 10.92 -0.34
CA VAL B 523 16.78 9.77 -0.41
C VAL B 523 16.43 8.83 0.74
N ALA B 524 15.81 7.69 0.40
CA ALA B 524 15.21 6.78 1.37
C ALA B 524 16.14 6.30 2.48
N GLY B 525 17.44 6.23 2.18
CA GLY B 525 18.46 5.80 3.14
C GLY B 525 18.62 4.30 3.34
N ASN B 526 18.27 3.51 2.32
CA ASN B 526 18.50 2.07 2.35
C ASN B 526 19.93 1.76 1.89
N ASN B 527 20.21 2.09 0.63
CA ASN B 527 21.56 2.07 0.06
C ASN B 527 21.51 2.77 -1.30
N GLU B 528 22.63 2.80 -2.02
CA GLU B 528 22.69 3.47 -3.32
C GLU B 528 21.79 2.83 -4.39
N SER B 529 21.75 1.49 -4.40
CA SER B 529 20.91 0.78 -5.35
C SER B 529 19.43 1.03 -5.07
N ALA B 530 18.96 0.58 -3.92
CA ALA B 530 17.54 0.69 -3.56
C ALA B 530 16.98 2.11 -3.63
N ASP B 531 17.75 3.11 -3.17
CA ASP B 531 17.28 4.50 -3.13
C ASP B 531 16.99 5.06 -4.53
N MET B 532 17.86 4.77 -5.49
CA MET B 532 17.66 5.17 -6.90
C MET B 532 16.37 4.61 -7.48
N SER B 533 16.11 3.34 -7.22
CA SER B 533 14.89 2.69 -7.66
C SER B 533 13.67 3.26 -6.95
N ILE B 534 13.75 3.34 -5.63
CA ILE B 534 12.69 3.93 -4.80
C ILE B 534 12.36 5.36 -5.23
N GLY B 535 13.39 6.17 -5.41
CA GLY B 535 13.25 7.59 -5.73
C GLY B 535 12.55 7.86 -7.04
N THR B 536 12.97 7.15 -8.08
CA THR B 536 12.38 7.29 -9.41
C THR B 536 10.93 6.79 -9.42
N THR B 537 10.65 5.76 -8.62
CA THR B 537 9.31 5.17 -8.51
C THR B 537 8.34 6.04 -7.71
N VAL B 538 8.84 6.77 -6.71
CA VAL B 538 8.01 7.77 -6.01
C VAL B 538 7.50 8.81 -7.00
N ILE B 539 8.41 9.34 -7.82
CA ILE B 539 8.04 10.31 -8.84
C ILE B 539 6.99 9.70 -9.76
N LYS B 540 7.27 8.49 -10.26
CA LYS B 540 6.37 7.77 -11.17
C LYS B 540 4.97 7.57 -10.60
N THR B 541 4.88 6.97 -9.42
CA THR B 541 3.57 6.65 -8.83
C THR B 541 2.74 7.90 -8.51
N ASN B 542 3.40 9.02 -8.19
CA ASN B 542 2.71 10.31 -8.00
C ASN B 542 2.21 10.98 -9.28
N MET B 543 2.95 10.83 -10.37
CA MET B 543 2.44 11.24 -11.68
C MET B 543 1.11 10.55 -11.97
N ILE B 544 1.01 9.26 -11.64
CA ILE B 544 -0.21 8.48 -11.87
C ILE B 544 -1.31 8.77 -10.86
N ASN B 545 -0.96 8.76 -9.57
CA ASN B 545 -1.97 8.75 -8.49
C ASN B 545 -2.32 10.10 -7.86
N ASN B 546 -1.44 11.10 -7.97
CA ASN B 546 -1.66 12.39 -7.29
C ASN B 546 -1.42 13.64 -8.15
N ASP B 547 -1.65 13.54 -9.46
CA ASP B 547 -1.57 14.69 -10.38
C ASP B 547 -0.24 15.44 -10.35
N LEU B 548 0.87 14.72 -10.17
CA LEU B 548 2.19 15.34 -10.27
C LEU B 548 2.45 15.57 -11.75
N GLY B 549 2.40 16.83 -12.16
CA GLY B 549 2.52 17.18 -13.57
C GLY B 549 3.93 16.93 -14.10
N PRO B 550 4.07 16.90 -15.45
CA PRO B 550 5.30 16.48 -16.10
C PRO B 550 6.50 17.39 -15.84
N ALA B 551 6.28 18.70 -15.86
CA ALA B 551 7.36 19.66 -15.58
C ALA B 551 7.88 19.52 -14.15
N THR B 552 6.98 19.54 -13.17
CA THR B 552 7.35 19.35 -11.76
C THR B 552 8.02 17.98 -11.55
N ALA B 553 7.52 16.96 -12.25
CA ALA B 553 8.10 15.60 -12.18
C ALA B 553 9.52 15.56 -12.71
N GLN B 554 9.77 16.23 -13.84
CA GLN B 554 11.15 16.43 -14.33
C GLN B 554 12.03 17.11 -13.28
N MET B 555 11.50 18.15 -12.63
CA MET B 555 12.26 18.88 -11.59
C MET B 555 12.46 18.03 -10.32
N ALA B 556 11.48 17.20 -9.99
CA ALA B 556 11.62 16.20 -8.92
C ALA B 556 12.71 15.16 -9.20
N ILE B 557 12.95 14.84 -10.47
CA ILE B 557 14.09 13.98 -10.84
C ILE B 557 15.36 14.75 -10.56
N GLN B 558 15.42 15.98 -11.06
CA GLN B 558 16.61 16.81 -10.91
C GLN B 558 17.01 16.96 -9.45
N LEU B 559 16.04 17.34 -8.61
CA LEU B 559 16.29 17.54 -7.18
C LEU B 559 16.66 16.23 -6.45
N PHE B 560 16.03 15.12 -6.81
CA PHE B 560 16.41 13.83 -6.25
C PHE B 560 17.87 13.46 -6.57
N ILE B 561 18.29 13.69 -7.80
CA ILE B 561 19.66 13.41 -8.21
C ILE B 561 20.67 14.25 -7.41
N LYS B 562 20.35 15.52 -7.20
CA LYS B 562 21.14 16.41 -6.32
C LYS B 562 21.23 15.85 -4.90
N ASP B 563 20.08 15.49 -4.34
CA ASP B 563 20.01 14.96 -2.96
C ASP B 563 20.77 13.63 -2.84
N TYR B 564 20.59 12.77 -3.84
CA TYR B 564 21.29 11.47 -3.92
C TYR B 564 22.81 11.63 -4.04
N ARG B 565 23.25 12.51 -4.95
CA ARG B 565 24.68 12.79 -5.15
C ARG B 565 25.37 13.35 -3.90
N TYR B 566 24.73 14.32 -3.24
CA TYR B 566 25.26 14.88 -1.99
C TYR B 566 25.27 13.87 -0.84
N THR B 567 24.15 13.17 -0.63
CA THR B 567 24.00 12.24 0.49
C THR B 567 25.04 11.11 0.44
N TYR B 568 25.18 10.48 -0.73
CA TYR B 568 26.14 9.37 -0.93
C TYR B 568 27.55 9.80 -1.40
N ARG B 569 27.79 11.13 -1.48
CA ARG B 569 29.08 11.71 -1.85
C ARG B 569 29.56 11.19 -3.22
N CYS B 570 28.62 10.99 -4.14
CA CYS B 570 28.91 10.40 -5.43
C CYS B 570 28.56 11.38 -6.54
N HIS B 571 29.20 12.53 -6.48
CA HIS B 571 29.05 13.57 -7.49
C HIS B 571 29.66 13.11 -8.81
N ARG B 572 29.26 13.77 -9.88
CA ARG B 572 29.65 13.36 -11.23
C ARG B 572 31.18 13.39 -11.37
N GLY B 573 31.73 12.42 -12.11
CA GLY B 573 33.17 12.20 -12.20
C GLY B 573 34.01 13.36 -12.72
N ASP B 574 33.39 14.24 -13.49
CA ASP B 574 34.03 15.49 -13.97
C ASP B 574 33.71 16.74 -13.12
N THR B 575 33.44 16.57 -11.81
CA THR B 575 33.16 17.71 -10.94
C THR B 575 34.42 18.21 -10.27
N ASN B 576 34.42 19.51 -9.97
CA ASN B 576 35.52 20.16 -9.25
C ASN B 576 35.35 20.05 -7.72
N LEU B 577 34.23 19.50 -7.26
CA LEU B 577 33.98 19.27 -5.82
C LEU B 577 35.05 18.42 -5.16
N GLU B 578 35.05 18.42 -3.83
CA GLU B 578 36.04 17.71 -3.04
C GLU B 578 35.37 17.09 -1.81
N THR B 579 35.21 15.76 -1.85
CA THR B 579 34.69 14.96 -0.76
C THR B 579 35.68 13.81 -0.53
N ARG B 580 35.41 12.93 0.42
CA ARG B 580 36.21 11.71 0.63
C ARG B 580 36.21 10.75 -0.58
N ARG B 581 35.20 10.82 -1.44
CA ARG B 581 35.06 9.91 -2.58
C ARG B 581 35.43 10.50 -3.96
N THR B 582 35.66 11.81 -4.04
CA THR B 582 35.93 12.44 -5.36
C THR B 582 37.16 11.87 -6.08
N LYS B 583 38.20 11.55 -5.34
CA LYS B 583 39.44 11.04 -5.93
C LYS B 583 39.28 9.67 -6.57
N SER B 584 38.64 8.74 -5.86
CA SER B 584 38.40 7.39 -6.37
C SER B 584 37.38 7.39 -7.51
N ILE B 585 36.41 8.30 -7.46
CA ILE B 585 35.42 8.44 -8.54
C ILE B 585 36.06 9.04 -9.80
N LYS B 586 37.00 9.97 -9.61
CA LYS B 586 37.78 10.55 -10.71
C LYS B 586 38.63 9.52 -11.44
N ARG B 587 39.26 8.63 -10.66
CA ARG B 587 40.07 7.53 -11.22
C ARG B 587 39.20 6.66 -12.13
N LEU B 588 38.01 6.31 -11.65
CA LEU B 588 37.03 5.56 -12.44
C LEU B 588 36.55 6.33 -13.67
N TRP B 589 36.35 7.64 -13.53
CA TRP B 589 35.87 8.47 -14.62
C TRP B 589 36.86 8.48 -15.80
N THR B 590 38.13 8.78 -15.52
CA THR B 590 39.16 8.87 -16.56
C THR B 590 39.51 7.49 -17.18
N GLU B 591 39.47 6.46 -16.34
CA GLU B 591 39.65 5.07 -16.76
C GLU B 591 38.54 4.56 -17.71
N THR B 592 37.34 5.14 -17.61
CA THR B 592 36.16 4.64 -18.31
C THR B 592 36.05 5.23 -19.72
N ILE B 593 35.78 4.36 -20.70
CA ILE B 593 35.64 4.75 -22.10
C ILE B 593 34.23 5.28 -22.35
N SER B 594 33.23 4.43 -22.07
CA SER B 594 31.82 4.84 -22.16
C SER B 594 31.34 5.35 -20.80
N LYS B 595 31.33 6.67 -20.64
CA LYS B 595 31.01 7.33 -19.38
C LYS B 595 29.52 7.20 -19.06
N ALA B 596 28.69 7.41 -20.08
CA ALA B 596 27.22 7.23 -20.00
C ALA B 596 26.76 5.95 -19.29
N GLY B 597 27.55 4.89 -19.39
CA GLY B 597 27.25 3.64 -18.70
C GLY B 597 27.54 3.59 -17.21
N LEU B 598 28.31 4.56 -16.69
CA LEU B 598 28.58 4.61 -15.25
C LEU B 598 27.30 4.95 -14.49
N LEU B 599 27.01 4.21 -13.43
CA LEU B 599 25.88 4.55 -12.54
C LEU B 599 26.14 5.89 -11.85
N VAL B 600 25.07 6.51 -11.35
CA VAL B 600 25.19 7.80 -10.64
C VAL B 600 26.08 7.63 -9.40
N ALA B 601 25.91 6.51 -8.69
CA ALA B 601 26.76 6.18 -7.53
C ALA B 601 28.25 5.94 -7.86
N ASP B 602 28.58 5.77 -9.13
CA ASP B 602 29.98 5.69 -9.61
C ASP B 602 30.39 6.92 -10.42
N GLY B 603 29.73 8.06 -10.18
CA GLY B 603 30.08 9.33 -10.82
C GLY B 603 29.51 9.55 -12.20
N GLY B 604 28.55 8.73 -12.61
CA GLY B 604 28.02 8.80 -13.97
C GLY B 604 26.87 9.76 -14.06
N PRO B 605 26.39 10.02 -15.30
CA PRO B 605 25.31 10.97 -15.53
C PRO B 605 23.92 10.41 -15.19
N ASN B 606 22.98 11.30 -14.92
CA ASN B 606 21.59 10.89 -14.71
C ASN B 606 20.99 10.55 -16.08
N PRO B 607 20.44 9.34 -16.24
CA PRO B 607 19.75 8.99 -17.48
C PRO B 607 18.25 9.30 -17.49
N TYR B 608 17.66 9.58 -16.32
CA TYR B 608 16.21 9.60 -16.18
C TYR B 608 15.54 10.85 -16.75
N ASN B 609 14.36 10.64 -17.31
CA ASN B 609 13.42 11.68 -17.73
C ASN B 609 12.04 11.04 -17.46
N LEU B 610 10.95 11.63 -17.96
CA LEU B 610 9.61 11.08 -17.72
C LEU B 610 9.47 9.64 -18.22
N ARG B 611 9.83 9.41 -19.49
CA ARG B 611 9.57 8.13 -20.17
C ARG B 611 10.23 6.86 -19.58
N ASN B 612 11.29 6.99 -18.79
CA ASN B 612 12.04 5.82 -18.33
C ASN B 612 12.20 5.68 -16.80
N LEU B 613 11.30 6.30 -16.03
CA LEU B 613 11.30 6.17 -14.55
C LEU B 613 11.09 4.73 -14.07
N HIS B 614 10.34 3.96 -14.85
CA HIS B 614 10.06 2.55 -14.53
C HIS B 614 11.17 1.56 -14.87
N ILE B 615 12.28 2.03 -15.46
CA ILE B 615 13.38 1.16 -15.84
C ILE B 615 14.53 1.29 -14.84
N PRO B 616 14.93 0.17 -14.20
CA PRO B 616 16.03 0.22 -13.23
C PRO B 616 17.33 0.72 -13.83
N GLU B 617 18.17 1.37 -13.02
CA GLU B 617 19.31 2.12 -13.55
C GLU B 617 20.31 1.25 -14.32
N VAL B 618 20.73 0.15 -13.71
CA VAL B 618 21.68 -0.79 -14.30
C VAL B 618 21.14 -1.31 -15.64
N CYS B 619 19.87 -1.70 -15.63
CA CYS B 619 19.20 -2.13 -16.86
C CYS B 619 19.23 -1.05 -17.95
N LEU B 620 18.89 0.19 -17.55
CA LEU B 620 18.87 1.35 -18.45
C LEU B 620 20.24 1.67 -19.07
N LYS B 621 21.33 1.45 -18.32
CA LYS B 621 22.69 1.79 -18.76
C LYS B 621 23.52 0.60 -19.29
N TRP B 622 22.94 -0.60 -19.29
CA TRP B 622 23.65 -1.86 -19.55
C TRP B 622 24.37 -1.94 -20.91
N SER B 623 23.71 -1.50 -21.97
CA SER B 623 24.32 -1.39 -23.31
C SER B 623 25.54 -0.48 -23.33
N LEU B 624 25.49 0.57 -22.51
CA LEU B 624 26.48 1.63 -22.52
C LEU B 624 27.61 1.44 -21.53
N MET B 625 27.60 0.36 -20.75
CA MET B 625 28.69 0.09 -19.81
C MET B 625 29.94 -0.49 -20.46
N ASP B 626 31.09 -0.06 -19.96
CA ASP B 626 32.36 -0.75 -20.19
C ASP B 626 32.25 -2.18 -19.68
N PRO B 627 32.74 -3.17 -20.46
CA PRO B 627 32.67 -4.58 -20.06
C PRO B 627 33.27 -4.87 -18.69
N ASP B 628 34.44 -4.31 -18.42
CA ASP B 628 35.13 -4.59 -17.15
C ASP B 628 34.44 -3.95 -15.94
N TYR B 629 33.93 -2.73 -16.10
CA TYR B 629 33.13 -2.05 -15.06
C TYR B 629 31.88 -2.84 -14.71
N ARG B 630 31.10 -3.19 -15.74
CA ARG B 630 29.89 -4.01 -15.59
C ARG B 630 30.18 -5.33 -14.89
N GLY B 631 31.27 -5.99 -15.30
CA GLY B 631 31.73 -7.24 -14.68
C GLY B 631 32.17 -7.12 -13.23
N ARG B 632 32.71 -5.97 -12.86
CA ARG B 632 33.00 -5.67 -11.45
C ARG B 632 31.73 -5.32 -10.68
N LEU B 633 30.94 -4.39 -11.24
CA LEU B 633 29.71 -3.88 -10.63
C LEU B 633 28.78 -4.99 -10.21
N CYS B 634 28.47 -5.89 -11.15
CA CYS B 634 27.51 -6.98 -10.92
C CYS B 634 28.18 -8.32 -10.55
N ASN B 635 29.41 -8.25 -10.03
CA ASN B 635 30.18 -9.44 -9.67
C ASN B 635 29.49 -10.17 -8.51
N PRO B 636 29.00 -11.40 -8.74
CA PRO B 636 28.25 -12.11 -7.69
C PRO B 636 29.10 -12.54 -6.49
N ASN B 637 30.43 -12.45 -6.63
CA ASN B 637 31.37 -12.76 -5.57
C ASN B 637 31.76 -11.55 -4.70
N ASN B 638 31.06 -10.42 -4.83
CA ASN B 638 31.46 -9.20 -4.12
C ASN B 638 31.14 -9.28 -2.63
N PRO B 639 31.97 -8.66 -1.78
CA PRO B 639 31.81 -8.73 -0.32
C PRO B 639 30.81 -7.73 0.31
N PHE B 640 30.08 -6.96 -0.49
CA PHE B 640 29.25 -5.86 0.02
C PHE B 640 27.79 -6.23 0.27
N VAL B 641 27.26 -7.19 -0.49
CA VAL B 641 25.84 -7.57 -0.42
C VAL B 641 25.57 -8.49 0.78
N HIS B 642 24.37 -8.38 1.36
CA HIS B 642 23.84 -9.34 2.34
C HIS B 642 22.93 -10.31 1.59
N HIS B 643 23.40 -11.54 1.37
CA HIS B 643 22.58 -12.55 0.68
C HIS B 643 21.42 -12.99 1.58
N MET B 644 20.31 -12.26 1.47
CA MET B 644 19.12 -12.47 2.31
C MET B 644 18.26 -13.60 1.73
N GLU B 645 17.12 -13.85 2.37
CA GLU B 645 16.13 -14.76 1.81
C GLU B 645 15.44 -14.15 0.59
N VAL B 646 14.82 -14.99 -0.23
CA VAL B 646 14.05 -14.52 -1.39
C VAL B 646 12.90 -13.62 -0.94
N GLU B 647 12.15 -14.07 0.07
CA GLU B 647 10.99 -13.34 0.59
C GLU B 647 11.32 -11.93 1.12
N SER B 648 12.58 -11.72 1.54
CA SER B 648 13.06 -10.39 1.93
C SER B 648 14.19 -9.93 1.00
N THR B 649 14.00 -10.09 -0.30
CA THR B 649 14.89 -9.54 -1.32
C THR B 649 14.19 -8.35 -1.97
N ASN B 650 14.93 -7.26 -2.13
CA ASN B 650 14.41 -6.00 -2.68
C ASN B 650 13.18 -5.44 -1.92
N LEU B 651 13.21 -5.56 -0.58
CA LEU B 651 12.18 -4.95 0.30
C LEU B 651 12.83 -3.89 1.16
N ALA B 652 12.19 -2.72 1.23
CA ALA B 652 12.52 -1.67 2.19
C ALA B 652 11.32 -1.51 3.13
N VAL B 653 11.43 -0.58 4.08
CA VAL B 653 10.32 -0.24 4.97
C VAL B 653 9.96 1.24 4.81
N VAL B 654 8.65 1.53 4.79
CA VAL B 654 8.13 2.87 4.58
C VAL B 654 6.96 3.16 5.54
N MET B 655 6.77 4.43 5.89
CA MET B 655 5.68 4.91 6.73
C MET B 655 4.93 6.05 6.01
N PRO B 656 3.63 5.85 5.68
CA PRO B 656 2.84 6.96 5.12
C PRO B 656 2.46 8.00 6.17
N GLY B 659 -1.59 4.33 7.90
CA GLY B 659 -1.35 2.91 8.18
C GLY B 659 -0.34 2.69 9.28
N PRO B 660 -0.04 1.42 9.60
CA PRO B 660 0.95 1.09 10.63
C PRO B 660 2.41 1.24 10.15
N ALA B 661 2.95 0.27 9.40
CA ALA B 661 4.34 0.31 8.93
C ALA B 661 4.62 -0.83 7.94
N LYS B 662 4.24 -0.62 6.68
CA LYS B 662 4.28 -1.67 5.66
C LYS B 662 5.64 -1.77 4.95
N SER B 663 5.79 -2.77 4.09
CA SER B 663 7.00 -2.97 3.29
C SER B 663 6.80 -2.46 1.87
N LEU B 664 7.88 -1.88 1.30
CA LEU B 664 7.90 -1.38 -0.07
C LEU B 664 8.88 -2.22 -0.89
N GLU B 665 8.37 -2.90 -1.91
CA GLU B 665 9.21 -3.64 -2.83
C GLU B 665 9.69 -2.72 -3.95
N TYR B 666 10.95 -2.87 -4.34
CA TYR B 666 11.55 -2.08 -5.43
C TYR B 666 12.25 -2.97 -6.46
N ASP B 667 12.52 -2.39 -7.63
CA ASP B 667 13.16 -3.10 -8.73
C ASP B 667 14.62 -2.66 -8.88
N ALA B 668 15.55 -3.58 -8.61
CA ALA B 668 16.97 -3.31 -8.74
C ALA B 668 17.79 -4.56 -9.00
N VAL B 669 18.87 -4.39 -9.76
CA VAL B 669 19.88 -5.42 -9.99
C VAL B 669 20.85 -5.41 -8.80
N ALA B 670 21.12 -6.60 -8.26
CA ALA B 670 22.07 -6.77 -7.16
C ALA B 670 23.47 -6.42 -7.63
N THR B 671 24.06 -5.41 -6.98
CA THR B 671 25.40 -4.91 -7.30
C THR B 671 26.20 -4.62 -6.04
N THR B 672 27.44 -4.16 -6.22
CA THR B 672 28.25 -3.63 -5.13
C THR B 672 27.62 -2.44 -4.41
N HIS B 673 26.64 -1.79 -5.03
CA HIS B 673 25.87 -0.70 -4.41
C HIS B 673 24.69 -1.18 -3.57
N SER B 674 24.41 -2.50 -3.59
CA SER B 674 23.33 -3.09 -2.79
C SER B 674 23.85 -3.44 -1.41
N TRP B 675 24.54 -2.51 -0.77
CA TRP B 675 25.22 -2.74 0.50
C TRP B 675 24.30 -2.40 1.69
N THR B 676 24.79 -2.65 2.90
CA THR B 676 24.04 -2.43 4.12
C THR B 676 24.89 -1.62 5.11
N PRO B 677 24.29 -0.58 5.74
CA PRO B 677 25.06 0.24 6.65
C PRO B 677 25.36 -0.48 7.95
N LYS B 678 26.26 0.08 8.75
CA LYS B 678 26.68 -0.56 10.00
C LYS B 678 25.55 -0.62 11.03
N ARG B 679 25.54 -1.69 11.81
CA ARG B 679 24.58 -1.88 12.89
C ARG B 679 24.84 -0.90 14.03
N ASN B 680 23.79 -0.62 14.80
CA ASN B 680 23.91 0.16 16.04
C ASN B 680 24.77 -0.64 17.03
N ARG B 681 25.59 0.08 17.80
CA ARG B 681 26.58 -0.54 18.70
C ARG B 681 26.39 -0.17 20.18
N SER B 682 25.25 0.44 20.53
CA SER B 682 24.97 0.79 21.93
C SER B 682 24.80 -0.43 22.84
N ILE B 683 24.35 -1.56 22.29
CA ILE B 683 24.19 -2.80 23.06
C ILE B 683 25.50 -3.25 23.74
N LEU B 684 26.65 -2.93 23.13
CA LEU B 684 27.97 -3.26 23.70
C LEU B 684 28.20 -2.76 25.14
N ASN B 685 27.58 -1.64 25.51
CA ASN B 685 27.70 -1.09 26.87
C ASN B 685 26.73 -1.68 27.90
N THR B 686 25.74 -2.47 27.46
CA THR B 686 24.68 -2.98 28.34
C THR B 686 24.89 -4.45 28.75
N ASN B 687 23.98 -4.96 29.56
CA ASN B 687 23.98 -6.37 29.99
C ASN B 687 23.56 -7.36 28.89
N GLN B 688 22.90 -6.86 27.84
CA GLN B 688 22.44 -7.69 26.74
C GLN B 688 23.51 -7.96 25.67
N ARG B 689 24.72 -7.46 25.89
CA ARG B 689 25.93 -7.70 25.05
C ARG B 689 26.08 -9.10 24.45
N GLY B 690 25.72 -10.13 25.22
CA GLY B 690 25.80 -11.52 24.76
C GLY B 690 24.92 -11.87 23.57
N ILE B 691 23.80 -11.16 23.42
CA ILE B 691 22.86 -11.35 22.29
C ILE B 691 23.58 -11.25 20.94
N LEU B 692 24.58 -10.36 20.86
CA LEU B 692 25.42 -10.24 19.66
C LEU B 692 26.14 -11.55 19.32
N GLU B 693 26.69 -12.21 20.34
CA GLU B 693 27.40 -13.48 20.13
C GLU B 693 26.43 -14.59 19.75
N ASP B 694 25.26 -14.65 20.40
CA ASP B 694 24.20 -15.59 20.01
C ASP B 694 23.90 -15.51 18.53
N GLU B 695 23.69 -14.28 18.06
CA GLU B 695 23.42 -14.01 16.65
C GLU B 695 24.55 -14.48 15.75
N ARG B 696 25.79 -14.12 16.07
CA ARG B 696 26.97 -14.58 15.31
C ARG B 696 27.03 -16.10 15.20
N ILE B 697 26.68 -16.80 16.28
CA ILE B 697 26.69 -18.26 16.33
C ILE B 697 25.51 -18.85 15.54
N TYR B 698 24.31 -18.30 15.75
CA TYR B 698 23.12 -18.71 14.99
C TYR B 698 23.27 -18.51 13.48
N GLN B 699 23.95 -17.42 13.08
CA GLN B 699 24.16 -17.12 11.67
C GLN B 699 25.13 -18.10 11.01
N LYS B 700 26.23 -18.42 11.68
CA LYS B 700 27.16 -19.44 11.15
C LYS B 700 26.51 -20.82 11.05
N CYS B 701 25.65 -21.17 12.01
CA CYS B 701 24.90 -22.43 11.96
C CYS B 701 23.91 -22.48 10.79
N CYS B 702 23.18 -21.39 10.59
CA CYS B 702 22.24 -21.28 9.46
C CYS B 702 22.96 -21.16 8.11
N GLN B 703 24.14 -20.54 8.11
CA GLN B 703 24.96 -20.42 6.89
C GLN B 703 25.42 -21.79 6.40
N VAL B 704 25.89 -22.63 7.33
CA VAL B 704 26.39 -23.97 6.97
C VAL B 704 25.27 -24.91 6.54
N PHE B 705 24.09 -24.80 7.16
CA PHE B 705 22.90 -25.58 6.76
C PHE B 705 22.54 -25.35 5.29
N GLU B 706 22.64 -24.10 4.84
CA GLU B 706 22.33 -23.72 3.46
C GLU B 706 23.30 -24.29 2.42
N LYS B 707 24.50 -24.68 2.84
CA LYS B 707 25.43 -25.40 1.96
C LYS B 707 24.99 -26.85 1.71
N PHE B 708 24.24 -27.41 2.66
CA PHE B 708 23.58 -28.72 2.47
C PHE B 708 22.15 -28.61 1.94
N PHE B 709 21.47 -27.50 2.24
CA PHE B 709 20.11 -27.25 1.75
C PHE B 709 19.97 -25.88 1.07
N PRO B 710 20.51 -25.73 -0.16
CA PRO B 710 20.43 -24.48 -0.93
C PRO B 710 19.03 -23.85 -1.02
N SER B 711 18.00 -24.68 -1.15
CA SER B 711 16.63 -24.19 -1.26
C SER B 711 16.05 -23.60 0.03
N SER B 712 16.74 -23.74 1.16
CA SER B 712 16.28 -23.14 2.42
C SER B 712 16.23 -21.60 2.39
N THR B 713 17.07 -20.98 1.55
CA THR B 713 17.03 -19.53 1.32
C THR B 713 15.83 -19.06 0.51
N TYR B 714 15.18 -19.96 -0.24
CA TYR B 714 13.97 -19.64 -1.01
C TYR B 714 12.72 -20.06 -0.26
N ARG B 715 12.64 -21.35 0.08
CA ARG B 715 11.48 -21.94 0.77
C ARG B 715 11.93 -22.46 2.14
N ARG B 716 11.28 -21.98 3.21
CA ARG B 716 11.62 -22.41 4.58
C ARG B 716 11.38 -23.92 4.72
N PRO B 717 12.44 -24.69 5.02
CA PRO B 717 12.29 -26.14 5.09
C PRO B 717 11.50 -26.58 6.33
N ILE B 718 10.76 -27.67 6.19
CA ILE B 718 9.93 -28.21 7.27
C ILE B 718 10.58 -29.50 7.77
N GLY B 719 10.60 -29.65 9.09
CA GLY B 719 11.16 -30.85 9.72
C GLY B 719 11.22 -30.82 11.24
N MET B 720 10.68 -31.86 11.88
CA MET B 720 10.84 -32.08 13.33
C MET B 720 12.23 -32.66 13.69
N ALA B 721 12.92 -33.22 12.70
CA ALA B 721 14.29 -33.73 12.87
C ALA B 721 15.30 -32.62 13.19
N SER B 722 16.48 -33.03 13.63
CA SER B 722 17.53 -32.10 14.05
C SER B 722 18.24 -31.45 12.86
N MET B 723 18.85 -30.30 13.13
CA MET B 723 19.55 -29.51 12.11
C MET B 723 20.85 -30.21 11.70
N LEU B 724 21.58 -30.75 12.67
CA LEU B 724 22.79 -31.55 12.41
C LEU B 724 22.47 -32.87 11.70
N ASP B 725 21.42 -33.55 12.17
CA ASP B 725 21.02 -34.85 11.61
C ASP B 725 20.51 -34.74 10.17
N ALA B 726 19.82 -33.64 9.85
CA ALA B 726 19.38 -33.36 8.49
C ALA B 726 20.57 -33.14 7.55
N MET B 727 21.54 -32.34 8.02
CA MET B 727 22.78 -32.11 7.28
C MET B 727 23.58 -33.40 7.05
N LEU B 728 23.62 -34.27 8.06
CA LEU B 728 24.36 -35.55 7.96
C LEU B 728 23.74 -36.50 6.93
N SER B 729 22.40 -36.62 6.93
CA SER B 729 21.67 -37.42 5.94
C SER B 729 21.97 -36.96 4.51
N ARG B 730 22.02 -35.64 4.31
CA ARG B 730 22.34 -35.06 3.01
C ARG B 730 23.82 -35.25 2.65
N ALA B 731 24.70 -35.15 3.64
CA ALA B 731 26.15 -35.30 3.42
C ALA B 731 26.53 -36.65 2.83
N ARG B 732 25.90 -37.70 3.34
CA ARG B 732 26.13 -39.07 2.88
C ARG B 732 25.62 -39.29 1.47
N ILE B 733 24.34 -39.02 1.27
CA ILE B 733 23.68 -39.27 -0.03
C ILE B 733 24.18 -38.39 -1.19
N ASP B 734 24.60 -37.16 -0.90
CA ASP B 734 25.22 -36.31 -1.94
C ASP B 734 26.55 -36.90 -2.42
N ALA B 735 27.36 -37.38 -1.48
CA ALA B 735 28.61 -38.07 -1.80
C ALA B 735 28.37 -39.37 -2.61
N ARG B 736 27.26 -40.05 -2.30
CA ARG B 736 26.85 -41.27 -3.00
C ARG B 736 26.63 -41.04 -4.49
N ILE B 737 25.66 -40.19 -4.83
CA ILE B 737 25.27 -39.97 -6.24
C ILE B 737 26.38 -39.26 -7.04
N ASP B 738 27.15 -38.38 -6.38
CA ASP B 738 28.30 -37.72 -7.02
C ASP B 738 29.42 -38.69 -7.43
N LEU B 739 29.52 -39.84 -6.76
CA LEU B 739 30.46 -40.90 -7.15
C LEU B 739 29.77 -41.96 -8.01
N GLU B 740 28.71 -42.57 -7.49
CA GLU B 740 27.98 -43.69 -8.13
C GLU B 740 27.76 -43.49 -9.64
N SER B 741 27.34 -42.29 -10.02
CA SER B 741 27.20 -41.90 -11.42
C SER B 741 27.58 -40.43 -11.57
N GLY B 742 28.89 -40.15 -11.51
CA GLY B 742 29.37 -38.78 -11.57
C GLY B 742 30.88 -38.58 -11.56
N ARG B 743 31.29 -37.38 -11.13
CA ARG B 743 32.67 -36.90 -11.22
C ARG B 743 33.25 -36.67 -9.81
N ILE B 744 33.23 -37.73 -9.00
CA ILE B 744 33.93 -37.76 -7.69
C ILE B 744 34.59 -39.12 -7.52
N SER B 745 35.80 -39.13 -6.95
CA SER B 745 36.61 -40.34 -6.83
C SER B 745 36.13 -41.28 -5.71
N SER B 746 36.63 -42.51 -5.75
CA SER B 746 36.25 -43.56 -4.80
C SER B 746 36.83 -43.35 -3.40
N GLN B 747 38.05 -42.82 -3.35
CA GLN B 747 38.69 -42.47 -2.07
C GLN B 747 37.97 -41.35 -1.31
N ASP B 748 37.36 -40.42 -2.04
CA ASP B 748 36.66 -39.28 -1.43
C ASP B 748 35.34 -39.64 -0.74
N PHE B 749 34.64 -40.65 -1.26
CA PHE B 749 33.40 -41.13 -0.64
C PHE B 749 33.63 -41.67 0.77
N SER B 750 34.74 -42.40 0.96
CA SER B 750 35.15 -42.86 2.28
C SER B 750 35.57 -41.70 3.19
N GLU B 751 36.23 -40.69 2.62
CA GLU B 751 36.65 -39.49 3.36
C GLU B 751 35.47 -38.67 3.91
N ILE B 752 34.38 -38.58 3.13
CA ILE B 752 33.17 -37.86 3.57
C ILE B 752 32.40 -38.64 4.64
N THR B 753 32.21 -39.94 4.42
CA THR B 753 31.46 -40.80 5.37
C THR B 753 32.22 -41.07 6.68
N ASN B 754 33.55 -41.04 6.64
CA ASN B 754 34.37 -41.08 7.88
C ASN B 754 34.10 -39.86 8.76
N THR B 755 34.05 -38.68 8.12
CA THR B 755 33.74 -37.43 8.81
C THR B 755 32.31 -37.44 9.35
N CYS B 756 31.36 -37.93 8.55
CA CYS B 756 29.96 -38.08 8.99
C CYS B 756 29.82 -39.05 10.16
N LYS B 757 30.61 -40.12 10.15
CA LYS B 757 30.67 -41.07 11.27
C LYS B 757 31.37 -40.44 12.49
N ALA B 758 32.41 -39.66 12.23
CA ALA B 758 33.11 -38.90 13.28
C ALA B 758 32.20 -37.86 13.94
N ILE B 759 31.38 -37.18 13.13
CA ILE B 759 30.39 -36.23 13.62
C ILE B 759 29.28 -36.96 14.39
N GLU B 760 28.82 -38.09 13.84
CA GLU B 760 27.81 -38.94 14.50
C GLU B 760 28.28 -39.43 15.88
N ALA B 761 29.58 -39.67 16.02
CA ALA B 761 30.18 -40.06 17.31
C ALA B 761 30.19 -38.93 18.35
N LEU B 762 30.44 -37.71 17.90
CA LEU B 762 30.39 -36.52 18.77
C LEU B 762 28.96 -36.10 19.22
N LYS B 763 27.94 -36.73 18.64
CA LYS B 763 26.52 -36.60 19.03
C LYS B 763 25.88 -35.41 18.33
N SER C 8 32.69 -30.95 -5.27
CA SER C 8 33.24 -32.01 -4.38
C SER C 8 32.34 -32.26 -3.15
N GLY C 9 32.04 -31.20 -2.42
CA GLY C 9 31.34 -31.30 -1.14
C GLY C 9 32.24 -31.79 -0.01
N MET C 10 33.54 -31.51 -0.12
CA MET C 10 34.55 -31.92 0.85
C MET C 10 34.79 -30.82 1.88
N GLU C 11 34.86 -29.56 1.44
CA GLU C 11 35.07 -28.43 2.35
C GLU C 11 33.87 -28.10 3.24
N ARG C 12 32.66 -28.49 2.82
CA ARG C 12 31.45 -28.28 3.61
C ARG C 12 31.36 -29.19 4.84
N ILE C 13 31.62 -30.49 4.64
CA ILE C 13 31.60 -31.48 5.74
C ILE C 13 32.79 -31.31 6.69
N LYS C 14 33.91 -30.78 6.19
CA LYS C 14 35.08 -30.46 7.01
C LYS C 14 34.78 -29.29 7.94
N GLU C 15 34.18 -28.23 7.39
CA GLU C 15 33.74 -27.08 8.18
C GLU C 15 32.66 -27.44 9.22
N LEU C 16 31.80 -28.40 8.89
CA LEU C 16 30.76 -28.88 9.82
C LEU C 16 31.38 -29.56 11.04
N MET C 17 32.33 -30.48 10.83
CA MET C 17 33.04 -31.14 11.93
C MET C 17 33.81 -30.14 12.78
N GLU C 18 34.47 -29.18 12.11
CA GLU C 18 35.15 -28.06 12.79
C GLU C 18 34.21 -27.22 13.67
N MET C 19 32.98 -27.04 13.21
CA MET C 19 31.95 -26.37 14.02
C MET C 19 31.38 -27.29 15.11
N VAL C 20 31.22 -28.57 14.79
CA VAL C 20 30.72 -29.56 15.76
C VAL C 20 31.74 -29.82 16.90
N LYS C 21 33.03 -29.58 16.64
CA LYS C 21 34.05 -29.51 17.71
C LYS C 21 33.64 -28.51 18.80
N ASN C 22 33.20 -27.32 18.36
CA ASN C 22 32.74 -26.27 19.28
C ASN C 22 31.44 -26.70 19.97
N SER C 23 31.47 -26.72 21.31
CA SER C 23 30.34 -27.22 22.11
C SER C 23 29.13 -26.27 22.07
N ARG C 24 29.40 -24.97 21.99
CA ARG C 24 28.36 -23.94 21.80
C ARG C 24 27.55 -24.18 20.52
N MET C 25 28.25 -24.50 19.44
CA MET C 25 27.62 -24.74 18.13
C MET C 25 26.92 -26.10 18.07
N ARG C 26 27.57 -27.14 18.59
CA ARG C 26 26.99 -28.50 18.57
C ARG C 26 25.75 -28.58 19.46
N GLU C 27 25.73 -27.80 20.54
CA GLU C 27 24.52 -27.59 21.36
C GLU C 27 23.35 -27.18 20.46
N ILE C 28 23.56 -26.13 19.67
CA ILE C 28 22.51 -25.54 18.84
C ILE C 28 22.13 -26.45 17.68
N LEU C 29 23.14 -26.98 16.96
CA LEU C 29 22.91 -27.85 15.80
C LEU C 29 22.15 -29.16 16.10
N THR C 30 22.21 -29.64 17.33
CA THR C 30 21.49 -30.83 17.76
C THR C 30 20.10 -30.50 18.34
N THR C 31 20.05 -29.52 19.24
CA THR C 31 18.82 -29.20 19.97
C THR C 31 17.73 -28.56 19.10
N THR C 32 18.07 -27.49 18.38
CA THR C 32 17.11 -26.77 17.54
C THR C 32 16.83 -27.54 16.25
N SER C 33 15.55 -27.73 15.96
CA SER C 33 15.09 -28.53 14.83
C SER C 33 15.16 -27.75 13.52
N VAL C 34 14.82 -28.42 12.41
CA VAL C 34 14.71 -27.78 11.10
C VAL C 34 13.60 -26.72 11.11
N ASP C 35 12.49 -27.01 11.78
CA ASP C 35 11.42 -26.03 11.98
C ASP C 35 11.91 -24.83 12.77
N HIS C 36 12.58 -25.11 13.88
CA HIS C 36 13.06 -24.06 14.79
C HIS C 36 14.21 -23.22 14.19
N MET C 37 14.89 -23.73 13.17
CA MET C 37 16.00 -23.00 12.54
C MET C 37 15.54 -21.71 11.85
N ALA C 38 14.29 -21.69 11.37
CA ALA C 38 13.66 -20.48 10.84
C ALA C 38 13.52 -19.36 11.88
N VAL C 39 13.33 -19.73 13.14
CA VAL C 39 13.24 -18.76 14.24
C VAL C 39 14.61 -18.19 14.59
N ILE C 40 15.61 -19.06 14.77
CA ILE C 40 16.97 -18.62 15.12
C ILE C 40 17.73 -17.93 13.97
N LYS C 41 17.34 -18.17 12.72
CA LYS C 41 17.91 -17.46 11.57
C LYS C 41 17.60 -15.96 11.61
N LYS C 42 16.37 -15.62 11.99
CA LYS C 42 15.93 -14.23 12.12
C LYS C 42 16.14 -13.63 13.52
N TYR C 43 16.86 -14.35 14.39
CA TYR C 43 17.16 -13.86 15.74
C TYR C 43 18.22 -12.75 15.68
N THR C 44 17.83 -11.51 15.97
CA THR C 44 18.76 -10.37 15.93
C THR C 44 18.57 -9.35 17.06
N SER C 45 19.67 -8.69 17.42
CA SER C 45 19.62 -7.49 18.25
C SER C 45 19.14 -6.26 17.45
N GLY C 46 19.26 -6.31 16.12
CA GLY C 46 18.96 -5.18 15.24
C GLY C 46 17.48 -4.89 15.04
N ARG C 47 17.07 -3.68 15.43
CA ARG C 47 15.72 -3.18 15.16
C ARG C 47 15.60 -2.82 13.69
N GLN C 48 14.39 -2.86 13.18
CA GLN C 48 14.10 -2.24 11.89
C GLN C 48 14.20 -0.74 12.10
N GLU C 49 14.96 -0.06 11.24
CA GLU C 49 15.18 1.37 11.37
C GLU C 49 13.89 2.15 11.08
N LYS C 50 13.57 3.10 11.95
CA LYS C 50 12.35 3.92 11.87
C LYS C 50 12.54 5.16 10.99
N ASN C 51 13.73 5.75 11.05
CA ASN C 51 14.09 6.89 10.22
C ASN C 51 15.37 6.58 9.40
N PRO C 52 15.24 5.72 8.37
CA PRO C 52 16.41 5.40 7.54
C PRO C 52 16.96 6.60 6.77
N ALA C 53 16.08 7.50 6.33
CA ALA C 53 16.52 8.73 5.66
C ALA C 53 17.51 9.52 6.53
N LEU C 54 17.15 9.73 7.81
CA LEU C 54 17.99 10.47 8.76
C LEU C 54 19.27 9.70 9.04
N ARG C 55 19.13 8.42 9.35
CA ARG C 55 20.30 7.61 9.72
C ARG C 55 21.35 7.56 8.62
N MET C 56 20.92 7.49 7.36
CA MET C 56 21.87 7.41 6.25
C MET C 56 22.61 8.73 6.07
N LYS C 57 21.93 9.85 6.23
CA LYS C 57 22.59 11.17 6.18
C LYS C 57 23.59 11.32 7.32
N TRP C 58 23.22 10.83 8.50
CA TRP C 58 24.10 10.80 9.67
C TRP C 58 25.29 9.88 9.44
N MET C 59 25.02 8.67 8.95
CA MET C 59 26.06 7.64 8.74
C MET C 59 27.01 7.92 7.56
N MET C 60 26.51 8.48 6.46
CA MET C 60 27.39 8.82 5.33
C MET C 60 28.45 9.87 5.63
N ALA C 61 28.26 10.64 6.69
CA ALA C 61 29.29 11.57 7.19
C ALA C 61 30.48 10.86 7.85
N MET C 62 30.25 9.64 8.34
CA MET C 62 31.26 8.85 9.05
C MET C 62 32.25 8.20 8.06
N LYS C 63 33.42 7.85 8.57
CA LYS C 63 34.50 7.24 7.79
C LYS C 63 34.15 5.85 7.26
N TYR C 64 33.66 4.99 8.16
CA TYR C 64 33.44 3.57 7.87
C TYR C 64 31.99 3.17 8.19
N PRO C 65 31.02 3.62 7.36
CA PRO C 65 29.62 3.33 7.56
C PRO C 65 29.13 2.02 6.92
N ILE C 66 29.79 1.52 5.89
CA ILE C 66 29.34 0.31 5.19
C ILE C 66 29.92 -0.94 5.87
N SER C 67 29.08 -1.95 6.09
CA SER C 67 29.55 -3.25 6.58
C SER C 67 29.72 -4.21 5.39
N ALA C 68 30.74 -5.07 5.48
CA ALA C 68 31.08 -6.01 4.41
C ALA C 68 31.73 -7.27 4.96
N SER C 69 31.66 -8.35 4.18
CA SER C 69 32.27 -9.64 4.55
C SER C 69 33.75 -9.46 4.82
N SER C 70 34.26 -10.15 5.85
CA SER C 70 35.67 -10.01 6.26
C SER C 70 36.66 -10.44 5.16
N ARG C 71 36.22 -11.34 4.28
CA ARG C 71 36.99 -11.69 3.08
C ARG C 71 37.34 -10.52 2.14
N ILE C 72 36.68 -9.37 2.33
CA ILE C 72 37.08 -8.10 1.67
C ILE C 72 38.54 -7.72 1.90
N ARG C 73 39.10 -8.14 3.04
CA ARG C 73 40.48 -7.80 3.42
C ARG C 73 41.54 -8.55 2.61
N GLU C 74 41.17 -9.69 2.05
CA GLU C 74 42.07 -10.47 1.17
C GLU C 74 41.89 -10.07 -0.30
N MET C 75 40.78 -9.36 -0.62
CA MET C 75 40.38 -9.08 -2.01
C MET C 75 40.79 -7.70 -2.51
N ILE C 76 40.62 -6.67 -1.68
CA ILE C 76 41.02 -5.30 -2.02
C ILE C 76 42.07 -4.82 -1.01
N PRO C 77 42.92 -3.84 -1.40
CA PRO C 77 43.97 -3.39 -0.48
C PRO C 77 43.44 -2.61 0.71
N GLU C 78 44.25 -2.54 1.78
CA GLU C 78 43.90 -1.77 2.98
C GLU C 78 43.86 -0.26 2.72
N LYS C 79 44.69 0.21 1.78
CA LYS C 79 44.64 1.59 1.33
C LYS C 79 44.72 1.67 -0.18
N ASP C 80 44.03 2.65 -0.77
CA ASP C 80 44.08 2.86 -2.22
C ASP C 80 45.28 3.74 -2.61
N GLU C 81 45.39 4.07 -3.89
CA GLU C 81 46.51 4.83 -4.43
C GLU C 81 46.63 6.23 -3.82
N ASP C 82 45.49 6.86 -3.53
CA ASP C 82 45.46 8.22 -2.96
C ASP C 82 45.54 8.22 -1.42
N GLY C 83 45.77 7.06 -0.79
CA GLY C 83 45.92 6.98 0.66
C GLY C 83 44.64 6.87 1.48
N ASN C 84 43.49 6.68 0.83
CA ASN C 84 42.22 6.49 1.54
C ASN C 84 42.20 5.11 2.15
N THR C 85 41.79 5.01 3.42
CA THR C 85 41.59 3.71 4.07
C THR C 85 40.29 3.11 3.56
N LEU C 86 40.37 1.91 2.97
CA LEU C 86 39.22 1.24 2.35
C LEU C 86 38.50 0.32 3.32
N TRP C 87 39.25 -0.44 4.12
CA TRP C 87 38.65 -1.27 5.17
C TRP C 87 39.39 -1.18 6.50
N THR C 88 38.68 -1.55 7.56
CA THR C 88 39.20 -1.63 8.93
C THR C 88 38.98 -3.05 9.45
N ASN C 89 39.43 -3.30 10.68
CA ASN C 89 39.23 -4.59 11.33
C ASN C 89 38.07 -4.61 12.32
N THR C 90 37.40 -3.47 12.52
CA THR C 90 36.30 -3.37 13.47
C THR C 90 35.12 -4.24 13.01
N LYS C 91 34.73 -5.21 13.83
CA LYS C 91 33.64 -6.12 13.49
C LYS C 91 32.30 -5.43 13.68
N ASP C 92 31.39 -5.66 12.73
CA ASP C 92 30.04 -5.10 12.76
C ASP C 92 29.25 -5.85 13.84
N ALA C 93 28.52 -5.11 14.67
CA ALA C 93 27.77 -5.68 15.80
C ALA C 93 26.88 -6.85 15.39
N GLY C 94 27.14 -8.03 15.95
CA GLY C 94 26.32 -9.23 15.70
C GLY C 94 26.68 -10.05 14.47
N SER C 95 27.86 -9.82 13.90
CA SER C 95 28.34 -10.60 12.75
C SER C 95 29.86 -10.58 12.64
N ASN C 96 30.38 -11.41 11.73
CA ASN C 96 31.81 -11.46 11.43
C ASN C 96 32.20 -10.48 10.29
N ARG C 97 31.26 -9.62 9.89
CA ARG C 97 31.51 -8.61 8.86
C ARG C 97 32.32 -7.47 9.46
N VAL C 98 33.02 -6.72 8.63
CA VAL C 98 33.87 -5.61 9.09
C VAL C 98 33.40 -4.27 8.54
N LEU C 99 33.72 -3.20 9.25
CA LEU C 99 33.33 -1.85 8.85
C LEU C 99 34.31 -1.31 7.79
N VAL C 100 33.74 -0.62 6.82
CA VAL C 100 34.37 -0.35 5.53
C VAL C 100 33.96 1.04 5.05
N SER C 101 34.84 1.69 4.28
CA SER C 101 34.59 3.00 3.66
C SER C 101 33.83 2.87 2.32
N PRO C 102 33.07 3.91 1.92
CA PRO C 102 32.52 3.95 0.56
C PRO C 102 33.58 3.85 -0.54
N ASN C 103 34.79 4.34 -0.25
CA ASN C 103 35.94 4.19 -1.15
C ASN C 103 36.29 2.73 -1.51
N ALA C 104 35.87 1.77 -0.68
CA ALA C 104 36.00 0.35 -1.00
C ALA C 104 35.07 -0.10 -2.13
N VAL C 105 33.88 0.48 -2.19
CA VAL C 105 32.92 0.18 -3.27
C VAL C 105 33.44 0.76 -4.59
N THR C 106 33.97 1.97 -4.55
CA THR C 106 34.52 2.61 -5.74
C THR C 106 35.76 1.87 -6.25
N TRP C 107 36.59 1.36 -5.34
CA TRP C 107 37.83 0.67 -5.72
C TRP C 107 37.53 -0.61 -6.47
N TRP C 108 36.63 -1.42 -5.91
CA TRP C 108 36.11 -2.61 -6.57
C TRP C 108 35.63 -2.29 -8.00
N ASN C 109 34.79 -1.28 -8.13
CA ASN C 109 34.17 -0.97 -9.42
C ASN C 109 35.18 -0.51 -10.48
N ARG C 110 36.31 0.06 -10.06
CA ARG C 110 37.37 0.50 -10.99
C ARG C 110 38.61 -0.42 -11.11
N ALA C 111 38.86 -1.24 -10.09
CA ALA C 111 40.03 -2.13 -10.07
C ALA C 111 39.80 -3.49 -9.41
N GLY C 112 38.54 -3.92 -9.28
CA GLY C 112 38.23 -5.19 -8.65
C GLY C 112 38.31 -6.33 -9.65
N PRO C 113 37.94 -7.54 -9.24
CA PRO C 113 37.93 -8.67 -10.15
C PRO C 113 36.77 -8.61 -11.14
N VAL C 114 37.07 -8.81 -12.42
CA VAL C 114 36.03 -8.86 -13.44
C VAL C 114 35.48 -10.28 -13.51
N SER C 115 34.15 -10.39 -13.54
CA SER C 115 33.45 -11.66 -13.73
C SER C 115 32.63 -11.61 -15.02
N ASP C 116 32.04 -12.74 -15.37
CA ASP C 116 31.25 -12.90 -16.58
C ASP C 116 29.79 -12.69 -16.20
N VAL C 117 29.12 -11.78 -16.90
CA VAL C 117 27.71 -11.46 -16.62
C VAL C 117 26.85 -11.29 -17.89
N VAL C 118 27.26 -11.86 -19.02
CA VAL C 118 26.60 -11.60 -20.31
C VAL C 118 25.17 -12.17 -20.42
N HIS C 119 24.86 -13.20 -19.64
CA HIS C 119 23.52 -13.80 -19.61
C HIS C 119 22.58 -13.20 -18.53
N TYR C 120 23.03 -12.15 -17.82
CA TYR C 120 22.23 -11.51 -16.77
C TYR C 120 20.88 -10.94 -17.24
N PRO C 121 20.82 -10.37 -18.46
CA PRO C 121 19.53 -9.97 -19.01
C PRO C 121 18.46 -11.07 -19.12
N ARG C 122 18.88 -12.34 -19.22
CA ARG C 122 17.95 -13.46 -19.20
C ARG C 122 17.42 -13.70 -17.77
N VAL C 123 18.29 -13.55 -16.77
CA VAL C 123 17.90 -13.65 -15.36
C VAL C 123 17.03 -12.44 -14.96
N TYR C 124 17.32 -11.27 -15.51
CA TYR C 124 16.57 -10.05 -15.23
C TYR C 124 15.60 -9.70 -16.38
N LYS C 125 14.95 -10.71 -16.95
CA LYS C 125 14.14 -10.53 -18.15
C LYS C 125 12.98 -9.56 -17.92
N MET C 126 12.32 -9.68 -16.78
CA MET C 126 11.19 -8.80 -16.43
C MET C 126 11.57 -7.32 -16.56
N TYR C 127 12.79 -6.97 -16.16
CA TYR C 127 13.30 -5.60 -16.30
C TYR C 127 13.65 -5.23 -17.74
N PHE C 128 14.47 -6.06 -18.38
CA PHE C 128 14.98 -5.76 -19.73
C PHE C 128 13.89 -5.71 -20.81
N ASP C 129 12.81 -6.47 -20.63
CA ASP C 129 11.64 -6.36 -21.52
C ASP C 129 10.99 -4.96 -21.50
N ARG C 130 11.07 -4.26 -20.35
CA ARG C 130 10.55 -2.89 -20.23
C ARG C 130 11.34 -1.92 -21.12
N LEU C 131 12.66 -2.06 -21.10
CA LEU C 131 13.54 -1.28 -21.94
C LEU C 131 13.38 -1.65 -23.43
N GLU C 132 13.15 -2.93 -23.71
CA GLU C 132 12.90 -3.40 -25.08
C GLU C 132 11.62 -2.75 -25.64
N ARG C 133 10.54 -2.78 -24.85
CA ARG C 133 9.28 -2.13 -25.24
C ARG C 133 9.41 -0.64 -25.46
N LEU C 134 10.16 0.03 -24.58
CA LEU C 134 10.34 1.48 -24.67
C LEU C 134 11.25 1.87 -25.82
N THR C 135 12.36 1.14 -25.99
CA THR C 135 13.31 1.37 -27.09
C THR C 135 12.66 1.23 -28.47
N HIS C 136 11.79 0.23 -28.62
CA HIS C 136 11.06 0.00 -29.87
C HIS C 136 9.67 0.66 -29.90
N GLY C 137 9.36 1.49 -28.90
CA GLY C 137 8.11 2.19 -28.85
C GLY C 137 8.09 3.33 -29.85
N THR C 138 6.89 3.75 -30.23
CA THR C 138 6.68 4.82 -31.21
C THR C 138 5.81 5.89 -30.58
N PHE C 139 6.23 7.15 -30.68
CA PHE C 139 5.44 8.28 -30.16
C PHE C 139 4.63 8.96 -31.26
N GLY C 140 3.37 9.26 -30.94
CA GLY C 140 2.51 10.12 -31.75
C GLY C 140 2.40 11.49 -31.08
N PRO C 141 1.40 12.30 -31.49
CA PRO C 141 1.25 13.63 -30.93
C PRO C 141 0.63 13.66 -29.54
N VAL C 142 0.74 14.80 -28.87
CA VAL C 142 0.06 15.06 -27.60
C VAL C 142 -1.20 15.87 -27.86
N LYS C 143 -2.35 15.30 -27.47
CA LYS C 143 -3.62 16.01 -27.48
C LYS C 143 -3.90 16.53 -26.08
N PHE C 144 -4.49 17.72 -25.98
CA PHE C 144 -4.90 18.30 -24.70
C PHE C 144 -6.40 18.22 -24.55
N TYR C 145 -6.87 17.47 -23.55
CA TYR C 145 -8.29 17.42 -23.22
C TYR C 145 -8.52 16.85 -21.82
N ASN C 146 -9.72 17.11 -21.27
CA ASN C 146 -10.15 16.56 -19.97
C ASN C 146 -10.10 15.04 -20.01
N GLN C 147 -9.12 14.48 -19.31
CA GLN C 147 -8.77 13.06 -19.41
C GLN C 147 -9.54 12.26 -18.34
N VAL C 148 -10.50 11.45 -18.77
CA VAL C 148 -11.37 10.72 -17.84
C VAL C 148 -10.71 9.40 -17.45
N LYS C 149 -10.53 9.19 -16.14
CA LYS C 149 -9.78 8.04 -15.62
C LYS C 149 -10.62 7.15 -14.71
N VAL C 150 -10.81 5.90 -15.13
CA VAL C 150 -11.61 4.91 -14.41
C VAL C 150 -10.69 4.11 -13.49
N ARG C 151 -10.88 4.23 -12.17
CA ARG C 151 -10.14 3.41 -11.20
C ARG C 151 -10.55 1.95 -11.33
N LYS C 152 -9.60 1.12 -11.74
CA LYS C 152 -9.87 -0.26 -12.12
C LYS C 152 -8.66 -1.15 -11.77
N ARG C 153 -8.94 -2.39 -11.38
CA ARG C 153 -7.89 -3.39 -11.17
C ARG C 153 -7.35 -3.84 -12.53
N VAL C 154 -6.03 -3.79 -12.68
CA VAL C 154 -5.35 -4.17 -13.93
C VAL C 154 -4.04 -4.86 -13.66
N ASP C 155 -3.56 -5.59 -14.67
CA ASP C 155 -2.29 -6.31 -14.58
C ASP C 155 -1.14 -5.29 -14.57
N ILE C 156 -0.10 -5.58 -13.80
CA ILE C 156 1.11 -4.74 -13.77
C ILE C 156 2.40 -5.53 -14.07
N ASN C 157 2.26 -6.73 -14.64
CA ASN C 157 3.39 -7.63 -14.87
C ASN C 157 3.35 -8.12 -16.32
N PRO C 158 3.64 -7.23 -17.29
CA PRO C 158 3.52 -7.62 -18.71
C PRO C 158 4.37 -8.83 -19.05
N GLY C 159 3.82 -9.74 -19.83
CA GLY C 159 4.48 -11.01 -20.14
C GLY C 159 4.52 -11.99 -18.97
N HIS C 160 3.57 -11.87 -18.05
CA HIS C 160 3.33 -12.91 -17.05
C HIS C 160 2.80 -14.16 -17.77
N LYS C 161 3.56 -15.25 -17.66
CA LYS C 161 3.08 -16.55 -18.13
C LYS C 161 2.18 -17.04 -17.00
N ASP C 162 0.87 -17.01 -17.23
CA ASP C 162 -0.13 -17.02 -16.15
C ASP C 162 -0.18 -18.36 -15.39
N LEU C 163 0.27 -18.32 -14.13
CA LEU C 163 0.27 -19.47 -13.23
C LEU C 163 0.01 -19.01 -11.81
N THR C 164 -0.49 -19.93 -10.98
CA THR C 164 -0.68 -19.65 -9.55
C THR C 164 0.66 -19.66 -8.83
N SER C 165 0.66 -19.15 -7.61
CA SER C 165 1.88 -19.04 -6.80
C SER C 165 2.48 -20.42 -6.48
N ARG C 166 1.61 -21.39 -6.16
CA ARG C 166 2.04 -22.77 -5.90
C ARG C 166 2.62 -23.44 -7.14
N GLU C 167 1.94 -23.26 -8.29
CA GLU C 167 2.44 -23.76 -9.57
C GLU C 167 3.79 -23.14 -9.93
N ALA C 168 3.93 -21.83 -9.70
CA ALA C 168 5.18 -21.10 -9.98
C ALA C 168 6.33 -21.52 -9.06
N GLN C 169 6.00 -21.89 -7.82
CA GLN C 169 6.99 -22.39 -6.86
C GLN C 169 7.63 -23.70 -7.32
N GLU C 170 6.81 -24.63 -7.83
CA GLU C 170 7.28 -25.89 -8.41
C GLU C 170 8.24 -25.66 -9.60
N VAL C 171 7.89 -24.69 -10.45
CA VAL C 171 8.70 -24.35 -11.63
C VAL C 171 10.06 -23.83 -11.19
N ILE C 172 10.06 -22.88 -10.26
CA ILE C 172 11.30 -22.25 -9.77
C ILE C 172 12.20 -23.30 -9.11
N MET C 173 11.61 -24.17 -8.30
CA MET C 173 12.35 -25.24 -7.62
C MET C 173 13.05 -26.15 -8.62
N GLU C 174 12.29 -26.63 -9.61
CA GLU C 174 12.82 -27.44 -10.71
C GLU C 174 14.02 -26.81 -11.41
N VAL C 175 13.94 -25.51 -11.68
CA VAL C 175 14.97 -24.81 -12.45
C VAL C 175 16.25 -24.63 -11.64
N VAL C 176 16.13 -24.03 -10.46
CA VAL C 176 17.30 -23.57 -9.68
C VAL C 176 17.75 -24.53 -8.57
N PHE C 177 16.81 -25.28 -8.00
CA PHE C 177 17.09 -26.25 -6.94
C PHE C 177 16.56 -27.64 -7.34
N PRO C 178 17.10 -28.22 -8.44
CA PRO C 178 16.50 -29.41 -9.08
C PRO C 178 16.44 -30.65 -8.19
N ASN C 179 17.46 -30.82 -7.35
CA ASN C 179 17.59 -31.99 -6.49
C ASN C 179 16.65 -31.96 -5.28
N GLU C 180 16.17 -30.77 -4.90
CA GLU C 180 15.47 -30.55 -3.63
C GLU C 180 13.94 -30.38 -3.78
N VAL C 181 13.39 -30.90 -4.87
CA VAL C 181 11.95 -30.76 -5.16
C VAL C 181 11.16 -31.74 -4.29
N GLY C 182 9.94 -31.36 -3.91
CA GLY C 182 9.09 -32.19 -3.06
C GLY C 182 8.40 -33.34 -3.77
N ALA C 183 7.19 -33.67 -3.30
CA ALA C 183 6.41 -34.80 -3.83
C ALA C 183 5.76 -34.49 -5.18
N ARG C 184 5.24 -33.26 -5.34
CA ARG C 184 4.51 -32.87 -6.55
C ARG C 184 5.44 -32.78 -7.77
N THR C 185 4.83 -32.84 -8.95
CA THR C 185 5.53 -32.84 -10.23
C THR C 185 4.95 -31.80 -11.18
N LEU C 186 5.57 -31.65 -12.34
CA LEU C 186 5.09 -30.72 -13.38
C LEU C 186 3.78 -31.22 -13.99
N SER C 187 2.67 -30.67 -13.52
CA SER C 187 1.33 -31.15 -13.86
C SER C 187 0.89 -30.75 -15.27
N SER C 188 1.07 -29.48 -15.62
CA SER C 188 0.61 -28.92 -16.90
C SER C 188 1.74 -28.82 -17.92
N ASP C 189 1.37 -28.73 -19.20
CA ASP C 189 2.32 -28.45 -20.30
C ASP C 189 2.80 -26.99 -20.28
N ALA C 190 2.01 -26.11 -19.68
CA ALA C 190 2.45 -24.76 -19.35
C ALA C 190 3.70 -24.82 -18.47
N GLN C 191 3.62 -25.60 -17.39
CA GLN C 191 4.72 -25.76 -16.45
C GLN C 191 5.94 -26.45 -17.06
N LEU C 192 5.72 -27.46 -17.91
CA LEU C 192 6.81 -28.21 -18.55
C LEU C 192 7.61 -27.36 -19.54
N THR C 193 6.91 -26.68 -20.45
CA THR C 193 7.56 -25.85 -21.47
C THR C 193 8.31 -24.66 -20.86
N ILE C 194 7.74 -24.05 -19.83
CA ILE C 194 8.38 -22.94 -19.11
C ILE C 194 9.62 -23.40 -18.34
N THR C 195 9.57 -24.59 -17.75
CA THR C 195 10.71 -25.15 -17.00
C THR C 195 11.87 -25.53 -17.91
N LYS C 196 11.58 -26.16 -19.04
CA LYS C 196 12.62 -26.53 -20.01
C LYS C 196 13.27 -25.29 -20.64
N GLU C 197 12.43 -24.30 -20.98
CA GLU C 197 12.90 -23.00 -21.51
C GLU C 197 13.80 -22.26 -20.53
N LYS C 198 13.34 -22.13 -19.29
CA LYS C 198 14.10 -21.46 -18.23
C LYS C 198 15.43 -22.16 -17.95
N LYS C 199 15.38 -23.48 -17.80
CA LYS C 199 16.59 -24.29 -17.67
C LYS C 199 17.56 -24.05 -18.83
N GLU C 200 17.03 -23.99 -20.04
CA GLU C 200 17.83 -23.76 -21.25
C GLU C 200 18.42 -22.34 -21.29
N GLU C 201 17.59 -21.33 -21.03
CA GLU C 201 18.01 -19.92 -21.09
C GLU C 201 19.00 -19.56 -19.97
N LEU C 202 18.70 -19.99 -18.75
CA LEU C 202 19.52 -19.67 -17.58
C LEU C 202 20.72 -20.60 -17.34
N LYS C 203 20.96 -21.58 -18.21
CA LYS C 203 22.07 -22.55 -18.03
C LYS C 203 23.45 -21.88 -17.98
N ASN C 204 24.23 -22.22 -16.96
CA ASN C 204 25.59 -21.72 -16.78
C ASN C 204 25.67 -20.18 -16.79
N CYS C 205 25.08 -19.59 -15.74
CA CYS C 205 25.11 -18.14 -15.52
C CYS C 205 25.51 -17.89 -14.08
N LYS C 206 26.72 -17.34 -13.88
CA LYS C 206 27.26 -17.14 -12.54
C LYS C 206 26.55 -16.00 -11.81
N ILE C 207 25.58 -16.37 -10.98
CA ILE C 207 24.79 -15.43 -10.19
C ILE C 207 24.16 -16.19 -9.02
N SER C 208 23.86 -15.48 -7.93
CA SER C 208 23.21 -16.12 -6.78
C SER C 208 21.88 -16.76 -7.17
N PRO C 209 21.69 -18.06 -6.88
CA PRO C 209 20.40 -18.73 -7.09
C PRO C 209 19.21 -18.03 -6.43
N ILE C 210 19.45 -17.37 -5.30
CA ILE C 210 18.44 -16.57 -4.59
C ILE C 210 17.88 -15.46 -5.49
N MET C 211 18.75 -14.81 -6.25
CA MET C 211 18.32 -13.76 -7.18
C MET C 211 17.52 -14.34 -8.36
N VAL C 212 17.90 -15.52 -8.84
CA VAL C 212 17.21 -16.20 -9.95
C VAL C 212 15.80 -16.60 -9.52
N ALA C 213 15.70 -17.22 -8.35
CA ALA C 213 14.42 -17.58 -7.74
C ALA C 213 13.52 -16.35 -7.55
N TYR C 214 14.13 -15.25 -7.09
CA TYR C 214 13.42 -13.98 -6.88
C TYR C 214 12.83 -13.44 -8.19
N MET C 215 13.67 -13.30 -9.21
CA MET C 215 13.22 -12.75 -10.51
C MET C 215 12.16 -13.60 -11.20
N LEU C 216 12.30 -14.92 -11.12
CA LEU C 216 11.30 -15.83 -11.67
C LEU C 216 9.96 -15.70 -10.97
N GLU C 217 9.98 -15.56 -9.65
CA GLU C 217 8.77 -15.31 -8.85
C GLU C 217 8.04 -14.05 -9.33
N ARG C 218 8.79 -12.97 -9.54
CA ARG C 218 8.25 -11.72 -10.04
C ARG C 218 7.77 -11.84 -11.49
N GLU C 219 8.50 -12.61 -12.30
CA GLU C 219 8.20 -12.78 -13.72
C GLU C 219 6.95 -13.62 -14.01
N LEU C 220 6.80 -14.74 -13.29
CA LEU C 220 5.79 -15.74 -13.64
C LEU C 220 4.41 -15.44 -13.08
N VAL C 221 4.35 -15.07 -11.81
CA VAL C 221 3.06 -14.87 -11.12
C VAL C 221 2.43 -13.55 -11.55
N ARG C 222 1.17 -13.61 -11.97
CA ARG C 222 0.38 -12.43 -12.30
C ARG C 222 0.22 -11.56 -11.05
N ARG C 223 0.28 -10.23 -11.23
CA ARG C 223 0.07 -9.26 -10.15
C ARG C 223 -0.79 -8.12 -10.65
N THR C 224 -1.67 -7.61 -9.79
CA THR C 224 -2.62 -6.57 -10.14
C THR C 224 -2.64 -5.44 -9.11
N ARG C 225 -3.16 -4.29 -9.54
CA ARG C 225 -3.34 -3.12 -8.68
C ARG C 225 -4.52 -2.30 -9.15
N PHE C 226 -5.21 -1.65 -8.22
CA PHE C 226 -6.18 -0.63 -8.58
C PHE C 226 -5.41 0.63 -9.00
N LEU C 227 -5.67 1.09 -10.22
CA LEU C 227 -5.02 2.27 -10.80
C LEU C 227 -6.03 3.07 -11.62
N PRO C 228 -5.91 4.42 -11.63
CA PRO C 228 -6.76 5.19 -12.52
C PRO C 228 -6.20 5.16 -13.94
N ILE C 229 -7.02 4.74 -14.90
CA ILE C 229 -6.59 4.49 -16.28
C ILE C 229 -7.53 5.21 -17.23
N ALA C 230 -6.94 6.00 -18.11
CA ALA C 230 -7.61 6.56 -19.28
C ALA C 230 -7.17 5.71 -20.46
N GLY C 231 -8.13 5.17 -21.20
CA GLY C 231 -7.84 4.42 -22.42
C GLY C 231 -7.39 2.99 -22.18
N ALA C 232 -6.42 2.55 -22.98
CA ALA C 232 -6.00 1.14 -23.04
C ALA C 232 -5.66 0.58 -21.66
N THR C 233 -6.18 -0.61 -21.37
CA THR C 233 -6.00 -1.28 -20.07
C THR C 233 -5.02 -2.46 -20.11
N SER C 234 -4.58 -2.86 -21.30
CA SER C 234 -3.58 -3.92 -21.47
C SER C 234 -2.33 -3.64 -20.63
N SER C 235 -1.63 -4.72 -20.27
CA SER C 235 -0.46 -4.66 -19.38
C SER C 235 0.64 -3.71 -19.85
N THR C 236 0.97 -3.76 -21.14
CA THR C 236 2.05 -2.94 -21.71
C THR C 236 1.72 -1.44 -21.78
N TYR C 237 0.43 -1.12 -21.80
CA TYR C 237 -0.04 0.25 -21.67
C TYR C 237 -0.10 0.71 -20.22
N VAL C 238 -0.54 -0.18 -19.32
CA VAL C 238 -0.54 0.08 -17.87
C VAL C 238 0.85 0.44 -17.37
N GLU C 239 1.84 -0.28 -17.90
CA GLU C 239 3.26 -0.08 -17.60
C GLU C 239 3.73 1.36 -17.77
N VAL C 240 3.14 2.08 -18.72
CA VAL C 240 3.58 3.43 -19.10
C VAL C 240 2.49 4.49 -18.90
N LEU C 241 1.70 4.34 -17.83
CA LEU C 241 0.66 5.33 -17.51
C LEU C 241 1.23 6.73 -17.22
N HIS C 242 2.31 6.77 -16.44
CA HIS C 242 3.01 8.02 -16.15
C HIS C 242 3.39 8.81 -17.40
N LEU C 243 3.76 8.09 -18.46
CA LEU C 243 4.19 8.67 -19.74
C LEU C 243 3.02 9.00 -20.68
N THR C 244 1.95 8.21 -20.66
CA THR C 244 0.85 8.34 -21.63
C THR C 244 -0.33 9.23 -21.20
N GLN C 245 -0.52 9.45 -19.90
CA GLN C 245 -1.65 10.25 -19.41
C GLN C 245 -1.27 11.20 -18.28
N GLY C 246 -1.80 12.42 -18.36
CA GLY C 246 -1.77 13.35 -17.25
C GLY C 246 -3.18 13.80 -16.96
N THR C 247 -3.30 14.94 -16.28
CA THR C 247 -4.62 15.45 -15.90
C THR C 247 -5.36 15.99 -17.13
N CYS C 248 -4.62 16.63 -18.03
CA CYS C 248 -5.19 17.35 -19.17
C CYS C 248 -4.59 16.95 -20.51
N TRP C 249 -4.01 15.76 -20.61
CA TRP C 249 -3.28 15.41 -21.83
C TRP C 249 -3.11 13.91 -22.05
N GLU C 250 -3.04 13.53 -23.33
CA GLU C 250 -2.76 12.17 -23.78
C GLU C 250 -1.54 12.22 -24.67
N GLN C 251 -0.48 11.51 -24.29
CA GLN C 251 0.68 11.30 -25.16
C GLN C 251 0.42 9.99 -25.89
N GLN C 252 0.00 10.05 -27.15
CA GLN C 252 -0.20 8.84 -27.95
C GLN C 252 1.12 8.06 -28.06
N TYR C 253 1.05 6.75 -27.81
CA TYR C 253 2.24 5.91 -27.75
C TYR C 253 1.86 4.46 -28.01
N THR C 254 2.69 3.77 -28.77
CA THR C 254 2.54 2.35 -29.06
C THR C 254 3.80 1.66 -28.55
N PRO C 255 3.69 0.80 -27.53
CA PRO C 255 4.86 0.03 -27.08
C PRO C 255 5.41 -0.88 -28.17
N GLY C 256 6.67 -1.25 -28.05
CA GLY C 256 7.29 -2.23 -28.95
C GLY C 256 6.65 -3.58 -28.78
N GLY C 257 6.75 -4.42 -29.81
CA GLY C 257 6.17 -5.75 -29.79
C GLY C 257 4.74 -5.77 -30.30
N GLU C 258 4.20 -6.96 -30.48
CA GLU C 258 2.89 -7.16 -31.08
C GLU C 258 1.82 -7.27 -30.01
N ALA C 259 0.62 -6.78 -30.32
CA ALA C 259 -0.53 -6.93 -29.45
C ALA C 259 -1.05 -8.36 -29.52
N GLU C 260 -1.54 -8.88 -28.39
CA GLU C 260 -2.13 -10.23 -28.33
C GLU C 260 -3.53 -10.22 -28.98
N ASN C 261 -3.89 -11.34 -29.61
CA ASN C 261 -5.14 -11.46 -30.36
C ASN C 261 -6.36 -11.27 -29.45
N ASP C 262 -6.27 -11.80 -28.22
CA ASP C 262 -7.28 -11.57 -27.17
C ASP C 262 -7.60 -10.09 -27.02
N ASP C 263 -6.56 -9.28 -26.84
CA ASP C 263 -6.71 -7.83 -26.66
C ASP C 263 -7.25 -7.17 -27.92
N LEU C 264 -6.74 -7.59 -29.07
CA LEU C 264 -7.17 -7.10 -30.39
C LEU C 264 -8.65 -7.41 -30.68
N ASP C 265 -9.09 -8.61 -30.31
CA ASP C 265 -10.50 -9.01 -30.51
C ASP C 265 -11.45 -8.23 -29.59
N GLN C 266 -11.03 -8.03 -28.34
CA GLN C 266 -11.82 -7.26 -27.38
C GLN C 266 -12.01 -5.80 -27.82
N THR C 267 -10.92 -5.20 -28.30
CA THR C 267 -10.95 -3.79 -28.75
C THR C 267 -11.67 -3.60 -30.10
N LEU C 268 -11.54 -4.58 -30.99
CA LEU C 268 -12.30 -4.61 -32.25
C LEU C 268 -13.80 -4.58 -32.01
N ILE C 269 -14.27 -5.39 -31.06
CA ILE C 269 -15.68 -5.42 -30.68
C ILE C 269 -16.17 -4.07 -30.15
N ILE C 270 -15.37 -3.43 -29.29
CA ILE C 270 -15.73 -2.15 -28.71
C ILE C 270 -15.80 -1.07 -29.78
N ALA C 271 -14.80 -1.07 -30.67
CA ALA C 271 -14.72 -0.10 -31.76
C ALA C 271 -15.90 -0.20 -32.74
N SER C 272 -16.24 -1.43 -33.13
CA SER C 272 -17.38 -1.67 -34.01
C SER C 272 -18.72 -1.21 -33.40
N ARG C 273 -18.90 -1.49 -32.11
CA ARG C 273 -20.14 -1.12 -31.43
C ARG C 273 -20.29 0.39 -31.36
N ASN C 274 -19.21 1.07 -30.96
CA ASN C 274 -19.18 2.53 -30.91
C ASN C 274 -19.45 3.14 -32.29
N ILE C 275 -18.89 2.53 -33.32
CA ILE C 275 -19.13 2.95 -34.71
C ILE C 275 -20.60 2.74 -35.10
N VAL C 276 -21.15 1.56 -34.80
CA VAL C 276 -22.55 1.26 -35.11
C VAL C 276 -23.51 2.16 -34.32
N ARG C 277 -23.24 2.36 -33.03
CA ARG C 277 -24.06 3.24 -32.17
C ARG C 277 -24.10 4.68 -32.70
N ARG C 278 -22.94 5.18 -33.14
CA ARG C 278 -22.86 6.52 -33.73
C ARG C 278 -23.63 6.62 -35.04
N SER C 279 -23.49 5.60 -35.88
CA SER C 279 -24.08 5.59 -37.22
C SER C 279 -25.61 5.64 -37.22
N ILE C 280 -26.24 4.94 -36.28
CA ILE C 280 -27.71 4.86 -36.20
C ILE C 280 -28.35 6.24 -36.11
N VAL C 281 -27.77 7.11 -35.28
CA VAL C 281 -28.32 8.46 -35.06
C VAL C 281 -28.03 9.48 -36.19
N ALA C 282 -27.16 9.11 -37.14
CA ALA C 282 -26.88 9.94 -38.31
C ALA C 282 -27.95 9.79 -39.40
N ILE C 283 -27.97 10.73 -40.34
CA ILE C 283 -28.96 10.77 -41.44
C ILE C 283 -28.76 9.62 -42.44
N ASP C 284 -27.50 9.31 -42.75
CA ASP C 284 -27.16 8.20 -43.63
C ASP C 284 -26.20 7.27 -42.87
N PRO C 285 -26.77 6.37 -42.03
CA PRO C 285 -25.99 5.46 -41.19
C PRO C 285 -24.94 4.62 -41.92
N LEU C 286 -25.31 4.05 -43.06
CA LEU C 286 -24.39 3.22 -43.83
C LEU C 286 -23.17 4.01 -44.32
N ALA C 287 -23.38 5.24 -44.79
CA ALA C 287 -22.28 6.11 -45.22
C ALA C 287 -21.41 6.56 -44.05
N SER C 288 -22.05 6.87 -42.93
CA SER C 288 -21.34 7.24 -41.70
C SER C 288 -20.48 6.10 -41.17
N LEU C 289 -21.05 4.88 -41.14
CA LEU C 289 -20.30 3.69 -40.76
C LEU C 289 -19.11 3.45 -41.67
N LEU C 290 -19.33 3.60 -42.97
CA LEU C 290 -18.28 3.43 -43.97
C LEU C 290 -17.16 4.46 -43.81
N SER C 291 -17.54 5.71 -43.54
CA SER C 291 -16.57 6.78 -43.29
C SER C 291 -15.67 6.48 -42.09
N MET C 292 -16.31 6.10 -40.98
CA MET C 292 -15.58 5.79 -39.73
C MET C 292 -14.68 4.56 -39.87
N CYS C 293 -15.15 3.51 -40.53
CA CYS C 293 -14.34 2.32 -40.75
C CYS C 293 -13.02 2.62 -41.49
N HIS C 294 -13.08 3.49 -42.50
CA HIS C 294 -11.87 3.85 -43.27
C HIS C 294 -10.91 4.76 -42.48
N THR C 295 -11.46 5.66 -41.67
CA THR C 295 -10.63 6.56 -40.85
C THR C 295 -10.08 5.92 -39.56
N THR C 296 -10.79 4.95 -38.98
CA THR C 296 -10.47 4.42 -37.65
C THR C 296 -9.26 3.47 -37.69
N SER C 297 -8.49 3.50 -36.60
CA SER C 297 -7.39 2.57 -36.39
C SER C 297 -7.37 2.06 -34.96
N ILE C 298 -6.96 0.80 -34.80
CA ILE C 298 -6.80 0.17 -33.49
C ILE C 298 -5.32 -0.16 -33.33
N SER C 299 -4.73 0.32 -32.23
CA SER C 299 -3.30 0.14 -31.94
C SER C 299 -2.42 0.56 -33.14
N SER C 300 -2.78 1.70 -33.74
CA SER C 300 -2.15 2.23 -34.96
C SER C 300 -2.14 1.27 -36.17
N GLU C 301 -3.19 0.47 -36.31
CA GLU C 301 -3.44 -0.37 -37.49
C GLU C 301 -4.84 -0.04 -38.00
N PRO C 302 -5.02 0.16 -39.33
CA PRO C 302 -6.36 0.54 -39.82
C PRO C 302 -7.44 -0.52 -39.56
N LEU C 303 -8.64 -0.07 -39.21
CA LEU C 303 -9.74 -0.98 -38.85
C LEU C 303 -10.17 -1.88 -40.02
N VAL C 304 -10.03 -1.39 -41.25
CA VAL C 304 -10.50 -2.14 -42.42
C VAL C 304 -9.67 -3.39 -42.70
N GLU C 305 -8.35 -3.32 -42.54
CA GLU C 305 -7.49 -4.50 -42.74
C GLU C 305 -7.59 -5.49 -41.57
N ILE C 306 -7.90 -5.00 -40.37
CA ILE C 306 -8.22 -5.86 -39.23
C ILE C 306 -9.47 -6.69 -39.54
N LEU C 307 -10.53 -6.01 -39.96
CA LEU C 307 -11.78 -6.69 -40.35
C LEU C 307 -11.60 -7.70 -41.49
N ARG C 308 -10.74 -7.39 -42.46
CA ARG C 308 -10.43 -8.31 -43.56
C ARG C 308 -9.76 -9.62 -43.14
N SER C 309 -9.03 -9.61 -42.01
CA SER C 309 -8.30 -10.80 -41.53
C SER C 309 -8.68 -11.33 -40.15
N ASN C 310 -9.58 -10.64 -39.43
CA ASN C 310 -9.96 -11.05 -38.07
C ASN C 310 -11.25 -11.87 -38.11
N PRO C 311 -11.26 -13.07 -37.48
CA PRO C 311 -12.41 -13.96 -37.53
C PRO C 311 -13.46 -13.77 -36.41
N THR C 312 -13.47 -12.62 -35.72
CA THR C 312 -14.40 -12.40 -34.61
C THR C 312 -15.84 -12.38 -35.11
N ASP C 313 -16.72 -13.07 -34.37
CA ASP C 313 -18.15 -13.19 -34.68
C ASP C 313 -18.94 -12.43 -33.62
N GLU C 314 -19.52 -11.29 -34.00
CA GLU C 314 -20.21 -10.38 -33.08
C GLU C 314 -21.05 -9.44 -33.94
N GLN C 315 -22.25 -9.08 -33.48
CA GLN C 315 -23.23 -8.38 -34.33
C GLN C 315 -22.73 -7.07 -34.95
N ALA C 316 -22.14 -6.19 -34.12
CA ALA C 316 -21.58 -4.92 -34.59
C ALA C 316 -20.42 -5.11 -35.58
N VAL C 317 -19.51 -6.03 -35.28
CA VAL C 317 -18.40 -6.38 -36.19
C VAL C 317 -18.94 -6.89 -37.52
N ASN C 318 -19.94 -7.78 -37.45
CA ASN C 318 -20.55 -8.34 -38.66
C ASN C 318 -21.24 -7.27 -39.52
N ILE C 319 -21.86 -6.27 -38.89
CA ILE C 319 -22.43 -5.13 -39.61
C ILE C 319 -21.33 -4.35 -40.35
N CYS C 320 -20.20 -4.12 -39.67
CA CYS C 320 -19.05 -3.46 -40.30
C CYS C 320 -18.50 -4.28 -41.48
N LYS C 321 -18.46 -5.60 -41.33
CA LYS C 321 -18.04 -6.50 -42.41
C LYS C 321 -19.03 -6.49 -43.58
N ALA C 322 -20.33 -6.53 -43.26
CA ALA C 322 -21.39 -6.44 -44.26
C ALA C 322 -21.25 -5.19 -45.14
N ALA C 323 -21.06 -4.04 -44.50
CA ALA C 323 -20.90 -2.75 -45.21
C ALA C 323 -19.70 -2.72 -46.14
N LEU C 324 -18.63 -3.42 -45.75
CA LEU C 324 -17.41 -3.54 -46.56
C LEU C 324 -17.44 -4.73 -47.54
N GLY C 325 -18.55 -5.47 -47.57
CA GLY C 325 -18.71 -6.60 -48.46
C GLY C 325 -17.84 -7.81 -48.15
N ILE C 326 -17.30 -7.89 -46.93
CA ILE C 326 -16.41 -8.99 -46.55
C ILE C 326 -17.19 -10.03 -45.73
N ARG C 327 -16.83 -11.30 -45.91
CA ARG C 327 -17.65 -12.41 -45.40
C ARG C 327 -17.68 -12.48 -43.88
N ILE C 328 -18.90 -12.57 -43.35
CA ILE C 328 -19.13 -12.77 -41.92
C ILE C 328 -18.60 -14.13 -41.52
N ASN C 329 -17.94 -14.23 -40.36
CA ASN C 329 -17.59 -15.53 -39.80
C ASN C 329 -18.90 -16.14 -39.27
N ASN C 330 -19.64 -16.71 -40.23
CA ASN C 330 -21.01 -17.18 -40.03
C ASN C 330 -21.03 -18.63 -39.56
N SER C 331 -19.86 -19.28 -39.59
CA SER C 331 -19.80 -20.73 -39.50
C SER C 331 -18.52 -21.24 -38.84
N PHE C 332 -18.55 -22.51 -38.50
CA PHE C 332 -17.44 -23.21 -37.88
C PHE C 332 -17.69 -24.71 -38.05
N SER C 333 -16.79 -25.54 -37.53
CA SER C 333 -16.96 -26.99 -37.61
C SER C 333 -16.73 -27.63 -36.25
N PHE C 334 -17.61 -28.55 -35.87
CA PHE C 334 -17.58 -29.23 -34.58
C PHE C 334 -17.98 -30.69 -34.73
N GLY C 335 -17.21 -31.59 -34.12
CA GLY C 335 -17.46 -33.04 -34.17
C GLY C 335 -17.35 -33.70 -35.54
N GLY C 336 -16.72 -33.01 -36.50
CA GLY C 336 -16.67 -33.46 -37.89
C GLY C 336 -17.67 -32.78 -38.83
N TYR C 337 -18.68 -32.11 -38.27
CA TYR C 337 -19.75 -31.50 -39.05
C TYR C 337 -19.54 -29.99 -39.12
N ASN C 338 -19.86 -29.38 -40.27
CA ASN C 338 -19.78 -27.93 -40.45
C ASN C 338 -21.11 -27.27 -40.07
N PHE C 339 -21.09 -26.43 -39.03
CA PHE C 339 -22.26 -25.68 -38.56
C PHE C 339 -22.24 -24.29 -39.20
N LYS C 340 -23.32 -23.93 -39.89
CA LYS C 340 -23.49 -22.60 -40.47
C LYS C 340 -24.74 -21.95 -39.85
N ARG C 341 -24.56 -20.81 -39.18
CA ARG C 341 -25.68 -20.09 -38.57
C ARG C 341 -26.48 -19.35 -39.65
N VAL C 342 -27.78 -19.60 -39.72
CA VAL C 342 -28.67 -18.94 -40.68
C VAL C 342 -29.60 -17.89 -40.03
N LYS C 343 -29.86 -18.01 -38.73
CA LYS C 343 -30.62 -17.00 -37.99
C LYS C 343 -30.09 -16.84 -36.55
N GLY C 344 -30.34 -15.66 -35.98
CA GLY C 344 -29.96 -15.37 -34.60
C GLY C 344 -28.50 -15.00 -34.43
N SER C 345 -28.04 -15.09 -33.19
CA SER C 345 -26.67 -14.65 -32.83
C SER C 345 -26.17 -15.31 -31.55
N SER C 346 -24.85 -15.40 -31.43
CA SER C 346 -24.17 -16.08 -30.32
C SER C 346 -23.68 -15.10 -29.23
N GLN C 347 -24.49 -14.92 -28.19
CA GLN C 347 -24.04 -14.23 -26.97
C GLN C 347 -23.39 -15.26 -26.04
N ARG C 348 -22.15 -14.99 -25.64
CA ARG C 348 -21.29 -15.96 -24.96
C ARG C 348 -21.17 -15.66 -23.46
N THR C 349 -21.48 -16.66 -22.63
CA THR C 349 -21.44 -16.54 -21.17
C THR C 349 -20.60 -17.70 -20.60
N GLU C 350 -19.41 -17.38 -20.09
CA GLU C 350 -18.50 -18.39 -19.55
C GLU C 350 -18.86 -18.69 -18.09
N LYS C 351 -19.38 -19.88 -17.83
CA LYS C 351 -19.80 -20.32 -16.49
C LYS C 351 -19.44 -21.79 -16.29
N ALA C 352 -19.78 -22.35 -15.13
CA ALA C 352 -19.49 -23.77 -14.84
C ALA C 352 -20.70 -24.47 -14.23
N VAL C 353 -20.95 -25.71 -14.68
CA VAL C 353 -22.17 -26.46 -14.38
C VAL C 353 -21.84 -27.82 -13.76
N LEU C 354 -22.75 -28.32 -12.93
CA LEU C 354 -22.63 -29.66 -12.32
C LEU C 354 -23.23 -30.73 -13.23
N THR C 355 -22.51 -31.84 -13.38
CA THR C 355 -22.97 -33.02 -14.13
C THR C 355 -23.75 -33.97 -13.20
N GLY C 356 -24.17 -35.12 -13.72
CA GLY C 356 -24.70 -36.22 -12.90
C GLY C 356 -23.64 -36.90 -12.04
N ASN C 357 -22.37 -36.76 -12.44
CA ASN C 357 -21.21 -37.24 -11.67
C ASN C 357 -20.80 -36.29 -10.51
N LEU C 358 -21.43 -35.11 -10.43
CA LEU C 358 -21.13 -34.06 -9.43
C LEU C 358 -19.70 -33.52 -9.61
N GLN C 359 -19.42 -33.09 -10.83
CA GLN C 359 -18.10 -32.59 -11.23
C GLN C 359 -18.27 -31.29 -12.03
N THR C 360 -17.71 -30.19 -11.51
CA THR C 360 -17.82 -28.87 -12.14
C THR C 360 -16.81 -28.72 -13.29
N LEU C 361 -17.21 -27.97 -14.34
CA LEU C 361 -16.40 -27.80 -15.54
C LEU C 361 -16.58 -26.39 -16.12
N THR C 362 -15.47 -25.72 -16.46
CA THR C 362 -15.52 -24.37 -17.02
C THR C 362 -15.90 -24.38 -18.50
N MET C 363 -17.20 -24.19 -18.77
CA MET C 363 -17.75 -24.19 -20.13
C MET C 363 -17.88 -22.76 -20.66
N THR C 364 -18.07 -22.65 -21.98
CA THR C 364 -18.41 -21.38 -22.62
C THR C 364 -19.81 -21.52 -23.22
N ILE C 365 -20.80 -21.59 -22.33
CA ILE C 365 -22.21 -21.81 -22.71
C ILE C 365 -22.75 -20.64 -23.54
N PHE C 366 -23.58 -20.96 -24.53
CA PHE C 366 -24.11 -19.99 -25.49
C PHE C 366 -25.59 -19.68 -25.22
N GLU C 367 -25.95 -18.40 -25.26
CA GLU C 367 -27.34 -17.93 -25.08
C GLU C 367 -27.95 -17.49 -26.40
N GLY C 368 -29.26 -17.23 -26.37
CA GLY C 368 -30.00 -16.72 -27.53
C GLY C 368 -30.59 -17.82 -28.41
N TYR C 369 -31.68 -17.48 -29.11
CA TYR C 369 -32.25 -18.35 -30.11
C TYR C 369 -31.32 -18.34 -31.32
N GLU C 370 -30.76 -19.49 -31.65
CA GLU C 370 -29.90 -19.69 -32.83
C GLU C 370 -30.49 -20.74 -33.75
N GLU C 371 -30.10 -20.67 -35.02
CA GLU C 371 -30.59 -21.56 -36.06
C GLU C 371 -29.42 -21.94 -36.99
N PHE C 372 -29.06 -23.22 -37.02
CA PHE C 372 -27.96 -23.71 -37.86
C PHE C 372 -28.41 -24.66 -38.98
N ASN C 373 -27.82 -24.50 -40.16
CA ASN C 373 -27.75 -25.59 -41.15
C ASN C 373 -26.45 -26.33 -40.87
N VAL C 374 -26.56 -27.61 -40.51
CA VAL C 374 -25.40 -28.45 -40.20
C VAL C 374 -25.25 -29.54 -41.26
N SER C 375 -24.01 -29.89 -41.61
CA SER C 375 -23.73 -30.90 -42.64
C SER C 375 -22.34 -31.53 -42.53
N GLY C 376 -22.20 -32.73 -43.11
CA GLY C 376 -20.94 -33.48 -43.14
C GLY C 376 -21.14 -34.93 -42.73
N LYS C 377 -20.23 -35.79 -43.18
CA LYS C 377 -20.28 -37.24 -42.88
C LYS C 377 -21.59 -37.90 -43.33
N ARG C 378 -21.98 -37.65 -44.59
CA ARG C 378 -23.16 -38.28 -45.20
C ARG C 378 -24.48 -38.04 -44.42
N ALA C 379 -24.59 -36.89 -43.78
CA ALA C 379 -25.78 -36.57 -42.98
C ALA C 379 -25.87 -35.07 -42.74
N SER C 380 -27.07 -34.52 -42.88
CA SER C 380 -27.32 -33.11 -42.67
C SER C 380 -28.40 -32.90 -41.60
N ALA C 381 -28.51 -31.67 -41.12
CA ALA C 381 -29.54 -31.31 -40.13
C ALA C 381 -29.82 -29.81 -40.13
N VAL C 382 -31.07 -29.45 -39.84
CA VAL C 382 -31.44 -28.08 -39.49
C VAL C 382 -31.62 -28.06 -37.97
N LEU C 383 -30.79 -27.28 -37.27
CA LEU C 383 -30.87 -27.14 -35.82
C LEU C 383 -31.48 -25.82 -35.43
N LYS C 384 -32.49 -25.86 -34.57
CA LYS C 384 -32.98 -24.71 -33.84
C LYS C 384 -32.59 -24.92 -32.39
N LYS C 385 -31.87 -23.96 -31.81
CA LYS C 385 -31.30 -24.10 -30.46
C LYS C 385 -31.52 -22.84 -29.63
N GLY C 386 -31.86 -23.04 -28.36
CA GLY C 386 -31.88 -21.98 -27.35
C GLY C 386 -30.76 -22.15 -26.35
N ALA C 387 -30.82 -21.39 -25.26
CA ALA C 387 -29.83 -21.46 -24.19
C ALA C 387 -29.97 -22.77 -23.43
N GLN C 388 -29.01 -23.67 -23.61
CA GLN C 388 -29.08 -25.04 -23.05
C GLN C 388 -30.41 -25.73 -23.38
N ARG C 389 -30.84 -25.62 -24.64
CA ARG C 389 -32.13 -26.14 -25.10
C ARG C 389 -32.10 -26.50 -26.58
N LEU C 390 -32.28 -27.79 -26.88
CA LEU C 390 -32.47 -28.26 -28.24
C LEU C 390 -33.94 -28.07 -28.58
N ILE C 391 -34.24 -26.98 -29.28
CA ILE C 391 -35.63 -26.67 -29.65
C ILE C 391 -36.10 -27.66 -30.70
N GLN C 392 -35.36 -27.77 -31.81
CA GLN C 392 -35.66 -28.77 -32.83
C GLN C 392 -34.44 -29.15 -33.67
N ALA C 393 -34.38 -30.44 -34.04
CA ALA C 393 -33.39 -30.93 -34.99
C ALA C 393 -34.10 -31.83 -35.99
N ILE C 394 -34.10 -31.42 -37.27
CA ILE C 394 -34.60 -32.24 -38.37
C ILE C 394 -33.37 -32.80 -39.08
N ILE C 395 -33.11 -34.10 -38.86
CA ILE C 395 -31.88 -34.75 -39.32
C ILE C 395 -32.16 -35.73 -40.46
N GLY C 396 -31.30 -35.74 -41.46
CA GLY C 396 -31.35 -36.70 -42.58
C GLY C 396 -29.98 -37.24 -42.92
N GLY C 397 -29.93 -38.33 -43.66
CA GLY C 397 -28.66 -38.96 -43.98
C GLY C 397 -28.78 -40.24 -44.77
N ARG C 398 -27.64 -40.69 -45.29
CA ARG C 398 -27.57 -41.87 -46.16
C ARG C 398 -27.78 -43.18 -45.40
N THR C 399 -27.49 -43.18 -44.09
CA THR C 399 -27.66 -44.38 -43.26
C THR C 399 -28.16 -43.99 -41.88
N LEU C 400 -28.86 -44.91 -41.22
CA LEU C 400 -29.36 -44.67 -39.86
C LEU C 400 -28.22 -44.50 -38.85
N GLU C 401 -27.18 -45.31 -38.96
CA GLU C 401 -25.90 -45.10 -38.27
C GLU C 401 -25.43 -43.65 -38.32
N ASP C 402 -25.39 -43.08 -39.53
CA ASP C 402 -24.90 -41.73 -39.75
C ASP C 402 -25.83 -40.65 -39.19
N ILE C 403 -27.14 -40.83 -39.39
CA ILE C 403 -28.15 -39.92 -38.83
C ILE C 403 -28.03 -39.87 -37.31
N LEU C 404 -27.94 -41.06 -36.71
CA LEU C 404 -27.78 -41.20 -35.25
C LEU C 404 -26.48 -40.61 -34.71
N ASN C 405 -25.38 -40.71 -35.48
CA ASN C 405 -24.12 -40.09 -35.08
C ASN C 405 -24.27 -38.58 -34.99
N LEU C 406 -24.90 -37.99 -36.01
CA LEU C 406 -25.17 -36.56 -36.01
C LEU C 406 -26.14 -36.15 -34.89
N MET C 407 -27.15 -36.99 -34.62
CA MET C 407 -28.06 -36.75 -33.48
C MET C 407 -27.31 -36.60 -32.16
N ILE C 408 -26.34 -37.48 -31.92
CA ILE C 408 -25.53 -37.48 -30.69
C ILE C 408 -24.73 -36.19 -30.60
N THR C 409 -24.03 -35.86 -31.68
CA THR C 409 -23.29 -34.61 -31.79
C THR C 409 -24.18 -33.39 -31.47
N LEU C 410 -25.38 -33.37 -32.03
CA LEU C 410 -26.34 -32.29 -31.78
C LEU C 410 -26.84 -32.28 -30.33
N MET C 411 -27.09 -33.45 -29.76
CA MET C 411 -27.54 -33.55 -28.35
C MET C 411 -26.49 -33.06 -27.35
N VAL C 412 -25.21 -33.13 -27.72
CA VAL C 412 -24.10 -32.59 -26.92
C VAL C 412 -23.94 -31.09 -27.17
N PHE C 413 -23.99 -30.69 -28.44
CA PHE C 413 -23.89 -29.28 -28.85
C PHE C 413 -25.01 -28.41 -28.24
N SER C 414 -26.15 -29.01 -27.93
CA SER C 414 -27.26 -28.31 -27.27
C SER C 414 -26.91 -27.75 -25.89
N GLN C 415 -26.08 -28.49 -25.15
CA GLN C 415 -25.69 -28.18 -23.76
C GLN C 415 -26.85 -28.30 -22.77
N GLU C 416 -27.79 -29.22 -23.02
CA GLU C 416 -28.97 -29.38 -22.17
C GLU C 416 -28.62 -29.95 -20.79
N GLU C 417 -29.47 -29.64 -19.80
CA GLU C 417 -29.33 -30.21 -18.45
C GLU C 417 -29.74 -31.70 -18.39
N LYS C 418 -30.57 -32.13 -19.35
CA LYS C 418 -30.87 -33.56 -19.54
C LYS C 418 -29.59 -34.37 -19.73
N MET C 419 -28.75 -33.94 -20.67
CA MET C 419 -27.57 -34.70 -21.06
C MET C 419 -26.43 -34.60 -20.05
N LEU C 420 -26.30 -33.46 -19.38
CA LEU C 420 -25.28 -33.28 -18.34
C LEU C 420 -25.54 -34.17 -17.12
N LYS C 421 -26.80 -34.17 -16.65
CA LYS C 421 -27.23 -35.02 -15.53
C LYS C 421 -27.25 -36.53 -15.85
N ALA C 422 -27.23 -36.88 -17.14
CA ALA C 422 -27.11 -38.27 -17.58
C ALA C 422 -25.67 -38.76 -17.77
N VAL C 423 -24.67 -37.93 -17.44
CA VAL C 423 -23.26 -38.36 -17.49
C VAL C 423 -22.96 -39.23 -16.26
N ARG C 424 -22.35 -40.40 -16.47
CA ARG C 424 -21.86 -41.28 -15.39
C ARG C 424 -20.34 -41.41 -15.48
N GLY C 425 -19.67 -41.39 -14.34
CA GLY C 425 -18.21 -41.49 -14.29
C GLY C 425 -17.49 -40.19 -14.61
N ASP C 426 -16.15 -40.25 -14.64
CA ASP C 426 -15.30 -39.06 -14.87
C ASP C 426 -14.99 -38.86 -16.36
N LEU C 427 -14.92 -37.60 -16.78
CA LEU C 427 -14.56 -37.23 -18.15
C LEU C 427 -13.04 -37.00 -18.25
N ASN C 428 -12.34 -37.92 -18.93
CA ASN C 428 -10.88 -37.88 -19.04
C ASN C 428 -10.39 -38.37 -20.41
N PHE C 429 -10.16 -37.41 -21.33
CA PHE C 429 -9.53 -37.67 -22.64
C PHE C 429 -8.34 -36.73 -22.84
N ASN C 438 -10.63 -29.58 -25.55
CA ASN C 438 -11.55 -28.70 -24.78
C ASN C 438 -12.80 -29.45 -24.26
N PRO C 439 -13.44 -28.95 -23.17
CA PRO C 439 -14.50 -29.71 -22.46
C PRO C 439 -15.83 -30.02 -23.22
N MET C 440 -16.06 -29.38 -24.37
CA MET C 440 -17.18 -29.78 -25.25
C MET C 440 -16.90 -31.12 -25.93
N TYR C 441 -15.66 -31.30 -26.40
CA TYR C 441 -15.20 -32.58 -26.94
C TYR C 441 -15.10 -33.69 -25.86
N GLN C 442 -14.89 -33.31 -24.60
CA GLN C 442 -14.86 -34.27 -23.49
C GLN C 442 -16.23 -34.90 -23.22
N LEU C 443 -17.29 -34.10 -23.37
CA LEU C 443 -18.68 -34.61 -23.34
C LEU C 443 -19.04 -35.43 -24.58
N LEU C 444 -18.51 -35.04 -25.74
CA LEU C 444 -18.74 -35.73 -27.01
C LEU C 444 -18.16 -37.15 -27.04
N ARG C 445 -16.85 -37.26 -26.80
CA ARG C 445 -16.16 -38.58 -26.84
C ARG C 445 -16.68 -39.55 -25.77
N HIS C 446 -17.23 -39.02 -24.68
CA HIS C 446 -17.93 -39.85 -23.68
C HIS C 446 -19.21 -40.46 -24.25
N PHE C 447 -20.08 -39.62 -24.79
CA PHE C 447 -21.36 -40.07 -25.33
C PHE C 447 -21.25 -40.79 -26.68
N GLN C 448 -20.19 -40.51 -27.44
CA GLN C 448 -19.89 -41.25 -28.68
C GLN C 448 -19.48 -42.71 -28.46
N LYS C 449 -19.13 -43.08 -27.23
CA LYS C 449 -18.82 -44.48 -26.88
C LYS C 449 -19.79 -45.12 -25.87
N ASP C 450 -20.71 -44.34 -25.30
CA ASP C 450 -21.86 -44.90 -24.57
C ASP C 450 -22.96 -43.84 -24.42
N SER C 451 -24.12 -44.10 -25.00
CA SER C 451 -25.26 -43.17 -24.97
C SER C 451 -26.54 -43.82 -24.42
N SER C 452 -26.39 -44.83 -23.57
CA SER C 452 -27.52 -45.63 -23.08
C SER C 452 -28.39 -44.87 -22.07
N THR C 453 -27.75 -44.16 -21.14
CA THR C 453 -28.46 -43.34 -20.15
C THR C 453 -28.92 -42.01 -20.76
N LEU C 454 -28.08 -41.45 -21.64
CA LEU C 454 -28.40 -40.20 -22.36
C LEU C 454 -29.79 -40.24 -22.98
N LEU C 455 -30.06 -41.30 -23.73
CA LEU C 455 -31.32 -41.44 -24.46
C LEU C 455 -32.53 -41.75 -23.56
N LYS C 456 -32.31 -42.56 -22.53
CA LYS C 456 -33.35 -42.83 -21.52
C LYS C 456 -33.67 -41.58 -20.69
N ASN C 457 -32.65 -40.80 -20.37
CA ASN C 457 -32.82 -39.52 -19.65
C ASN C 457 -33.30 -38.37 -20.54
N TRP C 458 -33.01 -38.43 -21.85
CA TRP C 458 -33.47 -37.39 -22.79
C TRP C 458 -34.98 -37.25 -22.80
N GLY C 459 -35.68 -38.37 -22.83
CA GLY C 459 -37.15 -38.37 -22.82
C GLY C 459 -37.73 -38.27 -24.21
N THR C 460 -39.00 -38.66 -24.34
CA THR C 460 -39.66 -38.73 -25.62
C THR C 460 -40.94 -37.91 -25.60
N GLU C 461 -41.41 -37.55 -26.79
CA GLU C 461 -42.62 -36.77 -26.97
C GLU C 461 -43.47 -37.40 -28.05
N GLU C 462 -44.78 -37.19 -27.97
CA GLU C 462 -45.71 -37.56 -29.03
C GLU C 462 -45.73 -36.48 -30.09
N ILE C 463 -45.98 -36.87 -31.35
CA ILE C 463 -46.11 -35.93 -32.47
C ILE C 463 -47.22 -36.36 -33.42
N ASP C 464 -47.67 -35.43 -34.25
CA ASP C 464 -48.64 -35.74 -35.30
C ASP C 464 -47.92 -36.53 -36.40
N PRO C 465 -48.57 -37.58 -36.93
CA PRO C 465 -47.97 -38.25 -38.09
C PRO C 465 -48.04 -37.37 -39.34
N ILE C 466 -46.91 -36.75 -39.68
CA ILE C 466 -46.75 -35.96 -40.91
C ILE C 466 -46.02 -36.83 -41.93
N MET C 467 -46.40 -36.73 -43.19
CA MET C 467 -45.77 -37.50 -44.27
C MET C 467 -44.37 -36.93 -44.52
N GLY C 468 -43.39 -37.81 -44.70
CA GLY C 468 -41.99 -37.41 -44.85
C GLY C 468 -41.20 -37.35 -43.55
N ILE C 469 -41.89 -37.13 -42.43
CA ILE C 469 -41.25 -37.02 -41.11
C ILE C 469 -41.50 -38.27 -40.30
N ALA C 470 -40.48 -38.71 -39.56
CA ALA C 470 -40.62 -39.79 -38.59
C ALA C 470 -39.78 -39.48 -37.37
N GLY C 471 -40.10 -40.19 -36.29
CA GLY C 471 -39.41 -40.03 -35.02
C GLY C 471 -38.46 -41.16 -34.72
N ILE C 472 -37.57 -40.94 -33.77
CA ILE C 472 -36.58 -41.95 -33.37
C ILE C 472 -36.55 -42.17 -31.85
N MET C 473 -36.85 -43.39 -31.44
CA MET C 473 -36.95 -43.74 -30.02
C MET C 473 -35.55 -43.98 -29.45
N PRO C 474 -35.43 -44.00 -28.10
CA PRO C 474 -34.16 -44.35 -27.46
C PRO C 474 -33.60 -45.73 -27.87
N ASP C 475 -34.49 -46.71 -28.06
CA ASP C 475 -34.06 -48.07 -28.46
C ASP C 475 -33.37 -48.16 -29.84
N GLY C 476 -33.69 -47.24 -30.74
CA GLY C 476 -33.10 -47.20 -32.09
C GLY C 476 -34.09 -47.40 -33.22
N THR C 477 -35.34 -47.78 -32.92
CA THR C 477 -36.37 -47.96 -33.94
C THR C 477 -36.87 -46.63 -34.48
N ILE C 478 -37.62 -46.69 -35.58
CA ILE C 478 -38.31 -45.55 -36.14
C ILE C 478 -39.78 -45.69 -35.75
N ASN C 479 -40.34 -44.59 -35.23
CA ASN C 479 -41.72 -44.51 -34.80
C ASN C 479 -42.33 -43.27 -35.45
N LYS C 480 -43.54 -43.40 -35.98
CA LYS C 480 -44.19 -42.33 -36.73
C LYS C 480 -44.67 -41.19 -35.82
N THR C 481 -45.19 -41.56 -34.64
CA THR C 481 -45.84 -40.62 -33.73
C THR C 481 -45.16 -40.48 -32.36
N GLN C 482 -43.96 -41.05 -32.19
CA GLN C 482 -43.17 -40.86 -30.98
C GLN C 482 -41.71 -40.65 -31.37
N THR C 483 -40.98 -39.89 -30.57
CA THR C 483 -39.60 -39.54 -30.89
C THR C 483 -38.88 -38.97 -29.69
N LEU C 484 -37.55 -39.02 -29.72
CA LEU C 484 -36.73 -38.32 -28.74
C LEU C 484 -37.04 -36.82 -28.79
N MET C 485 -37.15 -36.22 -27.61
CA MET C 485 -37.55 -34.82 -27.45
C MET C 485 -36.77 -33.86 -28.34
N GLY C 486 -37.48 -33.15 -29.22
CA GLY C 486 -36.89 -32.19 -30.14
C GLY C 486 -36.31 -32.73 -31.44
N VAL C 487 -36.28 -34.06 -31.61
CA VAL C 487 -35.66 -34.68 -32.78
C VAL C 487 -36.71 -35.18 -33.78
N ARG C 488 -36.49 -34.87 -35.05
CA ARG C 488 -37.30 -35.40 -36.15
C ARG C 488 -36.33 -35.92 -37.21
N LEU C 489 -36.71 -37.01 -37.88
CA LEU C 489 -35.91 -37.55 -39.01
C LEU C 489 -36.66 -37.35 -40.31
N SER C 490 -35.93 -36.92 -41.35
CA SER C 490 -36.51 -36.69 -42.68
C SER C 490 -35.48 -37.00 -43.77
N GLN C 491 -35.96 -37.15 -45.01
CA GLN C 491 -35.08 -37.35 -46.18
C GLN C 491 -35.51 -36.42 -47.30
N ILE C 503 -24.33 -18.27 -48.38
CA ILE C 503 -25.48 -17.38 -48.22
C ILE C 503 -25.08 -15.95 -48.59
N ARG C 504 -25.70 -15.40 -49.64
CA ARG C 504 -25.48 -14.01 -50.04
C ARG C 504 -26.20 -13.07 -49.06
N VAL C 505 -25.51 -11.99 -48.68
CA VAL C 505 -25.98 -11.07 -47.64
C VAL C 505 -26.00 -9.65 -48.19
N ASN C 506 -27.00 -8.87 -47.78
CA ASN C 506 -27.17 -7.48 -48.22
C ASN C 506 -27.39 -6.54 -47.02
N ILE C 507 -26.92 -5.30 -47.16
CA ILE C 507 -27.06 -4.29 -46.10
C ILE C 507 -27.58 -2.96 -46.67
N ASP C 508 -28.66 -2.44 -46.06
CA ASP C 508 -29.36 -1.24 -46.55
C ASP C 508 -28.83 0.05 -45.92
N LYS C 509 -29.45 1.17 -46.30
CA LYS C 509 -29.15 2.50 -45.76
C LYS C 509 -29.06 2.55 -44.23
N TYR C 510 -30.03 1.92 -43.56
CA TYR C 510 -30.14 1.94 -42.10
C TYR C 510 -29.48 0.72 -41.42
N LEU C 511 -28.44 0.15 -42.07
CA LEU C 511 -27.55 -0.86 -41.48
C LEU C 511 -28.19 -2.23 -41.16
N ARG C 512 -29.39 -2.49 -41.67
CA ARG C 512 -30.08 -3.77 -41.47
C ARG C 512 -29.43 -4.80 -42.39
N VAL C 513 -29.00 -5.92 -41.82
CA VAL C 513 -28.36 -7.00 -42.58
C VAL C 513 -29.39 -8.10 -42.86
N ARG C 514 -29.65 -8.35 -44.15
CA ARG C 514 -30.68 -9.31 -44.57
C ARG C 514 -30.11 -10.39 -45.50
N ASN C 515 -30.82 -11.51 -45.61
CA ASN C 515 -30.47 -12.60 -46.53
C ASN C 515 -31.13 -12.39 -47.90
N GLU C 516 -30.80 -13.26 -48.87
CA GLU C 516 -31.35 -13.21 -50.23
C GLU C 516 -32.89 -13.22 -50.31
N LYS C 517 -33.54 -13.87 -49.35
CA LYS C 517 -35.01 -13.91 -49.25
C LYS C 517 -35.62 -12.60 -48.69
N GLY C 518 -34.78 -11.72 -48.13
CA GLY C 518 -35.22 -10.43 -47.58
C GLY C 518 -35.63 -10.52 -46.12
N GLU C 519 -34.94 -11.38 -45.36
CA GLU C 519 -35.25 -11.64 -43.95
C GLU C 519 -34.10 -11.16 -43.06
N LEU C 520 -34.45 -10.66 -41.89
CA LEU C 520 -33.50 -9.99 -41.01
C LEU C 520 -32.51 -10.95 -40.34
N LEU C 521 -31.21 -10.70 -40.54
CA LEU C 521 -30.14 -11.48 -39.90
C LEU C 521 -29.50 -10.75 -38.74
N ILE C 522 -29.18 -9.47 -38.94
CA ILE C 522 -28.60 -8.61 -37.90
C ILE C 522 -29.26 -7.24 -37.94
N SER C 523 -29.71 -6.76 -36.79
CA SER C 523 -30.25 -5.40 -36.65
C SER C 523 -29.26 -4.54 -35.85
N PRO C 524 -29.10 -3.25 -36.21
CA PRO C 524 -28.28 -2.36 -35.38
C PRO C 524 -28.91 -2.13 -34.00
N GLU C 525 -30.24 -2.08 -33.95
CA GLU C 525 -30.98 -1.92 -32.70
C GLU C 525 -30.70 -3.06 -31.72
N GLU C 526 -30.60 -4.29 -32.22
CA GLU C 526 -30.36 -5.47 -31.38
C GLU C 526 -28.87 -5.68 -31.01
N VAL C 527 -28.02 -4.68 -31.24
CA VAL C 527 -26.60 -4.76 -30.84
C VAL C 527 -26.49 -4.58 -29.32
N SER C 528 -25.54 -5.30 -28.73
CA SER C 528 -25.33 -5.29 -27.29
C SER C 528 -24.99 -3.89 -26.77
N GLU C 529 -25.65 -3.49 -25.69
CA GLU C 529 -25.42 -2.17 -25.07
C GLU C 529 -24.17 -2.12 -24.17
N ALA C 530 -23.53 -3.26 -23.92
CA ALA C 530 -22.40 -3.36 -22.99
C ALA C 530 -21.22 -2.43 -23.33
N GLN C 531 -20.85 -1.59 -22.37
CA GLN C 531 -19.71 -0.67 -22.48
C GLN C 531 -18.57 -1.15 -21.58
N GLY C 532 -17.57 -1.78 -22.21
CA GLY C 532 -16.31 -2.13 -21.55
C GLY C 532 -15.20 -1.21 -22.05
N GLN C 533 -14.12 -1.11 -21.27
CA GLN C 533 -12.99 -0.26 -21.61
C GLN C 533 -11.98 -0.99 -22.51
N GLU C 534 -11.57 -0.33 -23.59
CA GLU C 534 -10.64 -0.91 -24.57
C GLU C 534 -9.33 -1.43 -23.93
N LYS C 535 -8.84 -2.54 -24.47
CA LYS C 535 -7.55 -3.11 -24.07
C LYS C 535 -6.39 -2.46 -24.83
N LEU C 536 -6.62 -2.18 -26.12
CA LEU C 536 -5.67 -1.45 -26.95
C LEU C 536 -6.29 -0.10 -27.34
N PRO C 537 -5.45 0.88 -27.72
CA PRO C 537 -6.00 2.20 -28.04
C PRO C 537 -6.80 2.24 -29.34
N ILE C 538 -7.89 3.01 -29.35
CA ILE C 538 -8.72 3.21 -30.54
C ILE C 538 -8.68 4.68 -30.92
N ASN C 539 -8.32 4.96 -32.17
CA ASN C 539 -8.36 6.31 -32.73
C ASN C 539 -9.28 6.27 -33.96
N TYR C 540 -10.43 6.93 -33.85
CA TYR C 540 -11.42 6.93 -34.93
C TYR C 540 -11.04 7.89 -36.06
N ASN C 541 -10.39 9.01 -35.72
CA ASN C 541 -9.99 10.03 -36.69
C ASN C 541 -11.14 10.54 -37.55
N SER C 542 -12.31 10.69 -36.94
CA SER C 542 -13.54 11.02 -37.66
C SER C 542 -14.11 12.37 -37.23
N SER C 543 -14.66 13.11 -38.20
CA SER C 543 -15.39 14.34 -37.92
C SER C 543 -16.73 14.08 -37.20
N LEU C 544 -17.28 12.89 -37.41
CA LEU C 544 -18.51 12.46 -36.74
C LEU C 544 -18.32 12.19 -35.23
N MET C 545 -17.07 11.88 -34.85
CA MET C 545 -16.69 11.55 -33.47
C MET C 545 -16.06 12.76 -32.80
N TRP C 546 -16.08 12.79 -31.48
CA TRP C 546 -15.30 13.77 -30.69
C TRP C 546 -13.86 13.29 -30.58
N GLU C 547 -12.99 14.15 -30.05
CA GLU C 547 -11.56 13.83 -29.91
C GLU C 547 -11.29 12.51 -29.20
N VAL C 548 -11.98 12.31 -28.07
CA VAL C 548 -11.65 11.22 -27.14
C VAL C 548 -12.68 10.10 -27.23
N ASN C 549 -12.24 8.89 -26.91
CA ASN C 549 -13.13 7.73 -26.81
C ASN C 549 -13.86 7.77 -25.46
N GLY C 550 -15.16 7.46 -25.48
CA GLY C 550 -15.93 7.20 -24.26
C GLY C 550 -17.06 8.17 -24.01
N PRO C 551 -18.01 7.78 -23.15
CA PRO C 551 -19.25 8.53 -22.93
C PRO C 551 -19.12 9.78 -22.05
N GLU C 552 -18.18 9.78 -21.11
CA GLU C 552 -17.95 10.97 -20.26
C GLU C 552 -17.41 12.11 -21.11
N SER C 553 -16.48 11.78 -22.01
CA SER C 553 -15.96 12.69 -23.04
C SER C 553 -17.06 13.31 -23.91
N ILE C 554 -18.01 12.47 -24.35
CA ILE C 554 -19.16 12.94 -25.14
C ILE C 554 -19.94 14.02 -24.39
N LEU C 555 -20.20 13.79 -23.10
CA LEU C 555 -20.91 14.78 -22.29
C LEU C 555 -20.12 16.07 -22.16
N THR C 556 -18.83 15.96 -21.84
CA THR C 556 -17.99 17.14 -21.62
C THR C 556 -17.79 17.92 -22.92
N ASN C 557 -17.38 17.25 -24.00
CA ASN C 557 -17.19 17.93 -25.30
C ASN C 557 -18.45 18.60 -25.84
N THR C 558 -19.61 17.99 -25.60
CA THR C 558 -20.89 18.54 -26.00
C THR C 558 -21.19 19.83 -25.24
N TYR C 559 -21.14 19.79 -23.92
CA TYR C 559 -21.39 21.00 -23.10
C TYR C 559 -20.29 22.06 -23.19
N HIS C 560 -19.06 21.65 -23.52
CA HIS C 560 -17.98 22.59 -23.81
C HIS C 560 -18.25 23.36 -25.11
N TRP C 561 -18.66 22.62 -26.14
CA TRP C 561 -19.00 23.20 -27.45
C TRP C 561 -20.16 24.21 -27.38
N ILE C 562 -21.17 23.91 -26.57
CA ILE C 562 -22.32 24.82 -26.39
C ILE C 562 -21.89 26.13 -25.74
N ILE C 563 -21.03 26.06 -24.72
CA ILE C 563 -20.53 27.24 -24.02
C ILE C 563 -19.61 28.08 -24.93
N LYS C 564 -18.74 27.41 -25.67
CA LYS C 564 -17.78 28.07 -26.57
C LYS C 564 -18.49 28.91 -27.63
N ASN C 565 -19.45 28.29 -28.32
CA ASN C 565 -20.24 28.94 -29.38
C ASN C 565 -21.61 29.40 -28.87
N TRP C 566 -21.68 29.90 -27.64
CA TRP C 566 -22.97 30.17 -26.99
C TRP C 566 -23.76 31.28 -27.66
N GLU C 567 -23.09 32.40 -27.94
CA GLU C 567 -23.77 33.60 -28.46
C GLU C 567 -24.32 33.35 -29.86
N LEU C 568 -23.61 32.56 -30.67
CA LEU C 568 -24.14 32.05 -31.94
C LEU C 568 -25.40 31.22 -31.72
N LEU C 569 -25.31 30.24 -30.82
CA LEU C 569 -26.42 29.32 -30.56
C LEU C 569 -27.60 29.98 -29.82
N LYS C 570 -27.34 31.06 -29.10
CA LYS C 570 -28.40 31.81 -28.40
C LYS C 570 -29.30 32.57 -29.38
N THR C 571 -28.71 33.22 -30.38
CA THR C 571 -29.50 33.89 -31.43
C THR C 571 -30.15 32.86 -32.38
N GLN C 572 -29.46 31.75 -32.60
CA GLN C 572 -30.02 30.61 -33.36
C GLN C 572 -31.15 29.91 -32.59
N TRP C 573 -31.16 30.02 -31.27
CA TRP C 573 -32.28 29.56 -30.43
C TRP C 573 -33.51 30.44 -30.63
N MET C 574 -33.31 31.76 -30.66
CA MET C 574 -34.41 32.72 -30.79
C MET C 574 -35.00 32.71 -32.20
N THR C 575 -34.14 32.90 -33.20
CA THR C 575 -34.57 33.07 -34.59
C THR C 575 -35.02 31.76 -35.24
N ASP C 576 -34.07 30.84 -35.46
CA ASP C 576 -34.30 29.61 -36.24
C ASP C 576 -34.01 28.34 -35.41
N PRO C 577 -34.93 27.99 -34.50
CA PRO C 577 -34.68 26.89 -33.54
C PRO C 577 -34.58 25.46 -34.11
N THR C 578 -35.30 25.16 -35.19
CA THR C 578 -35.23 23.80 -35.77
C THR C 578 -33.88 23.48 -36.42
N VAL C 579 -33.16 24.51 -36.87
CA VAL C 579 -31.78 24.35 -37.36
C VAL C 579 -30.84 24.11 -36.17
N LEU C 580 -31.07 24.81 -35.06
CA LEU C 580 -30.30 24.62 -33.83
C LEU C 580 -30.45 23.19 -33.28
N TYR C 581 -31.69 22.73 -33.17
CA TYR C 581 -31.96 21.39 -32.63
C TYR C 581 -31.36 20.28 -33.51
N ASN C 582 -31.34 20.49 -34.83
CA ASN C 582 -30.83 19.50 -35.78
C ASN C 582 -29.31 19.56 -36.03
N ARG C 583 -28.57 20.35 -35.25
CA ARG C 583 -27.11 20.38 -35.31
C ARG C 583 -26.48 18.99 -35.12
N ILE C 584 -25.56 18.62 -36.01
CA ILE C 584 -24.95 17.27 -35.98
C ILE C 584 -23.94 17.07 -34.84
N GLU C 585 -23.57 18.16 -34.17
CA GLU C 585 -22.73 18.11 -32.96
C GLU C 585 -23.45 17.48 -31.76
N PHE C 586 -24.79 17.41 -31.79
CA PHE C 586 -25.57 16.74 -30.75
C PHE C 586 -25.79 15.24 -30.96
N GLU C 587 -25.30 14.68 -32.07
CA GLU C 587 -25.53 13.26 -32.37
C GLU C 587 -24.81 12.28 -31.41
N PRO C 588 -23.51 12.51 -31.11
CA PRO C 588 -22.84 11.66 -30.10
C PRO C 588 -23.56 11.61 -28.74
N PHE C 589 -24.03 12.76 -28.29
CA PHE C 589 -24.85 12.86 -27.06
C PHE C 589 -26.09 11.95 -27.13
N GLN C 590 -26.73 11.92 -28.29
CA GLN C 590 -27.92 11.09 -28.51
C GLN C 590 -27.70 9.58 -28.33
N THR C 591 -26.48 9.08 -28.56
CA THR C 591 -26.17 7.67 -28.29
C THR C 591 -26.31 7.32 -26.80
N LEU C 592 -26.06 8.30 -25.93
CA LEU C 592 -26.15 8.12 -24.47
C LEU C 592 -27.59 8.07 -23.94
N ILE C 593 -28.54 8.59 -24.72
CA ILE C 593 -29.95 8.58 -24.35
C ILE C 593 -30.52 7.21 -24.77
N PRO C 594 -31.43 6.62 -23.97
CA PRO C 594 -32.10 5.40 -24.42
C PRO C 594 -33.04 5.62 -25.60
N LYS C 595 -33.02 4.71 -26.57
CA LYS C 595 -33.74 4.84 -27.85
C LYS C 595 -35.19 5.29 -27.69
N GLY C 596 -35.91 4.60 -26.82
CA GLY C 596 -37.32 4.91 -26.54
C GLY C 596 -37.56 6.30 -25.99
N ASN C 597 -36.62 6.79 -25.20
CA ASN C 597 -36.73 8.10 -24.57
C ASN C 597 -36.41 9.30 -25.47
N ARG C 598 -35.66 9.07 -26.56
CA ARG C 598 -35.17 10.19 -27.38
C ARG C 598 -36.29 11.08 -27.89
N ALA C 599 -37.35 10.46 -28.39
CA ALA C 599 -38.50 11.18 -28.94
C ALA C 599 -39.21 12.01 -27.88
N ILE C 600 -39.67 11.36 -26.81
CA ILE C 600 -40.42 12.04 -25.75
C ILE C 600 -39.57 13.10 -25.02
N TYR C 601 -38.28 12.83 -24.82
CA TYR C 601 -37.36 13.82 -24.24
C TYR C 601 -37.22 15.05 -25.12
N SER C 602 -37.15 14.85 -26.44
CA SER C 602 -37.13 15.96 -27.40
C SER C 602 -38.44 16.75 -27.37
N GLY C 603 -39.57 16.04 -27.34
CA GLY C 603 -40.88 16.65 -27.17
C GLY C 603 -40.95 17.51 -25.91
N PHE C 604 -40.57 16.90 -24.78
CA PHE C 604 -40.56 17.58 -23.48
C PHE C 604 -39.61 18.78 -23.50
N THR C 605 -38.43 18.59 -24.08
CA THR C 605 -37.42 19.65 -24.15
C THR C 605 -37.89 20.82 -25.01
N ARG C 606 -38.31 20.51 -26.24
CA ARG C 606 -38.76 21.52 -27.18
C ARG C 606 -39.99 22.28 -26.67
N THR C 607 -40.94 21.54 -26.07
CA THR C 607 -42.10 22.14 -25.42
C THR C 607 -41.70 23.10 -24.29
N LEU C 608 -40.72 22.68 -23.49
CA LEU C 608 -40.21 23.53 -22.40
C LEU C 608 -39.47 24.78 -22.88
N PHE C 609 -38.77 24.69 -24.01
CA PHE C 609 -38.08 25.85 -24.59
C PHE C 609 -39.07 26.90 -25.12
N GLN C 610 -40.09 26.44 -25.85
CA GLN C 610 -41.09 27.36 -26.42
C GLN C 610 -41.92 28.06 -25.33
N GLN C 611 -42.09 27.42 -24.18
CA GLN C 611 -42.69 28.08 -23.01
C GLN C 611 -41.87 29.28 -22.51
N MET C 612 -40.56 29.16 -22.56
CA MET C 612 -39.66 30.28 -22.22
C MET C 612 -39.79 31.40 -23.25
N ARG C 613 -40.00 31.03 -24.53
CA ARG C 613 -40.25 32.00 -25.60
C ARG C 613 -41.64 32.65 -25.47
N ASP C 614 -42.65 31.86 -25.14
CA ASP C 614 -44.02 32.35 -24.96
C ASP C 614 -44.18 33.20 -23.70
N VAL C 615 -43.71 32.69 -22.56
CA VAL C 615 -43.76 33.43 -21.29
C VAL C 615 -42.63 34.46 -21.29
N GLU C 616 -42.95 35.63 -21.86
CA GLU C 616 -41.95 36.69 -22.08
C GLU C 616 -41.50 37.28 -20.75
N GLY C 617 -40.22 37.66 -20.70
CA GLY C 617 -39.57 38.14 -19.48
C GLY C 617 -38.63 37.11 -18.87
N THR C 618 -39.14 35.89 -18.66
CA THR C 618 -38.33 34.79 -18.11
C THR C 618 -37.40 34.23 -19.16
N PHE C 619 -36.15 33.99 -18.77
CA PHE C 619 -35.14 33.42 -19.65
C PHE C 619 -33.99 32.89 -18.79
N ASP C 620 -33.77 31.57 -18.86
CA ASP C 620 -32.70 30.90 -18.10
C ASP C 620 -31.74 30.23 -19.08
N SER C 621 -30.59 30.87 -19.28
CA SER C 621 -29.58 30.38 -20.23
C SER C 621 -28.91 29.09 -19.79
N ILE C 622 -28.78 28.88 -18.48
CA ILE C 622 -28.19 27.66 -17.93
C ILE C 622 -29.11 26.48 -18.24
N GLN C 623 -30.41 26.67 -18.06
CA GLN C 623 -31.42 25.67 -18.40
C GLN C 623 -31.42 25.32 -19.89
N ILE C 624 -31.18 26.33 -20.74
CA ILE C 624 -31.09 26.09 -22.18
C ILE C 624 -29.88 25.21 -22.46
N ILE C 625 -28.71 25.62 -21.96
CA ILE C 625 -27.45 24.89 -22.18
C ILE C 625 -27.54 23.46 -21.63
N LYS C 626 -28.18 23.29 -20.48
CA LYS C 626 -28.38 21.97 -19.86
C LYS C 626 -29.18 21.00 -20.72
N LEU C 627 -30.32 21.46 -21.22
CA LEU C 627 -31.28 20.60 -21.94
C LEU C 627 -31.13 20.63 -23.45
N LEU C 628 -30.32 21.54 -23.98
CA LEU C 628 -30.22 21.71 -25.44
C LEU C 628 -29.90 20.43 -26.23
N PRO C 629 -28.95 19.58 -25.74
CA PRO C 629 -28.63 18.36 -26.49
C PRO C 629 -29.75 17.30 -26.58
N PHE C 630 -30.73 17.38 -25.68
CA PHE C 630 -31.90 16.49 -25.71
C PHE C 630 -32.92 16.84 -26.81
N SER C 631 -32.76 18.02 -27.44
CA SER C 631 -33.53 18.41 -28.62
C SER C 631 -33.31 17.53 -29.84
N ALA C 632 -32.08 17.03 -30.03
CA ALA C 632 -31.65 16.51 -31.34
C ALA C 632 -32.26 15.15 -31.74
N HIS C 633 -33.58 15.14 -31.94
CA HIS C 633 -34.32 13.96 -32.39
C HIS C 633 -35.71 14.40 -32.82
N PRO C 634 -36.30 13.75 -33.83
CA PRO C 634 -37.72 14.08 -34.13
C PRO C 634 -38.60 13.85 -32.90
N PRO C 635 -39.24 14.92 -32.38
CA PRO C 635 -39.99 14.83 -31.12
C PRO C 635 -41.33 14.13 -31.25
N SER C 636 -41.79 13.54 -30.14
CA SER C 636 -43.14 13.01 -30.03
C SER C 636 -44.03 14.08 -29.39
N LEU C 637 -45.33 13.96 -29.66
CA LEU C 637 -46.33 14.90 -29.14
C LEU C 637 -46.90 14.48 -27.78
N GLY C 638 -46.49 13.32 -27.27
CA GLY C 638 -46.95 12.83 -25.97
C GLY C 638 -46.65 13.83 -24.86
N ARG C 639 -47.59 14.00 -23.94
CA ARG C 639 -47.55 15.08 -22.93
C ARG C 639 -47.13 14.63 -21.52
N THR C 640 -46.26 13.62 -21.42
CA THR C 640 -45.82 13.12 -20.11
C THR C 640 -44.85 14.08 -19.44
N GLN C 641 -44.65 13.87 -18.13
CA GLN C 641 -43.80 14.72 -17.28
C GLN C 641 -42.50 14.02 -16.92
N PHE C 642 -41.46 14.81 -16.69
CA PHE C 642 -40.14 14.31 -16.30
C PHE C 642 -39.50 15.23 -15.26
N SER C 643 -38.99 14.62 -14.19
CA SER C 643 -38.10 15.29 -13.24
C SER C 643 -36.62 15.07 -13.56
N SER C 644 -36.34 14.14 -14.48
CA SER C 644 -34.98 13.90 -14.97
C SER C 644 -34.94 13.14 -16.29
N PHE C 645 -33.95 13.45 -17.12
CA PHE C 645 -33.61 12.63 -18.27
C PHE C 645 -32.50 11.66 -17.87
N THR C 646 -32.63 10.40 -18.30
CA THR C 646 -31.64 9.36 -18.02
C THR C 646 -30.56 9.32 -19.12
N LEU C 647 -29.33 9.03 -18.71
CA LEU C 647 -28.20 8.88 -19.63
C LEU C 647 -27.38 7.63 -19.28
N ASN C 648 -27.12 6.77 -20.27
CA ASN C 648 -26.35 5.54 -20.06
C ASN C 648 -24.85 5.83 -20.18
N ILE C 649 -24.16 5.77 -19.04
CA ILE C 649 -22.74 6.10 -18.94
C ILE C 649 -21.96 4.92 -18.33
N ARG C 650 -21.19 4.22 -19.16
CA ARG C 650 -20.41 3.05 -18.75
C ARG C 650 -21.25 1.99 -18.01
N GLY C 651 -22.41 1.67 -18.56
CA GLY C 651 -23.29 0.64 -18.01
C GLY C 651 -24.43 1.18 -17.15
N ALA C 652 -24.09 1.97 -16.14
CA ALA C 652 -25.07 2.46 -15.17
C ALA C 652 -25.88 3.64 -15.70
N PRO C 653 -27.20 3.68 -15.43
CA PRO C 653 -27.99 4.86 -15.75
C PRO C 653 -27.70 5.99 -14.77
N LEU C 654 -27.41 7.17 -15.29
CA LEU C 654 -27.34 8.39 -14.48
C LEU C 654 -28.53 9.24 -14.83
N ARG C 655 -28.87 10.17 -13.94
CA ARG C 655 -30.04 11.01 -14.11
C ARG C 655 -29.69 12.50 -14.06
N LEU C 656 -29.90 13.18 -15.19
CA LEU C 656 -29.78 14.62 -15.28
C LEU C 656 -31.10 15.22 -14.84
N LEU C 657 -31.10 15.92 -13.71
CA LEU C 657 -32.30 16.58 -13.19
C LEU C 657 -32.67 17.76 -14.08
N ILE C 658 -33.98 18.00 -14.20
CA ILE C 658 -34.52 19.09 -15.02
C ILE C 658 -34.40 20.42 -14.25
N ARG C 659 -34.66 20.38 -12.96
CA ARG C 659 -34.50 21.56 -12.11
C ARG C 659 -33.16 21.53 -11.39
N GLY C 660 -32.33 22.55 -11.61
CA GLY C 660 -31.08 22.72 -10.87
C GLY C 660 -29.95 21.75 -11.21
N ASN C 661 -29.01 21.63 -10.28
CA ASN C 661 -27.77 20.88 -10.48
C ASN C 661 -27.92 19.38 -10.15
N SER C 662 -27.06 18.56 -10.77
CA SER C 662 -26.96 17.12 -10.54
C SER C 662 -25.51 16.66 -10.79
N GLN C 663 -25.26 15.35 -10.81
CA GLN C 663 -23.92 14.81 -11.14
C GLN C 663 -23.53 15.09 -12.59
N VAL C 664 -24.47 14.92 -13.51
CA VAL C 664 -24.18 15.11 -14.93
C VAL C 664 -23.92 16.58 -15.27
N PHE C 665 -24.70 17.48 -14.65
CA PHE C 665 -24.62 18.92 -14.95
C PHE C 665 -24.73 19.74 -13.67
N ASN C 666 -23.74 20.61 -13.46
CA ASN C 666 -23.55 21.31 -12.18
C ASN C 666 -22.95 22.69 -12.44
N TYR C 667 -23.81 23.70 -12.47
CA TYR C 667 -23.36 25.09 -12.55
C TYR C 667 -22.92 25.48 -11.15
N ASN C 668 -21.61 25.73 -10.99
CA ASN C 668 -21.04 26.10 -9.71
C ASN C 668 -20.75 27.61 -9.72
N GLN C 669 -21.60 28.36 -9.03
CA GLN C 669 -21.54 29.82 -9.06
C GLN C 669 -20.27 30.42 -8.46
N MET C 670 -19.67 29.73 -7.49
CA MET C 670 -18.39 30.15 -6.88
C MET C 670 -17.24 30.25 -7.89
N GLU C 671 -17.14 29.27 -8.79
CA GLU C 671 -16.12 29.26 -9.85
C GLU C 671 -16.60 29.90 -11.15
N ASN C 672 -17.93 30.02 -11.32
CA ASN C 672 -18.55 30.36 -12.59
C ASN C 672 -18.07 29.36 -13.65
N VAL C 673 -18.40 28.09 -13.40
CA VAL C 673 -18.02 26.97 -14.26
C VAL C 673 -19.15 25.94 -14.24
N ILE C 674 -19.37 25.31 -15.39
CA ILE C 674 -20.29 24.18 -15.49
C ILE C 674 -19.45 22.91 -15.36
N ILE C 675 -19.75 22.12 -14.34
CA ILE C 675 -19.01 20.90 -14.03
C ILE C 675 -19.81 19.69 -14.51
N VAL C 676 -19.26 18.95 -15.47
CA VAL C 676 -19.90 17.76 -16.03
C VAL C 676 -19.10 16.52 -15.60
N LEU C 677 -19.74 15.69 -14.74
CA LEU C 677 -19.09 14.52 -14.13
C LEU C 677 -17.74 14.88 -13.51
N GLY C 678 -17.75 15.91 -12.67
CA GLY C 678 -16.54 16.34 -11.96
C GLY C 678 -15.48 17.08 -12.74
N LYS C 679 -15.75 17.40 -14.00
CA LYS C 679 -14.79 18.07 -14.88
C LYS C 679 -15.35 19.42 -15.31
N SER C 680 -14.61 20.48 -15.05
CA SER C 680 -14.96 21.81 -15.57
C SER C 680 -15.02 21.75 -17.08
N VAL C 681 -16.10 22.31 -17.63
CA VAL C 681 -16.37 22.26 -19.06
C VAL C 681 -16.23 23.65 -19.71
N GLY C 682 -15.89 24.66 -18.90
CA GLY C 682 -15.86 26.05 -19.34
C GLY C 682 -16.64 26.96 -18.41
N SER C 683 -16.34 28.25 -18.49
CA SER C 683 -17.08 29.28 -17.79
C SER C 683 -18.17 29.84 -18.70
N PRO C 684 -19.42 29.94 -18.20
CA PRO C 684 -20.41 30.73 -18.94
C PRO C 684 -20.17 32.23 -18.77
N GLU C 685 -20.83 33.04 -19.60
CA GLU C 685 -20.74 34.50 -19.50
C GLU C 685 -21.16 34.99 -18.12
N ARG C 686 -20.46 36.00 -17.62
CA ARG C 686 -20.75 36.59 -16.29
C ARG C 686 -22.12 37.28 -16.21
N SER C 687 -22.68 37.65 -17.37
CA SER C 687 -24.10 38.04 -17.48
C SER C 687 -25.03 37.11 -16.69
N ILE C 688 -24.75 35.81 -16.81
CA ILE C 688 -25.65 34.74 -16.40
C ILE C 688 -25.69 34.55 -14.87
N LEU C 689 -24.63 34.99 -14.18
CA LEU C 689 -24.62 35.04 -12.70
C LEU C 689 -25.73 35.95 -12.15
N THR C 690 -25.94 37.09 -12.81
CA THR C 690 -27.00 38.04 -12.49
C THR C 690 -28.12 37.95 -13.53
N GLU C 691 -28.93 36.90 -13.38
CA GLU C 691 -30.00 36.56 -14.32
C GLU C 691 -31.02 35.68 -13.62
N SER C 692 -32.17 36.26 -13.26
CA SER C 692 -33.20 35.53 -12.51
C SER C 692 -34.59 36.12 -12.71
N SER C 693 -35.59 35.35 -12.29
CA SER C 693 -36.98 35.78 -12.28
C SER C 693 -37.79 34.94 -11.31
N SER C 694 -38.91 35.50 -10.84
CA SER C 694 -39.82 34.78 -9.95
C SER C 694 -40.35 33.52 -10.64
N ILE C 695 -40.85 33.72 -11.86
CA ILE C 695 -41.42 32.63 -12.66
C ILE C 695 -40.28 31.81 -13.31
N GLU C 696 -40.44 30.48 -13.30
CA GLU C 696 -39.51 29.54 -13.96
C GLU C 696 -40.28 28.78 -15.04
N SER C 697 -39.98 29.10 -16.30
CA SER C 697 -40.81 28.67 -17.43
C SER C 697 -40.51 27.26 -17.95
N ALA C 698 -39.23 26.88 -17.99
CA ALA C 698 -38.79 25.62 -18.61
C ALA C 698 -38.47 24.51 -17.60
N VAL C 699 -39.51 24.02 -16.92
CA VAL C 699 -39.37 22.91 -15.94
C VAL C 699 -40.47 21.84 -16.06
N LEU C 700 -41.74 22.27 -16.11
CA LEU C 700 -42.87 21.35 -16.27
C LEU C 700 -43.71 21.69 -17.50
N ARG C 701 -44.16 20.66 -18.21
CA ARG C 701 -44.95 20.80 -19.43
C ARG C 701 -46.34 21.38 -19.15
N GLY C 702 -46.60 22.59 -19.65
CA GLY C 702 -47.87 23.26 -19.46
C GLY C 702 -48.12 23.80 -18.06
N PHE C 703 -47.04 24.08 -17.33
CA PHE C 703 -47.09 24.70 -16.00
C PHE C 703 -45.97 25.70 -15.85
N LEU C 704 -46.11 26.58 -14.86
CA LEU C 704 -45.06 27.51 -14.48
C LEU C 704 -44.83 27.44 -12.97
N ILE C 705 -43.56 27.46 -12.57
CA ILE C 705 -43.18 27.57 -11.17
C ILE C 705 -43.17 29.06 -10.82
N LEU C 706 -43.81 29.41 -9.71
CA LEU C 706 -44.00 30.81 -9.31
C LEU C 706 -43.02 31.25 -8.23
N GLY C 707 -42.80 30.39 -7.24
CA GLY C 707 -41.89 30.70 -6.14
C GLY C 707 -41.97 29.64 -5.06
N LYS C 708 -41.90 30.08 -3.80
CA LYS C 708 -41.95 29.17 -2.64
C LYS C 708 -43.35 28.61 -2.42
N ALA C 709 -43.43 27.54 -1.63
CA ALA C 709 -44.69 26.86 -1.35
C ALA C 709 -45.59 27.69 -0.43
N ASN C 710 -46.86 27.83 -0.82
CA ASN C 710 -47.87 28.54 -0.05
C ASN C 710 -49.03 27.57 0.22
N SER C 711 -49.35 27.37 1.50
CA SER C 711 -50.42 26.44 1.90
C SER C 711 -51.83 26.94 1.58
N LYS C 712 -51.98 28.24 1.31
CA LYS C 712 -53.23 28.81 0.81
C LYS C 712 -53.80 28.08 -0.42
N TYR C 713 -52.91 27.63 -1.30
CA TYR C 713 -53.29 26.92 -2.51
C TYR C 713 -53.20 25.40 -2.32
N GLY C 714 -53.95 24.89 -1.33
CA GLY C 714 -54.15 23.46 -1.16
C GLY C 714 -52.95 22.69 -0.60
N PRO C 715 -53.09 21.36 -0.47
CA PRO C 715 -52.02 20.49 0.03
C PRO C 715 -50.99 20.16 -1.05
N VAL C 716 -49.90 19.52 -0.65
CA VAL C 716 -48.81 19.20 -1.58
C VAL C 716 -49.13 17.98 -2.46
N LEU C 717 -48.79 18.09 -3.74
CA LEU C 717 -49.03 17.05 -4.74
C LEU C 717 -47.72 16.54 -5.32
N THR C 718 -47.78 15.39 -6.00
CA THR C 718 -46.66 14.89 -6.80
C THR C 718 -46.82 15.38 -8.24
N ILE C 719 -45.85 15.07 -9.09
CA ILE C 719 -45.90 15.46 -10.51
C ILE C 719 -46.91 14.61 -11.29
N GLY C 720 -47.04 13.33 -10.93
CA GLY C 720 -48.07 12.45 -11.50
C GLY C 720 -49.50 12.86 -11.19
N GLU C 721 -49.71 13.59 -10.10
CA GLU C 721 -51.03 14.11 -9.71
C GLU C 721 -51.42 15.46 -10.34
N LEU C 722 -50.54 16.07 -11.12
CA LEU C 722 -50.78 17.41 -11.66
C LEU C 722 -51.92 17.52 -12.70
N ASP C 723 -52.24 16.41 -13.38
CA ASP C 723 -53.33 16.40 -14.38
C ASP C 723 -54.71 16.77 -13.83
N LYS C 724 -54.91 16.61 -12.51
CA LYS C 724 -56.16 17.00 -11.85
C LYS C 724 -56.42 18.52 -11.78
N LEU C 725 -55.39 19.34 -11.91
CA LEU C 725 -55.54 20.80 -11.82
C LEU C 725 -56.19 21.39 -13.06
N GLY C 726 -57.05 22.39 -12.85
CA GLY C 726 -57.69 23.13 -13.95
C GLY C 726 -56.78 24.21 -14.49
N ARG C 727 -57.13 24.73 -15.65
CA ARG C 727 -56.29 25.73 -16.34
C ARG C 727 -56.41 27.08 -15.63
N GLY C 728 -55.28 27.58 -15.12
CA GLY C 728 -55.25 28.77 -14.26
C GLY C 728 -55.08 28.44 -12.79
N GLU C 729 -55.54 27.27 -12.36
CA GLU C 729 -55.49 26.85 -10.95
C GLU C 729 -54.05 26.66 -10.47
N LYS C 730 -53.81 26.99 -9.20
CA LYS C 730 -52.49 26.92 -8.58
C LYS C 730 -52.42 25.83 -7.51
N ALA C 731 -51.23 25.29 -7.28
CA ALA C 731 -51.04 24.19 -6.32
C ALA C 731 -49.59 24.01 -5.85
N ASN C 732 -49.43 23.25 -4.76
CA ASN C 732 -48.12 22.94 -4.17
C ASN C 732 -47.61 21.60 -4.70
N VAL C 733 -46.32 21.57 -5.06
CA VAL C 733 -45.72 20.42 -5.75
C VAL C 733 -44.34 20.05 -5.16
N LEU C 734 -44.12 18.76 -4.94
CA LEU C 734 -42.81 18.21 -4.60
C LEU C 734 -42.02 18.01 -5.90
N ILE C 735 -41.35 19.07 -6.34
CA ILE C 735 -40.76 19.12 -7.68
C ILE C 735 -39.43 18.37 -7.82
N GLY C 736 -38.67 18.28 -6.73
CA GLY C 736 -37.41 17.53 -6.72
C GLY C 736 -36.44 17.99 -5.65
N GLN C 737 -35.56 17.08 -5.22
CA GLN C 737 -34.47 17.36 -4.28
C GLN C 737 -34.94 17.97 -2.94
N GLY C 738 -36.04 17.42 -2.42
CA GLY C 738 -36.60 17.88 -1.14
C GLY C 738 -37.29 19.23 -1.13
N ASP C 739 -37.22 19.99 -2.23
CA ASP C 739 -37.87 21.28 -2.33
C ASP C 739 -39.37 21.10 -2.54
N THR C 740 -40.14 22.08 -2.08
CA THR C 740 -41.58 22.14 -2.32
C THR C 740 -41.88 23.51 -2.91
N VAL C 741 -42.77 23.54 -3.91
CA VAL C 741 -42.90 24.68 -4.83
C VAL C 741 -44.37 24.94 -5.22
N LEU C 742 -44.70 26.22 -5.38
CA LEU C 742 -46.03 26.65 -5.85
C LEU C 742 -46.03 26.69 -7.39
N VAL C 743 -47.11 26.17 -7.98
CA VAL C 743 -47.19 25.98 -9.44
C VAL C 743 -48.56 26.41 -9.94
N MET C 744 -48.59 27.14 -11.06
CA MET C 744 -49.82 27.48 -11.79
C MET C 744 -49.88 26.69 -13.09
N LYS C 745 -51.07 26.26 -13.50
CA LYS C 745 -51.29 25.73 -14.84
C LYS C 745 -51.54 26.88 -15.80
N ARG C 746 -50.62 27.13 -16.72
CA ARG C 746 -50.77 28.21 -17.71
C ARG C 746 -51.89 27.89 -18.70
N LYS C 747 -52.54 28.94 -19.21
CA LYS C 747 -53.77 28.79 -20.00
C LYS C 747 -53.52 28.20 -21.39
N ARG C 748 -52.81 28.93 -22.25
CA ARG C 748 -52.49 28.45 -23.60
C ARG C 748 -51.26 27.52 -23.58
N ASP C 749 -51.26 26.56 -24.49
CA ASP C 749 -50.13 25.63 -24.67
C ASP C 749 -49.10 26.23 -25.64
N SER C 750 -48.01 25.49 -25.87
CA SER C 750 -46.92 25.94 -26.76
C SER C 750 -46.77 25.03 -27.99
N SER C 751 -46.02 25.51 -28.97
CA SER C 751 -45.72 24.76 -30.19
C SER C 751 -44.77 23.60 -29.93
N TYR F 1 13.12 32.98 -20.99
CA TYR F 1 12.15 33.64 -20.06
C TYR F 1 12.83 34.30 -18.86
N SER F 2 12.60 35.61 -18.70
CA SER F 2 13.07 36.38 -17.55
C SER F 2 11.84 36.84 -16.76
N PRO F 3 11.68 36.37 -15.50
CA PRO F 3 10.51 36.82 -14.73
C PRO F 3 10.63 38.27 -14.27
N THR F 4 9.49 38.96 -14.21
CA THR F 4 9.43 40.36 -13.76
C THR F 4 8.26 40.54 -12.79
N 2RX F 5 8.35 41.61 -11.99
C 2RX F 5 7.14 43.47 -10.95
O 2RX F 5 8.12 44.20 -11.07
CA 2RX F 5 7.29 41.97 -11.06
CB 2RX F 5 7.65 41.43 -9.68
OG 2RX F 5 6.73 41.90 -8.68
P40 2RX F 5 5.88 40.91 -7.75
S41 2RX F 5 4.52 41.83 -6.72
O42 2RX F 5 6.85 40.23 -6.80
O43 2RX F 5 5.22 39.93 -8.69
N PRO F 6 5.90 43.96 -10.71
CA PRO F 6 5.74 45.37 -10.33
C PRO F 6 6.28 45.64 -8.92
N SER F 7 7.49 46.20 -8.84
CA SER F 7 8.17 46.44 -7.56
C SER F 7 9.23 47.54 -7.67
N PRO G 6 14.10 52.33 -5.46
CA PRO G 6 15.03 52.60 -4.35
C PRO G 6 16.46 52.92 -4.81
N SER G 7 17.33 53.22 -3.85
CA SER G 7 18.73 53.62 -4.11
C SER G 7 19.71 52.44 -4.09
N TYR G 8 19.57 51.55 -3.10
CA TYR G 8 20.50 50.42 -2.91
C TYR G 8 19.81 49.18 -2.34
N SER G 9 20.59 48.09 -2.25
CA SER G 9 20.13 46.81 -1.68
C SER G 9 20.74 46.60 -0.30
N PRO G 10 19.90 46.51 0.75
CA PRO G 10 20.46 46.22 2.08
C PRO G 10 21.03 44.80 2.23
N THR G 11 20.60 43.87 1.37
CA THR G 11 20.98 42.46 1.43
C THR G 11 22.23 42.13 0.58
N 2RX G 12 22.30 42.71 -0.62
C 2RX G 12 23.92 43.96 -1.92
O 2RX G 12 23.72 44.36 -3.07
CA 2RX G 12 23.48 42.58 -1.49
CB 2RX G 12 23.19 41.65 -2.67
OG 2RX G 12 21.93 41.96 -3.24
P40 2RX G 12 20.68 40.95 -3.40
S41 2RX G 12 19.20 42.04 -4.05
O42 2RX G 12 20.35 40.34 -2.07
O43 2RX G 12 21.02 39.83 -4.39
N PRO G 13 24.52 44.74 -0.98
CA PRO G 13 24.89 46.12 -1.28
C PRO G 13 26.10 46.22 -2.19
N SER G 14 26.05 47.17 -3.13
CA SER G 14 27.19 47.45 -4.00
C SER G 14 28.23 48.20 -3.18
N TYR G 15 29.28 47.49 -2.76
CA TYR G 15 30.40 48.08 -2.03
C TYR G 15 31.69 47.82 -2.81
P PO4 H . 17.68 54.54 11.97
O1 PO4 H . 17.07 53.35 11.25
O2 PO4 H . 19.13 54.65 11.55
O3 PO4 H . 16.92 55.78 11.58
O4 PO4 H . 17.59 54.33 13.46
P PO4 I . 8.85 33.10 19.84
O1 PO4 I . 9.10 33.12 18.34
O2 PO4 I . 10.15 33.10 20.62
O3 PO4 I . 8.09 31.84 20.20
O4 PO4 I . 8.00 34.29 20.19
P PO4 J . 26.39 43.23 30.14
O1 PO4 J . 27.71 42.52 29.98
O2 PO4 J . 26.20 44.24 29.03
O3 PO4 J . 26.35 43.95 31.47
O4 PO4 J . 25.26 42.23 30.09
ZN ZN K . 25.70 17.95 -7.87
P PO4 L . -10.30 13.23 18.44
O1 PO4 L . -11.03 12.67 17.24
O2 PO4 L . -9.83 12.10 19.34
O3 PO4 L . -9.09 14.00 17.96
O4 PO4 L . -11.20 14.18 19.18
P PO4 M . 32.59 14.24 3.30
O1 PO4 M . 33.69 14.23 2.27
O2 PO4 M . 32.09 12.83 3.53
O3 PO4 M . 33.15 14.78 4.61
O4 PO4 M . 31.48 15.13 2.81
P PO4 N . -3.50 1.07 -4.73
O1 PO4 N . -2.83 0.59 -6.01
O2 PO4 N . -2.77 0.44 -3.57
O3 PO4 N . -3.43 2.57 -4.62
O4 PO4 N . -4.95 0.64 -4.70
P PO4 O . 15.41 5.46 -23.93
O1 PO4 O . 15.51 4.01 -24.37
O2 PO4 O . 16.41 6.29 -24.72
O3 PO4 O . 15.72 5.59 -22.45
O4 PO4 O . 14.01 5.94 -24.22
P PO4 P . 14.39 16.55 -2.38
O1 PO4 P . 14.91 15.32 -3.08
O2 PO4 P . 14.86 16.61 -0.94
O3 PO4 P . 14.90 17.78 -3.07
O4 PO4 P . 12.88 16.52 -2.45
P PO4 Q . -8.08 0.54 15.46
O1 PO4 Q . -7.34 -0.36 14.50
O2 PO4 Q . -8.54 -0.27 16.66
O3 PO4 Q . -7.18 1.67 15.93
O4 PO4 Q . -9.27 1.11 14.74
P PO4 R . 2.50 1.19 -12.69
O1 PO4 R . 3.14 -0.16 -12.93
O2 PO4 R . 3.34 2.28 -13.31
O3 PO4 R . 2.33 1.43 -11.20
O4 PO4 R . 1.14 1.21 -13.34
P PO4 S . -5.03 -3.12 -4.47
O1 PO4 S . -3.89 -3.93 -3.90
O2 PO4 S . -6.03 -4.02 -5.13
O3 PO4 S . -5.73 -2.36 -3.37
O4 PO4 S . -4.50 -2.16 -5.52
P PO4 T . -23.48 -8.74 -29.62
O1 PO4 T . -23.19 -9.68 -30.76
O2 PO4 T . -23.89 -7.38 -30.14
O3 PO4 T . -22.25 -8.59 -28.76
O4 PO4 T . -24.61 -9.32 -28.78
P PO4 U . 33.81 6.92 12.05
O1 PO4 U . 33.45 5.90 10.98
O2 PO4 U . 35.08 6.49 12.73
O3 PO4 U . 34.03 8.29 11.43
O4 PO4 U . 32.68 7.02 13.06
P PO4 V . -13.76 21.77 -10.31
O1 PO4 V . -13.21 20.39 -10.04
O2 PO4 V . -15.24 21.67 -10.58
O3 PO4 V . -13.10 22.40 -11.51
O4 PO4 V . -13.54 22.63 -9.09
P PO4 W . 19.91 -28.57 -4.66
O1 PO4 W . 19.32 -28.99 -5.98
O2 PO4 W . 19.59 -29.59 -3.59
O3 PO4 W . 19.29 -27.25 -4.24
O4 PO4 W . 21.40 -28.42 -4.79
#